data_1A57
#
_entry.id   1A57
#
_cell.length_a   1.000
_cell.length_b   1.000
_cell.length_c   1.000
_cell.angle_alpha   90.00
_cell.angle_beta   90.00
_cell.angle_gamma   90.00
#
_symmetry.space_group_name_H-M   'P 1'
#
_entity_poly.entity_id   1
_entity_poly.type   'polypeptide(L)'
_entity_poly.pdbx_seq_one_letter_code
;AFDGTWKVDRNENYSGAHDNLKLTITQEGNKFTVKESSNFRNIDVVFELGVDFAYSLADGTELTGTWTMEGNKLVGKFKR
VDNGKELIAVREISGNELIQTYTYEGVEAKRIFKKE
;
_entity_poly.pdbx_strand_id   A
#
# COMPACT_ATOMS: atom_id res chain seq x y z
N ALA A 1 -1.17 12.56 8.74
CA ALA A 1 -0.33 11.78 7.86
C ALA A 1 -0.34 10.31 8.33
N PHE A 2 -0.99 9.52 7.47
CA PHE A 2 -1.10 8.09 7.77
C PHE A 2 -1.89 8.06 9.09
N ASP A 3 -3.05 8.77 9.05
CA ASP A 3 -3.82 8.76 10.26
C ASP A 3 -5.32 8.88 10.04
N GLY A 4 -5.88 7.87 9.35
CA GLY A 4 -7.34 7.98 9.16
C GLY A 4 -7.66 7.36 7.81
N THR A 5 -8.97 7.29 7.47
CA THR A 5 -9.27 6.69 6.18
C THR A 5 -8.85 7.66 5.06
N TRP A 6 -8.83 7.16 3.83
CA TRP A 6 -8.49 7.82 2.63
C TRP A 6 -9.31 7.33 1.42
N LYS A 7 -9.57 8.25 0.51
CA LYS A 7 -10.24 7.96 -0.72
C LYS A 7 -11.68 7.40 -0.64
N VAL A 8 -12.04 7.22 -1.90
CA VAL A 8 -13.26 6.62 -2.37
C VAL A 8 -14.50 6.73 -1.56
N ASP A 9 -15.56 7.08 -2.34
CA ASP A 9 -16.89 7.26 -1.82
C ASP A 9 -17.85 7.53 -3.00
N ARG A 10 -18.25 6.44 -3.65
CA ARG A 10 -19.15 6.57 -4.78
C ARG A 10 -20.62 6.50 -4.34
N ASN A 11 -21.19 7.70 -4.07
CA ASN A 11 -22.57 7.81 -3.65
C ASN A 11 -22.80 6.90 -2.44
N GLU A 12 -24.06 6.57 -2.17
CA GLU A 12 -24.33 5.71 -1.05
C GLU A 12 -23.69 4.33 -1.29
N ASN A 13 -23.75 3.99 -2.61
CA ASN A 13 -23.19 2.71 -3.06
C ASN A 13 -24.16 1.61 -2.68
N TYR A 14 -24.31 0.75 -3.69
CA TYR A 14 -25.20 -0.40 -3.56
C TYR A 14 -24.35 -1.64 -3.27
N SER A 15 -24.97 -2.79 -3.63
CA SER A 15 -24.19 -3.99 -3.37
C SER A 15 -23.25 -4.29 -4.51
N GLY A 16 -22.87 -5.56 -4.55
CA GLY A 16 -21.97 -5.97 -5.62
C GLY A 16 -20.51 -6.16 -5.16
N ALA A 17 -19.99 -5.04 -4.62
CA ALA A 17 -18.63 -5.02 -4.14
C ALA A 17 -17.73 -5.06 -5.37
N HIS A 18 -17.43 -3.90 -5.98
CA HIS A 18 -16.59 -3.85 -7.17
C HIS A 18 -15.45 -2.81 -7.02
N ASP A 19 -14.26 -3.30 -7.36
CA ASP A 19 -13.01 -2.55 -7.31
C ASP A 19 -13.08 -1.29 -6.44
N ASN A 20 -13.37 -1.61 -5.15
CA ASN A 20 -13.50 -0.56 -4.15
C ASN A 20 -12.20 -0.43 -3.30
N LEU A 21 -11.48 0.56 -3.83
CA LEU A 21 -10.21 0.88 -3.20
C LEU A 21 -10.62 1.76 -1.99
N LYS A 22 -9.55 2.26 -1.39
CA LYS A 22 -9.63 3.13 -0.23
C LYS A 22 -8.30 2.85 0.56
N LEU A 23 -7.82 3.96 1.09
CA LEU A 23 -6.59 3.83 1.86
C LEU A 23 -7.13 4.11 3.30
N THR A 24 -6.32 3.79 4.29
CA THR A 24 -6.56 3.93 5.71
C THR A 24 -5.35 3.31 6.44
N ILE A 25 -4.66 4.27 7.02
CA ILE A 25 -3.47 3.96 7.77
C ILE A 25 -3.50 4.69 9.10
N THR A 26 -3.05 4.02 10.15
CA THR A 26 -3.11 4.79 11.37
C THR A 26 -2.13 4.15 12.38
N GLN A 27 -0.89 4.58 12.10
CA GLN A 27 0.15 4.07 12.96
C GLN A 27 -0.23 4.23 14.44
N GLU A 28 0.32 3.30 15.25
CA GLU A 28 -0.03 3.41 16.67
C GLU A 28 1.16 2.84 17.45
N GLY A 29 2.35 3.41 17.19
CA GLY A 29 3.41 2.78 17.98
C GLY A 29 3.71 1.51 17.16
N ASN A 30 4.62 1.80 16.22
CA ASN A 30 5.16 0.88 15.27
C ASN A 30 4.06 -0.13 14.87
N LYS A 31 2.95 0.40 14.42
CA LYS A 31 1.98 -0.65 14.06
C LYS A 31 1.21 0.17 13.00
N PHE A 32 1.64 0.14 11.75
CA PHE A 32 0.86 0.94 10.82
C PHE A 32 0.45 -0.17 9.82
N THR A 33 -0.85 -0.04 9.64
CA THR A 33 -1.38 -1.05 8.70
C THR A 33 -1.74 -0.14 7.56
N VAL A 34 -1.78 -0.71 6.37
CA VAL A 34 -2.13 0.17 5.25
C VAL A 34 -3.27 -0.54 4.56
N LYS A 35 -4.11 0.43 4.15
CA LYS A 35 -5.30 0.06 3.45
C LYS A 35 -5.16 0.05 1.95
N GLU A 36 -4.49 -1.10 1.59
CA GLU A 36 -4.19 -1.39 0.24
C GLU A 36 -5.42 -2.13 -0.37
N SER A 37 -6.55 -1.42 -0.39
CA SER A 37 -7.69 -2.17 -0.98
C SER A 37 -7.52 -2.25 -2.48
N SER A 38 -7.42 -3.48 -3.04
CA SER A 38 -7.26 -3.48 -4.49
C SER A 38 -8.07 -4.52 -5.21
N ASN A 39 -7.48 -5.12 -6.27
CA ASN A 39 -8.14 -6.15 -7.06
C ASN A 39 -7.73 -7.55 -6.59
N PHE A 40 -7.62 -7.56 -5.27
CA PHE A 40 -7.23 -8.80 -4.62
C PHE A 40 -7.87 -8.74 -3.19
N ARG A 41 -9.19 -8.51 -3.27
CA ARG A 41 -10.00 -8.39 -2.08
C ARG A 41 -9.66 -7.13 -1.32
N ASN A 42 -10.00 -6.99 -0.04
CA ASN A 42 -9.57 -5.70 0.51
C ASN A 42 -8.03 -5.89 0.66
N ILE A 43 -7.83 -6.78 1.63
CA ILE A 43 -6.45 -7.13 1.97
C ILE A 43 -5.79 -5.91 2.56
N ASP A 44 -5.09 -6.25 3.67
CA ASP A 44 -4.34 -5.29 4.45
C ASP A 44 -2.89 -5.76 4.56
N VAL A 45 -2.09 -4.80 4.99
CA VAL A 45 -0.70 -5.21 5.12
C VAL A 45 -0.39 -4.80 6.57
N VAL A 46 -0.41 -5.82 7.45
CA VAL A 46 -0.12 -5.42 8.83
C VAL A 46 1.21 -5.95 9.32
N PHE A 47 1.68 -5.17 10.30
CA PHE A 47 2.95 -5.56 10.85
C PHE A 47 3.49 -4.49 11.77
N GLU A 48 4.73 -4.60 12.27
CA GLU A 48 5.15 -3.54 13.13
C GLU A 48 6.35 -2.70 12.58
N LEU A 49 5.90 -1.80 11.73
CA LEU A 49 6.76 -0.84 11.03
C LEU A 49 7.94 -1.56 10.42
N GLY A 50 9.12 -1.21 10.91
CA GLY A 50 10.38 -1.80 10.41
C GLY A 50 10.38 -3.24 10.93
N VAL A 51 9.57 -4.02 10.25
CA VAL A 51 9.32 -5.41 10.45
C VAL A 51 9.46 -6.19 9.15
N ASP A 52 10.69 -6.75 9.05
CA ASP A 52 10.93 -7.51 7.82
C ASP A 52 10.18 -8.87 7.86
N PHE A 53 9.97 -9.37 6.60
CA PHE A 53 9.28 -10.62 6.55
C PHE A 53 8.89 -11.09 5.16
N ALA A 54 8.64 -12.38 5.03
CA ALA A 54 8.24 -12.96 3.74
C ALA A 54 6.72 -13.20 3.97
N TYR A 55 5.90 -12.26 3.51
CA TYR A 55 4.48 -12.48 3.73
C TYR A 55 3.64 -12.51 2.45
N SER A 56 2.87 -13.61 2.40
CA SER A 56 2.05 -13.67 1.19
C SER A 56 0.98 -12.56 1.28
N LEU A 57 0.33 -12.34 0.15
CA LEU A 57 -0.70 -11.30 0.13
C LEU A 57 -1.91 -11.69 -0.69
N ALA A 58 -1.66 -12.30 -1.84
CA ALA A 58 -2.77 -12.71 -2.69
C ALA A 58 -2.78 -14.19 -3.04
N ASP A 59 -2.55 -15.07 -2.04
CA ASP A 59 -2.54 -16.52 -2.29
C ASP A 59 -1.81 -16.95 -3.55
N GLY A 60 -0.82 -16.09 -3.89
CA GLY A 60 -0.02 -16.35 -5.08
C GLY A 60 0.96 -15.17 -5.24
N THR A 61 1.46 -14.80 -4.09
CA THR A 61 2.42 -13.71 -3.95
C THR A 61 3.55 -14.04 -2.99
N GLU A 62 4.52 -13.12 -2.84
CA GLU A 62 5.59 -13.51 -1.89
C GLU A 62 6.29 -12.21 -1.51
N LEU A 63 5.37 -11.22 -1.39
CA LEU A 63 5.85 -9.91 -1.03
C LEU A 63 6.67 -10.00 0.27
N THR A 64 7.98 -10.02 -0.01
CA THR A 64 9.00 -10.10 0.99
C THR A 64 9.69 -8.73 1.09
N GLY A 65 9.38 -8.08 2.21
CA GLY A 65 10.05 -6.77 2.26
C GLY A 65 10.02 -6.30 3.71
N THR A 66 10.23 -4.99 3.76
CA THR A 66 10.26 -4.23 5.01
C THR A 66 9.91 -2.78 4.91
N TRP A 67 8.65 -2.40 5.24
CA TRP A 67 8.33 -0.95 5.14
C TRP A 67 8.88 -0.35 6.46
N THR A 68 9.67 0.68 6.17
CA THR A 68 10.30 1.42 7.22
C THR A 68 9.88 2.89 7.18
N MET A 69 8.61 2.99 7.51
CA MET A 69 7.85 4.24 7.59
C MET A 69 8.81 5.21 8.30
N GLU A 70 9.09 6.24 7.48
CA GLU A 70 9.98 7.29 7.98
C GLU A 70 9.28 8.62 8.01
N GLY A 71 8.19 8.62 8.79
CA GLY A 71 7.44 9.84 8.90
C GLY A 71 6.52 10.01 7.68
N ASN A 72 7.15 10.58 6.67
CA ASN A 72 6.45 10.83 5.43
C ASN A 72 6.99 10.06 4.24
N LYS A 73 7.67 8.93 4.54
CA LYS A 73 8.19 8.17 3.38
C LYS A 73 7.66 6.74 3.42
N LEU A 74 8.14 5.86 2.55
CA LEU A 74 7.61 4.52 2.60
C LEU A 74 8.50 3.47 2.00
N VAL A 75 9.79 3.82 2.33
CA VAL A 75 10.92 3.04 1.91
C VAL A 75 10.94 1.60 2.45
N GLY A 76 11.29 0.76 1.48
CA GLY A 76 11.37 -0.69 1.75
C GLY A 76 11.24 -1.35 0.38
N LYS A 77 10.90 -2.67 0.45
CA LYS A 77 10.78 -3.30 -0.84
C LYS A 77 10.26 -4.72 -0.74
N PHE A 78 9.13 -4.86 -1.46
CA PHE A 78 8.48 -6.16 -1.50
C PHE A 78 8.42 -6.45 -3.00
N LYS A 79 8.56 -7.78 -3.12
CA LYS A 79 8.57 -8.44 -4.38
C LYS A 79 7.82 -9.76 -4.48
N ARG A 80 7.35 -10.06 -5.70
CA ARG A 80 6.65 -11.32 -5.85
C ARG A 80 7.49 -12.26 -6.76
N VAL A 81 8.66 -12.53 -6.19
CA VAL A 81 9.71 -13.34 -6.69
C VAL A 81 9.34 -14.30 -7.83
N ASP A 82 8.19 -14.91 -7.59
CA ASP A 82 7.62 -15.86 -8.49
C ASP A 82 7.19 -15.28 -9.82
N ASN A 83 7.30 -13.94 -10.02
CA ASN A 83 6.85 -13.48 -11.30
C ASN A 83 6.73 -11.97 -11.42
N GLY A 84 6.42 -11.35 -10.26
CA GLY A 84 6.29 -9.92 -10.41
C GLY A 84 7.74 -9.40 -10.17
N LYS A 85 8.40 -10.20 -9.33
CA LYS A 85 9.76 -10.00 -8.94
C LYS A 85 10.19 -8.65 -8.45
N GLU A 86 9.17 -7.84 -8.07
CA GLU A 86 9.45 -6.54 -7.57
C GLU A 86 8.15 -5.66 -7.67
N LEU A 87 7.76 -5.33 -6.47
CA LEU A 87 6.58 -4.51 -6.31
C LEU A 87 6.62 -3.68 -5.06
N ILE A 88 7.69 -2.91 -5.11
CA ILE A 88 7.99 -1.98 -4.03
C ILE A 88 6.87 -0.93 -4.08
N ALA A 89 7.03 0.02 -3.18
CA ALA A 89 6.12 1.13 -3.01
C ALA A 89 6.95 2.28 -2.50
N VAL A 90 7.85 2.63 -3.39
CA VAL A 90 8.73 3.72 -3.06
C VAL A 90 7.86 4.97 -3.01
N ARG A 91 7.74 5.48 -1.75
CA ARG A 91 6.90 6.65 -1.76
C ARG A 91 6.82 7.43 -0.47
N GLU A 92 6.45 8.71 -0.68
CA GLU A 92 6.32 9.58 0.46
C GLU A 92 5.03 10.37 0.20
N ILE A 93 4.44 10.64 1.38
CA ILE A 93 3.20 11.40 1.35
C ILE A 93 3.43 12.72 0.60
N SER A 94 3.08 12.69 -0.68
CA SER A 94 3.26 13.89 -1.50
C SER A 94 2.95 15.17 -0.77
N GLY A 95 1.71 15.26 -0.26
CA GLY A 95 1.42 16.49 0.45
C GLY A 95 -0.13 16.58 0.39
N ASN A 96 -0.63 16.13 1.55
CA ASN A 96 -2.03 16.05 1.87
C ASN A 96 -2.64 14.80 1.20
N GLU A 97 -1.73 13.94 0.78
CA GLU A 97 -2.05 12.69 0.15
C GLU A 97 -0.72 12.01 -0.33
N LEU A 98 -1.01 10.76 -0.71
CA LEU A 98 -0.08 9.80 -1.23
C LEU A 98 -0.51 9.32 -2.62
N ILE A 99 0.56 8.81 -3.28
CA ILE A 99 0.52 8.27 -4.60
C ILE A 99 0.74 6.75 -4.38
N GLN A 100 2.01 6.36 -4.39
CA GLN A 100 2.47 4.99 -4.21
C GLN A 100 3.03 4.55 -5.57
N THR A 101 4.33 4.86 -5.59
CA THR A 101 5.12 4.57 -6.74
C THR A 101 5.70 3.17 -6.69
N TYR A 102 4.85 2.37 -7.32
CA TYR A 102 5.33 0.98 -7.33
C TYR A 102 6.53 0.94 -8.27
N THR A 103 7.69 0.67 -7.60
CA THR A 103 8.97 0.58 -8.30
C THR A 103 9.01 -0.89 -8.70
N TYR A 104 9.00 -0.99 -10.05
CA TYR A 104 9.04 -2.32 -10.66
C TYR A 104 10.06 -2.46 -11.76
N GLU A 105 11.01 -3.37 -11.51
CA GLU A 105 12.10 -3.69 -12.40
C GLU A 105 12.69 -2.55 -13.21
N GLY A 106 12.67 -1.32 -12.65
CA GLY A 106 13.23 -0.23 -13.41
C GLY A 106 12.25 0.88 -13.70
N VAL A 107 10.94 0.57 -13.61
CA VAL A 107 9.87 1.51 -13.86
C VAL A 107 9.31 2.18 -12.65
N GLU A 108 8.59 3.32 -12.84
CA GLU A 108 8.04 4.00 -11.66
C GLU A 108 6.52 4.11 -11.92
N ALA A 109 5.81 3.01 -11.57
CA ALA A 109 4.40 3.08 -11.80
C ALA A 109 3.69 3.67 -10.56
N LYS A 110 3.35 4.92 -10.83
CA LYS A 110 2.66 5.58 -9.75
C LYS A 110 1.17 5.54 -9.96
N ARG A 111 0.52 5.21 -8.86
CA ARG A 111 -0.96 5.13 -8.94
C ARG A 111 -1.33 6.52 -8.33
N ILE A 112 -2.37 7.12 -8.95
CA ILE A 112 -2.77 8.41 -8.45
C ILE A 112 -4.14 8.41 -7.80
N PHE A 113 -3.97 8.50 -6.48
CA PHE A 113 -5.13 8.54 -5.63
C PHE A 113 -4.81 9.61 -4.57
N LYS A 114 -5.48 9.48 -3.44
CA LYS A 114 -5.26 10.43 -2.38
C LYS A 114 -5.94 9.95 -1.07
N LYS A 115 -6.54 10.93 -0.42
CA LYS A 115 -7.27 10.82 0.84
C LYS A 115 -8.56 11.60 0.74
N GLU A 116 -9.42 11.33 1.73
CA GLU A 116 -10.72 11.93 1.89
C GLU A 116 -10.62 12.86 3.15
N ALA A 1 -1.84 13.09 6.52
CA ALA A 1 -2.53 12.60 7.69
C ALA A 1 -2.55 11.06 7.69
N PHE A 2 -1.51 10.53 8.35
CA PHE A 2 -1.45 9.07 8.40
C PHE A 2 -2.17 8.60 9.68
N ASP A 3 -3.51 8.74 9.63
CA ASP A 3 -4.24 8.32 10.80
C ASP A 3 -5.74 8.26 10.63
N GLY A 4 -6.18 8.00 9.39
CA GLY A 4 -7.66 7.97 9.35
C GLY A 4 -7.96 7.24 8.06
N THR A 5 -9.08 7.63 7.44
CA THR A 5 -9.33 6.89 6.17
C THR A 5 -8.79 7.81 5.09
N TRP A 6 -8.62 7.29 3.87
CA TRP A 6 -8.12 8.01 2.74
C TRP A 6 -8.83 7.64 1.45
N LYS A 7 -8.64 8.36 0.34
CA LYS A 7 -9.28 8.00 -0.88
C LYS A 7 -10.80 7.77 -0.86
N VAL A 8 -11.12 7.48 -2.11
CA VAL A 8 -12.42 7.08 -2.60
C VAL A 8 -13.65 7.44 -1.85
N ASP A 9 -14.64 7.65 -2.76
CA ASP A 9 -15.99 8.03 -2.34
C ASP A 9 -16.78 6.70 -2.54
N ARG A 10 -17.89 6.76 -3.29
CA ARG A 10 -18.71 5.60 -3.56
C ARG A 10 -18.80 4.58 -2.44
N ASN A 11 -19.64 4.92 -1.46
CA ASN A 11 -19.77 3.98 -0.34
C ASN A 11 -20.36 2.64 -0.80
N GLU A 12 -20.42 1.66 0.11
CA GLU A 12 -20.97 0.36 -0.23
C GLU A 12 -22.43 0.44 -0.67
N ASN A 13 -22.61 0.85 -1.94
CA ASN A 13 -23.93 0.97 -2.53
C ASN A 13 -23.78 0.79 -4.05
N TYR A 14 -23.01 -0.25 -4.35
CA TYR A 14 -22.73 -0.61 -5.74
C TYR A 14 -22.73 -2.14 -5.83
N SER A 15 -23.79 -2.63 -6.50
CA SER A 15 -23.84 -4.08 -6.62
C SER A 15 -23.09 -4.50 -7.87
N GLY A 16 -22.29 -5.56 -7.71
CA GLY A 16 -21.57 -5.96 -8.90
C GLY A 16 -20.49 -4.97 -9.33
N ALA A 17 -20.01 -4.26 -8.28
CA ALA A 17 -18.98 -3.27 -8.55
C ALA A 17 -17.64 -3.97 -8.65
N HIS A 18 -17.00 -3.88 -9.83
CA HIS A 18 -15.70 -4.53 -10.00
C HIS A 18 -14.53 -3.56 -9.92
N ASP A 19 -14.65 -2.54 -9.04
CA ASP A 19 -13.57 -1.56 -8.88
C ASP A 19 -13.81 -0.67 -7.66
N ASN A 20 -12.94 -0.95 -6.65
CA ASN A 20 -12.97 -0.24 -5.39
C ASN A 20 -11.65 -0.49 -4.61
N LEU A 21 -11.18 0.65 -4.08
CA LEU A 21 -9.97 0.72 -3.29
C LEU A 21 -10.31 1.81 -2.24
N LYS A 22 -9.26 2.12 -1.50
CA LYS A 22 -9.22 3.09 -0.43
C LYS A 22 -7.81 2.88 0.21
N LEU A 23 -7.61 3.93 0.99
CA LEU A 23 -6.36 3.98 1.75
C LEU A 23 -6.99 4.35 3.12
N THR A 24 -6.39 3.99 4.21
CA THR A 24 -6.99 4.32 5.52
C THR A 24 -6.04 3.70 6.54
N ILE A 25 -4.92 4.37 6.57
CA ILE A 25 -3.95 3.86 7.52
C ILE A 25 -4.23 4.47 8.90
N THR A 26 -3.76 3.80 9.93
CA THR A 26 -4.03 4.39 11.22
C THR A 26 -3.23 3.53 12.22
N GLN A 27 -1.95 3.89 12.12
CA GLN A 27 -1.00 3.21 12.99
C GLN A 27 -1.51 3.10 14.42
N GLU A 28 -1.15 1.95 15.05
CA GLU A 28 -1.58 1.71 16.46
C GLU A 28 -0.30 1.94 17.26
N GLY A 29 0.81 2.12 16.53
CA GLY A 29 2.03 2.35 17.30
C GLY A 29 2.96 1.19 16.85
N ASN A 30 3.24 1.32 15.53
CA ASN A 30 4.05 0.45 14.76
C ASN A 30 3.20 -0.44 13.83
N LYS A 31 1.95 -0.59 14.16
CA LYS A 31 1.19 -1.46 13.26
C LYS A 31 0.79 -0.52 12.14
N PHE A 32 1.65 -0.31 11.17
CA PHE A 32 1.15 0.59 10.16
C PHE A 32 0.53 -0.49 9.24
N THR A 33 -0.71 -0.16 8.97
CA THR A 33 -1.38 -1.16 8.10
C THR A 33 -1.98 -0.18 7.10
N VAL A 34 -1.45 -0.33 5.92
CA VAL A 34 -2.05 0.64 4.97
C VAL A 34 -3.27 -0.07 4.50
N LYS A 35 -4.22 0.79 4.08
CA LYS A 35 -5.46 0.29 3.60
C LYS A 35 -5.58 -0.04 2.12
N GLU A 36 -4.33 -0.13 1.57
CA GLU A 36 -4.08 -0.44 0.20
C GLU A 36 -5.01 -1.62 -0.22
N SER A 37 -6.19 -1.27 -0.73
CA SER A 37 -7.10 -2.34 -1.11
C SER A 37 -7.10 -2.61 -2.59
N SER A 38 -7.20 -3.93 -2.88
CA SER A 38 -7.21 -4.24 -4.30
C SER A 38 -8.51 -4.88 -4.69
N ASN A 39 -8.49 -5.72 -5.74
CA ASN A 39 -9.72 -6.38 -6.18
C ASN A 39 -9.58 -7.86 -5.85
N PHE A 40 -8.79 -7.99 -4.76
CA PHE A 40 -8.55 -9.34 -4.30
C PHE A 40 -9.27 -9.59 -2.96
N ARG A 41 -8.68 -9.08 -1.88
CA ARG A 41 -9.19 -9.21 -0.56
C ARG A 41 -9.04 -7.93 0.24
N ASN A 42 -8.65 -6.84 -0.42
CA ASN A 42 -8.49 -5.62 0.33
C ASN A 42 -7.19 -5.81 1.12
N ILE A 43 -6.49 -6.79 0.55
CA ILE A 43 -5.20 -7.22 1.04
C ILE A 43 -4.42 -6.04 1.57
N ASP A 44 -4.48 -6.02 2.93
CA ASP A 44 -3.84 -5.01 3.73
C ASP A 44 -2.41 -5.51 3.95
N VAL A 45 -1.56 -4.49 3.97
CA VAL A 45 -0.17 -4.85 4.19
C VAL A 45 0.00 -4.56 5.69
N VAL A 46 0.52 -5.56 6.43
CA VAL A 46 0.66 -5.28 7.84
C VAL A 46 1.98 -5.80 8.41
N PHE A 47 2.26 -5.16 9.54
CA PHE A 47 3.47 -5.57 10.16
C PHE A 47 3.84 -4.63 11.32
N GLU A 48 5.05 -4.73 11.86
CA GLU A 48 5.32 -3.83 12.92
C GLU A 48 6.58 -2.99 12.60
N LEU A 49 6.30 -2.04 11.74
CA LEU A 49 7.23 -1.05 11.22
C LEU A 49 8.61 -1.56 10.92
N GLY A 50 9.43 -1.67 11.95
CA GLY A 50 10.78 -2.14 11.75
C GLY A 50 10.69 -3.68 11.74
N VAL A 51 10.13 -4.15 10.63
CA VAL A 51 9.97 -5.58 10.47
C VAL A 51 10.06 -6.12 9.06
N ASP A 52 11.19 -6.85 8.86
CA ASP A 52 11.36 -7.42 7.52
C ASP A 52 10.66 -8.81 7.56
N PHE A 53 10.42 -9.30 6.31
CA PHE A 53 9.77 -10.57 6.34
C PHE A 53 9.44 -11.13 4.98
N ALA A 54 9.09 -12.41 4.94
CA ALA A 54 8.73 -13.08 3.67
C ALA A 54 7.22 -13.37 3.93
N TYR A 55 6.43 -12.35 3.64
CA TYR A 55 5.00 -12.56 3.87
C TYR A 55 4.23 -13.03 2.65
N SER A 56 3.19 -13.80 3.02
CA SER A 56 2.36 -14.31 1.93
C SER A 56 1.01 -13.55 2.05
N LEU A 57 0.95 -12.39 1.40
CA LEU A 57 -0.28 -11.58 1.44
C LEU A 57 -1.47 -12.30 0.83
N ALA A 58 -1.54 -12.39 -0.49
CA ALA A 58 -2.65 -13.07 -1.12
C ALA A 58 -2.36 -14.57 -1.17
N ASP A 59 -2.69 -15.26 -2.30
CA ASP A 59 -2.43 -16.69 -2.40
C ASP A 59 -1.32 -16.99 -3.38
N GLY A 60 -0.71 -15.87 -3.83
CA GLY A 60 0.39 -15.96 -4.78
C GLY A 60 1.06 -14.57 -4.85
N THR A 61 1.66 -14.21 -3.70
CA THR A 61 2.35 -12.96 -3.51
C THR A 61 3.80 -13.15 -3.08
N GLU A 62 3.99 -13.49 -1.80
CA GLU A 62 5.33 -13.69 -1.31
C GLU A 62 6.10 -12.37 -1.37
N LEU A 63 5.29 -11.30 -1.15
CA LEU A 63 5.82 -9.99 -1.16
C LEU A 63 6.67 -9.79 0.11
N THR A 64 7.93 -10.26 -0.05
CA THR A 64 8.95 -10.24 0.95
C THR A 64 9.35 -8.75 1.03
N GLY A 65 9.08 -8.19 2.20
CA GLY A 65 9.48 -6.77 2.19
C GLY A 65 9.87 -6.37 3.62
N THR A 66 9.70 -5.05 3.76
CA THR A 66 10.05 -4.37 5.01
C THR A 66 9.76 -2.90 4.90
N TRP A 67 9.06 -2.24 5.82
CA TRP A 67 8.79 -0.80 5.55
C TRP A 67 8.94 -0.08 6.88
N THR A 68 10.00 0.72 6.79
CA THR A 68 10.51 1.59 7.82
C THR A 68 10.06 3.06 7.76
N MET A 69 8.74 3.09 7.75
CA MET A 69 7.97 4.32 7.70
C MET A 69 8.70 5.28 8.62
N GLU A 70 9.35 6.23 7.96
CA GLU A 70 10.11 7.24 8.68
C GLU A 70 9.67 8.60 8.13
N GLY A 71 9.08 9.35 9.06
CA GLY A 71 8.64 10.65 8.64
C GLY A 71 7.58 10.43 7.53
N ASN A 72 7.78 11.19 6.44
CA ASN A 72 6.84 11.05 5.34
C ASN A 72 7.41 10.13 4.28
N LYS A 73 7.85 8.91 4.64
CA LYS A 73 8.40 8.03 3.61
C LYS A 73 7.88 6.62 3.67
N LEU A 74 8.19 5.82 2.67
CA LEU A 74 7.70 4.46 2.68
C LEU A 74 8.59 3.50 1.93
N VAL A 75 9.88 3.70 2.27
CA VAL A 75 10.99 2.95 1.73
C VAL A 75 11.11 1.53 2.23
N GLY A 76 11.33 0.72 1.19
CA GLY A 76 11.48 -0.72 1.48
C GLY A 76 11.15 -1.38 0.11
N LYS A 77 10.75 -2.68 0.20
CA LYS A 77 10.44 -3.29 -1.07
C LYS A 77 9.83 -4.66 -1.02
N PHE A 78 8.73 -4.79 -1.80
CA PHE A 78 8.06 -6.07 -1.84
C PHE A 78 8.34 -6.53 -3.29
N LYS A 79 8.08 -7.85 -3.28
CA LYS A 79 8.25 -8.56 -4.52
C LYS A 79 7.77 -9.98 -4.58
N ARG A 80 7.29 -10.40 -5.76
CA ARG A 80 6.84 -11.78 -5.81
C ARG A 80 8.03 -12.63 -6.35
N VAL A 81 8.64 -13.34 -5.41
CA VAL A 81 9.76 -14.16 -5.78
C VAL A 81 9.32 -15.48 -6.43
N ASP A 82 8.95 -15.26 -7.68
CA ASP A 82 8.48 -16.32 -8.55
C ASP A 82 8.28 -15.75 -9.93
N ASN A 83 7.59 -14.58 -10.01
CA ASN A 83 7.39 -14.05 -11.32
C ASN A 83 6.65 -12.73 -11.42
N GLY A 84 6.32 -12.10 -10.30
CA GLY A 84 5.60 -10.84 -10.49
C GLY A 84 6.75 -9.81 -10.48
N LYS A 85 7.60 -10.09 -9.49
CA LYS A 85 8.79 -9.32 -9.21
C LYS A 85 8.54 -8.16 -8.30
N GLU A 86 9.32 -7.08 -8.26
CA GLU A 86 9.00 -6.08 -7.30
C GLU A 86 7.66 -5.35 -7.46
N LEU A 87 7.19 -5.00 -6.26
CA LEU A 87 5.96 -4.29 -6.00
C LEU A 87 6.14 -3.30 -4.87
N ILE A 88 7.38 -2.80 -4.97
CA ILE A 88 7.86 -1.81 -4.02
C ILE A 88 6.81 -0.68 -4.02
N ALA A 89 6.97 0.10 -2.94
CA ALA A 89 6.10 1.24 -2.70
C ALA A 89 7.00 2.37 -2.29
N VAL A 90 7.90 2.70 -3.22
CA VAL A 90 8.81 3.76 -2.96
C VAL A 90 7.92 5.02 -2.88
N ARG A 91 7.91 5.68 -1.69
CA ARG A 91 7.06 6.82 -1.69
C ARG A 91 7.05 7.60 -0.39
N GLU A 92 6.57 8.85 -0.64
CA GLU A 92 6.47 9.76 0.46
C GLU A 92 5.23 10.63 0.23
N ILE A 93 4.54 10.71 1.39
CA ILE A 93 3.32 11.49 1.40
C ILE A 93 3.63 12.96 1.12
N SER A 94 3.20 13.33 -0.08
CA SER A 94 3.41 14.68 -0.55
C SER A 94 2.18 15.56 -0.59
N GLY A 95 1.98 16.23 0.53
CA GLY A 95 0.80 17.12 0.62
C GLY A 95 -0.13 16.39 1.60
N ASN A 96 -1.32 16.16 0.99
CA ASN A 96 -2.33 15.48 1.77
C ASN A 96 -2.86 14.34 0.87
N GLU A 97 -1.87 13.57 0.41
CA GLU A 97 -2.10 12.44 -0.43
C GLU A 97 -0.71 11.86 -0.89
N LEU A 98 -0.75 10.52 -0.82
CA LEU A 98 0.39 9.74 -1.18
C LEU A 98 0.08 8.97 -2.50
N ILE A 99 0.97 9.34 -3.43
CA ILE A 99 0.98 8.83 -4.74
C ILE A 99 1.03 7.29 -4.67
N GLN A 100 2.25 6.76 -4.54
CA GLN A 100 2.55 5.34 -4.45
C GLN A 100 3.17 5.00 -5.83
N THR A 101 4.50 5.20 -5.70
CA THR A 101 5.35 4.95 -6.81
C THR A 101 5.98 3.57 -6.79
N TYR A 102 5.11 2.73 -7.32
CA TYR A 102 5.57 1.34 -7.35
C TYR A 102 6.77 1.29 -8.31
N THR A 103 7.89 0.82 -7.69
CA THR A 103 9.15 0.69 -8.39
C THR A 103 9.14 -0.82 -8.75
N TYR A 104 8.19 -1.00 -9.71
CA TYR A 104 7.95 -2.34 -10.24
C TYR A 104 8.73 -2.50 -11.55
N GLU A 105 9.47 -3.60 -11.66
CA GLU A 105 10.26 -3.96 -12.80
C GLU A 105 10.93 -2.83 -13.55
N GLY A 106 11.26 -1.72 -12.84
CA GLY A 106 11.89 -0.69 -13.61
C GLY A 106 10.96 0.26 -14.37
N VAL A 107 9.77 0.48 -13.80
CA VAL A 107 8.86 1.37 -14.48
C VAL A 107 8.73 2.68 -13.74
N GLU A 108 8.50 2.54 -12.42
CA GLU A 108 8.36 3.73 -11.58
C GLU A 108 6.95 4.27 -11.77
N ALA A 109 5.96 3.35 -12.03
CA ALA A 109 4.66 3.94 -12.19
C ALA A 109 4.24 4.63 -10.88
N LYS A 110 3.20 5.43 -11.01
CA LYS A 110 2.80 6.08 -9.79
C LYS A 110 1.31 6.15 -9.67
N ARG A 111 0.75 6.59 -10.79
CA ARG A 111 -0.71 6.68 -10.73
C ARG A 111 -0.98 7.83 -9.72
N ILE A 112 -2.24 7.75 -9.18
CA ILE A 112 -2.47 8.82 -8.25
C ILE A 112 -3.68 8.53 -7.32
N PHE A 113 -3.27 8.41 -6.05
CA PHE A 113 -4.18 8.16 -4.98
C PHE A 113 -4.22 9.45 -4.15
N LYS A 114 -5.12 9.41 -3.16
CA LYS A 114 -5.25 10.58 -2.34
C LYS A 114 -6.37 10.49 -1.31
N LYS A 115 -5.87 10.83 -0.11
CA LYS A 115 -6.61 10.93 1.11
C LYS A 115 -7.91 11.70 0.95
N GLU A 116 -8.70 11.58 2.04
CA GLU A 116 -9.96 12.23 2.12
C GLU A 116 -9.91 13.57 2.88
N ALA A 1 1.15 12.45 9.75
CA ALA A 1 0.33 11.95 8.69
C ALA A 1 0.11 10.43 8.85
N PHE A 2 -0.55 9.92 7.79
CA PHE A 2 -0.86 8.50 7.74
C PHE A 2 -1.65 8.17 9.05
N ASP A 3 -2.92 8.63 9.04
CA ASP A 3 -3.64 8.35 10.24
C ASP A 3 -5.14 8.13 10.10
N GLY A 4 -5.64 7.61 8.97
CA GLY A 4 -7.09 7.46 8.99
C GLY A 4 -7.41 6.69 7.70
N THR A 5 -8.59 6.87 7.13
CA THR A 5 -8.86 6.15 5.90
C THR A 5 -8.39 7.06 4.77
N TRP A 6 -8.56 6.69 3.50
CA TRP A 6 -8.18 7.38 2.33
C TRP A 6 -8.91 6.89 1.05
N LYS A 7 -9.03 7.78 0.09
CA LYS A 7 -9.60 7.53 -1.19
C LYS A 7 -11.06 7.11 -1.29
N VAL A 8 -11.31 7.02 -2.61
CA VAL A 8 -12.61 6.54 -3.01
C VAL A 8 -13.85 7.19 -2.54
N ASP A 9 -14.33 7.96 -3.57
CA ASP A 9 -15.53 8.74 -3.47
C ASP A 9 -16.27 8.45 -4.81
N ARG A 10 -17.59 8.29 -4.75
CA ARG A 10 -18.31 8.00 -5.97
C ARG A 10 -17.75 6.73 -6.61
N ASN A 11 -17.98 5.65 -5.83
CA ASN A 11 -17.55 4.33 -6.23
C ASN A 11 -17.86 4.01 -7.71
N GLU A 12 -16.84 3.39 -8.32
CA GLU A 12 -16.97 3.03 -9.71
C GLU A 12 -17.35 1.54 -9.78
N ASN A 13 -18.70 1.37 -9.85
CA ASN A 13 -19.27 0.02 -9.91
C ASN A 13 -19.77 -0.16 -11.35
N TYR A 14 -18.92 0.30 -12.26
CA TYR A 14 -19.31 0.18 -13.67
C TYR A 14 -18.19 -0.51 -14.45
N SER A 15 -17.56 -1.45 -13.72
CA SER A 15 -16.48 -2.19 -14.36
C SER A 15 -16.68 -3.65 -14.02
N GLY A 16 -15.83 -4.49 -14.62
CA GLY A 16 -15.91 -5.91 -14.37
C GLY A 16 -14.82 -6.36 -13.36
N ALA A 17 -15.02 -5.85 -12.14
CA ALA A 17 -14.07 -6.18 -11.08
C ALA A 17 -14.65 -5.70 -9.76
N HIS A 18 -15.56 -6.51 -9.21
CA HIS A 18 -16.17 -6.13 -7.94
C HIS A 18 -15.28 -6.48 -6.72
N ASP A 19 -14.63 -5.40 -6.24
CA ASP A 19 -13.76 -5.60 -5.09
C ASP A 19 -13.69 -4.38 -4.15
N ASN A 20 -13.59 -3.18 -4.80
CA ASN A 20 -13.52 -1.92 -4.06
C ASN A 20 -12.13 -1.85 -3.38
N LEU A 21 -11.85 -0.61 -3.02
CA LEU A 21 -10.58 -0.33 -2.36
C LEU A 21 -10.78 0.99 -1.58
N LYS A 22 -9.63 1.53 -1.23
CA LYS A 22 -9.41 2.73 -0.48
C LYS A 22 -8.07 2.43 0.23
N LEU A 23 -7.66 3.52 0.88
CA LEU A 23 -6.42 3.42 1.61
C LEU A 23 -6.95 3.72 3.03
N THR A 24 -6.15 3.38 4.02
CA THR A 24 -6.49 3.57 5.42
C THR A 24 -5.32 3.06 6.27
N ILE A 25 -4.48 4.01 6.63
CA ILE A 25 -3.35 3.63 7.44
C ILE A 25 -3.45 4.33 8.80
N THR A 26 -3.09 3.58 9.83
CA THR A 26 -3.17 4.22 11.10
C THR A 26 -2.37 3.37 12.10
N GLN A 27 -1.07 3.74 12.02
CA GLN A 27 -0.14 3.07 12.88
C GLN A 27 -0.71 3.00 14.31
N GLU A 28 -0.49 1.81 14.88
CA GLU A 28 -0.97 1.59 16.24
C GLU A 28 0.13 2.03 17.20
N GLY A 29 1.22 2.59 16.61
CA GLY A 29 2.24 2.99 17.58
C GLY A 29 3.53 2.55 16.83
N ASN A 30 3.45 1.22 16.59
CA ASN A 30 4.49 0.53 15.92
C ASN A 30 3.89 -0.32 14.78
N LYS A 31 2.59 -0.48 14.70
CA LYS A 31 2.11 -1.30 13.59
C LYS A 31 1.89 -0.17 12.56
N PHE A 32 1.65 -0.53 11.32
CA PHE A 32 1.46 0.60 10.38
C PHE A 32 0.86 -0.26 9.24
N THR A 33 -0.37 -0.62 9.62
CA THR A 33 -1.10 -1.43 8.65
C THR A 33 -1.42 -0.45 7.55
N VAL A 34 -1.22 -0.96 6.37
CA VAL A 34 -1.55 -0.05 5.23
C VAL A 34 -2.70 -0.79 4.63
N LYS A 35 -3.63 0.05 4.14
CA LYS A 35 -4.81 -0.45 3.53
C LYS A 35 -4.87 -0.46 2.03
N GLU A 36 -3.83 -1.21 1.54
CA GLU A 36 -3.60 -1.42 0.16
C GLU A 36 -4.65 -2.41 -0.42
N SER A 37 -5.93 -2.22 -0.13
CA SER A 37 -6.88 -3.20 -0.72
C SER A 37 -6.72 -3.17 -2.22
N SER A 38 -6.73 -4.41 -2.78
CA SER A 38 -6.58 -4.43 -4.21
C SER A 38 -6.66 -5.80 -4.84
N ASN A 39 -7.55 -5.85 -5.85
CA ASN A 39 -7.78 -7.08 -6.59
C ASN A 39 -8.44 -8.14 -5.73
N PHE A 40 -7.67 -8.57 -4.72
CA PHE A 40 -8.28 -9.58 -3.90
C PHE A 40 -8.40 -9.15 -2.44
N ARG A 41 -9.59 -8.75 -2.04
CA ARG A 41 -9.93 -8.31 -0.71
C ARG A 41 -9.22 -7.10 -0.18
N ASN A 42 -9.45 -6.80 1.10
CA ASN A 42 -8.77 -5.63 1.61
C ASN A 42 -7.40 -6.06 2.19
N ILE A 43 -7.45 -7.36 2.45
CA ILE A 43 -6.31 -8.10 2.98
C ILE A 43 -5.19 -7.19 3.34
N ASP A 44 -5.38 -6.53 4.51
CA ASP A 44 -4.42 -5.61 5.03
C ASP A 44 -3.05 -6.23 5.11
N VAL A 45 -2.07 -5.37 4.94
CA VAL A 45 -0.70 -5.86 5.00
C VAL A 45 -0.14 -5.28 6.28
N VAL A 46 -0.14 -6.10 7.34
CA VAL A 46 0.39 -5.51 8.54
C VAL A 46 1.77 -5.99 8.97
N PHE A 47 2.27 -5.15 9.87
CA PHE A 47 3.59 -5.46 10.38
C PHE A 47 3.94 -4.53 11.53
N GLU A 48 5.26 -4.42 11.88
CA GLU A 48 5.54 -3.53 12.97
C GLU A 48 6.84 -2.71 12.85
N LEU A 49 6.63 -1.60 12.15
CA LEU A 49 7.58 -0.59 11.81
C LEU A 49 9.04 -0.96 11.91
N GLY A 50 9.56 -1.37 10.77
CA GLY A 50 10.97 -1.75 10.71
C GLY A 50 10.97 -3.27 10.97
N VAL A 51 10.09 -3.96 10.28
CA VAL A 51 9.97 -5.40 10.40
C VAL A 51 9.85 -6.09 9.06
N ASP A 52 10.87 -6.96 8.83
CA ASP A 52 10.83 -7.66 7.55
C ASP A 52 9.84 -8.84 7.65
N PHE A 53 9.45 -9.21 6.39
CA PHE A 53 8.53 -10.31 6.41
C PHE A 53 8.22 -10.85 5.03
N ALA A 54 7.61 -12.03 4.90
CA ALA A 54 7.31 -12.56 3.57
C ALA A 54 5.79 -12.83 3.64
N TYR A 55 4.99 -11.82 3.29
CA TYR A 55 3.55 -12.09 3.38
C TYR A 55 2.99 -12.75 2.14
N SER A 56 2.02 -13.61 2.45
CA SER A 56 1.43 -14.30 1.30
C SER A 56 0.03 -13.62 1.16
N LEU A 57 0.10 -12.37 0.69
CA LEU A 57 -1.07 -11.52 0.48
C LEU A 57 -2.28 -12.26 -0.07
N ALA A 58 -2.34 -12.50 -1.39
CA ALA A 58 -3.49 -13.21 -1.90
C ALA A 58 -3.37 -14.71 -1.71
N ASP A 59 -3.00 -15.48 -2.77
CA ASP A 59 -2.88 -16.93 -2.63
C ASP A 59 -1.51 -17.42 -3.06
N GLY A 60 -0.63 -16.45 -3.39
CA GLY A 60 0.69 -16.82 -3.81
C GLY A 60 1.42 -15.60 -4.40
N THR A 61 1.46 -14.52 -3.64
CA THR A 61 2.11 -13.29 -4.03
C THR A 61 3.57 -13.34 -3.50
N GLU A 62 3.66 -13.35 -2.17
CA GLU A 62 4.95 -13.46 -1.54
C GLU A 62 5.64 -12.12 -1.48
N LEU A 63 4.81 -11.08 -1.34
CA LEU A 63 5.35 -9.74 -1.25
C LEU A 63 6.23 -9.59 0.00
N THR A 64 7.48 -10.04 -0.19
CA THR A 64 8.55 -10.03 0.76
C THR A 64 8.88 -8.52 0.91
N GLY A 65 8.67 -8.05 2.12
CA GLY A 65 8.99 -6.60 2.17
C GLY A 65 9.52 -6.27 3.55
N THR A 66 9.28 -4.97 3.80
CA THR A 66 9.71 -4.32 5.03
C THR A 66 9.48 -2.82 4.97
N TRP A 67 8.83 -2.19 5.98
CA TRP A 67 8.58 -0.73 5.90
C TRP A 67 8.89 -0.17 7.29
N THR A 68 9.73 0.87 7.16
CA THR A 68 10.24 1.58 8.27
C THR A 68 9.76 3.03 8.46
N MET A 69 8.53 3.20 8.04
CA MET A 69 7.75 4.41 8.06
C MET A 69 8.59 5.54 8.63
N GLU A 70 9.07 6.35 7.70
CA GLU A 70 9.90 7.47 8.12
C GLU A 70 9.21 8.79 7.98
N GLY A 71 8.63 9.18 9.14
CA GLY A 71 7.92 10.43 9.12
C GLY A 71 6.75 10.34 8.13
N ASN A 72 7.13 10.74 6.92
CA ASN A 72 6.19 10.75 5.81
C ASN A 72 6.88 10.20 4.57
N LYS A 73 7.58 9.06 4.77
CA LYS A 73 8.28 8.45 3.64
C LYS A 73 7.95 6.98 3.53
N LEU A 74 8.20 6.34 2.39
CA LEU A 74 7.85 4.93 2.35
C LEU A 74 8.86 4.11 1.60
N VAL A 75 10.00 4.12 2.36
CA VAL A 75 11.18 3.42 1.92
C VAL A 75 11.21 2.00 2.49
N GLY A 76 10.46 1.24 1.68
CA GLY A 76 10.30 -0.18 2.00
C GLY A 76 10.08 -0.80 0.59
N LYS A 77 9.87 -2.13 0.63
CA LYS A 77 9.67 -2.73 -0.67
C LYS A 77 8.87 -4.01 -0.58
N PHE A 78 8.47 -4.45 -1.79
CA PHE A 78 7.73 -5.68 -1.92
C PHE A 78 8.16 -6.23 -3.29
N LYS A 79 7.72 -7.52 -3.30
CA LYS A 79 7.94 -8.31 -4.45
C LYS A 79 7.30 -9.68 -4.52
N ARG A 80 6.68 -9.96 -5.68
CA ARG A 80 6.07 -11.26 -5.80
C ARG A 80 6.92 -12.27 -6.63
N VAL A 81 8.21 -12.08 -6.35
CA VAL A 81 9.31 -12.82 -6.90
C VAL A 81 8.94 -13.80 -8.02
N ASP A 82 8.20 -14.80 -7.59
CA ASP A 82 7.73 -15.84 -8.47
C ASP A 82 7.23 -15.30 -9.78
N ASN A 83 6.76 -14.03 -9.82
CA ASN A 83 6.32 -13.62 -11.11
C ASN A 83 5.86 -12.18 -11.28
N GLY A 84 5.60 -11.51 -10.17
CA GLY A 84 5.14 -10.15 -10.42
C GLY A 84 6.41 -9.29 -10.23
N LYS A 85 7.22 -9.80 -9.30
CA LYS A 85 8.46 -9.14 -9.01
C LYS A 85 8.27 -7.89 -8.20
N GLU A 86 9.24 -6.98 -8.24
CA GLU A 86 9.00 -5.83 -7.37
C GLU A 86 7.73 -5.02 -7.72
N LEU A 87 7.05 -4.78 -6.59
CA LEU A 87 5.80 -4.05 -6.53
C LEU A 87 5.82 -3.08 -5.36
N ILE A 88 7.06 -2.58 -5.29
CA ILE A 88 7.39 -1.60 -4.27
C ILE A 88 6.45 -0.41 -4.61
N ALA A 89 6.37 0.42 -3.57
CA ALA A 89 5.58 1.64 -3.55
C ALA A 89 6.41 2.66 -2.79
N VAL A 90 7.51 3.00 -3.46
CA VAL A 90 8.36 3.95 -2.83
C VAL A 90 7.63 5.31 -2.75
N ARG A 91 7.64 5.94 -1.56
CA ARG A 91 6.93 7.19 -1.64
C ARG A 91 7.44 8.18 -0.64
N GLU A 92 6.53 9.14 -0.36
CA GLU A 92 6.81 10.23 0.55
C GLU A 92 5.68 11.28 0.31
N ILE A 93 4.56 10.92 0.92
CA ILE A 93 3.33 11.72 0.83
C ILE A 93 3.59 13.20 0.52
N SER A 94 3.55 13.41 -0.80
CA SER A 94 3.76 14.73 -1.32
C SER A 94 2.90 15.83 -0.73
N GLY A 95 1.72 15.97 -1.31
CA GLY A 95 0.88 17.03 -0.76
C GLY A 95 0.12 16.41 0.45
N ASN A 96 -1.19 16.35 0.12
CA ASN A 96 -2.13 15.82 1.06
C ASN A 96 -2.78 14.56 0.48
N GLU A 97 -1.87 13.75 -0.06
CA GLU A 97 -2.18 12.50 -0.68
C GLU A 97 -0.81 11.81 -1.00
N LEU A 98 -1.01 10.50 -0.99
CA LEU A 98 0.04 9.53 -1.26
C LEU A 98 -0.18 8.98 -2.70
N ILE A 99 0.79 9.50 -3.47
CA ILE A 99 0.86 9.18 -4.86
C ILE A 99 0.95 7.63 -4.85
N GLN A 100 2.17 7.15 -4.64
CA GLN A 100 2.52 5.75 -4.59
C GLN A 100 3.09 5.48 -6.00
N THR A 101 4.41 5.54 -5.88
CA THR A 101 5.36 5.32 -6.93
C THR A 101 5.96 3.92 -6.86
N TYR A 102 5.24 3.17 -7.69
CA TYR A 102 5.72 1.78 -7.68
C TYR A 102 7.13 1.79 -8.29
N THR A 103 8.01 1.11 -7.50
CA THR A 103 9.42 0.97 -7.87
C THR A 103 9.65 -0.49 -8.21
N TYR A 104 9.22 -0.72 -9.45
CA TYR A 104 9.31 -2.05 -10.07
C TYR A 104 10.47 -2.12 -11.00
N GLU A 105 10.95 -3.33 -11.21
CA GLU A 105 12.06 -3.66 -12.05
C GLU A 105 12.26 -2.81 -13.29
N GLY A 106 13.12 -1.78 -13.18
CA GLY A 106 13.31 -0.98 -14.36
C GLY A 106 12.38 0.19 -14.56
N VAL A 107 11.57 0.55 -13.54
CA VAL A 107 10.68 1.66 -13.72
C VAL A 107 10.22 2.31 -12.42
N GLU A 108 9.50 3.44 -12.64
CA GLU A 108 8.98 4.17 -11.49
C GLU A 108 7.56 4.63 -11.86
N ALA A 109 6.75 3.60 -12.16
CA ALA A 109 5.42 3.96 -12.51
C ALA A 109 4.56 4.22 -11.25
N LYS A 110 4.09 5.45 -11.30
CA LYS A 110 3.28 5.90 -10.22
C LYS A 110 1.85 5.90 -10.67
N ARG A 111 1.07 6.31 -9.66
CA ARG A 111 -0.39 6.38 -9.93
C ARG A 111 -0.80 7.38 -8.79
N ILE A 112 -1.66 8.31 -9.28
CA ILE A 112 -2.10 9.27 -8.31
C ILE A 112 -3.57 9.15 -7.93
N PHE A 113 -3.65 8.74 -6.67
CA PHE A 113 -4.92 8.57 -6.01
C PHE A 113 -4.91 9.74 -4.99
N LYS A 114 -5.44 9.45 -3.82
CA LYS A 114 -5.47 10.47 -2.79
C LYS A 114 -5.92 9.88 -1.45
N LYS A 115 -6.55 10.75 -0.68
CA LYS A 115 -7.09 10.52 0.65
C LYS A 115 -8.50 10.99 0.79
N GLU A 116 -8.98 10.86 2.04
CA GLU A 116 -10.32 11.27 2.37
C GLU A 116 -10.49 12.77 2.06
N ALA A 1 0.96 12.69 9.34
CA ALA A 1 -0.46 12.35 9.34
C ALA A 1 -0.70 11.03 8.61
N PHE A 2 -1.39 10.19 9.39
CA PHE A 2 -1.74 8.85 8.93
C PHE A 2 -2.74 8.34 10.01
N ASP A 3 -4.00 8.82 9.88
CA ASP A 3 -4.93 8.36 10.88
C ASP A 3 -6.37 8.68 10.62
N GLY A 4 -6.99 8.25 9.51
CA GLY A 4 -8.38 8.69 9.48
C GLY A 4 -8.92 8.36 8.08
N THR A 5 -8.66 7.12 7.67
CA THR A 5 -9.14 6.73 6.34
C THR A 5 -8.56 7.62 5.27
N TRP A 6 -8.66 7.11 4.01
CA TRP A 6 -8.17 7.78 2.86
C TRP A 6 -8.84 7.34 1.54
N LYS A 7 -8.96 8.24 0.56
CA LYS A 7 -9.49 7.94 -0.73
C LYS A 7 -10.95 7.41 -0.81
N VAL A 8 -11.18 7.24 -2.11
CA VAL A 8 -12.37 6.67 -2.69
C VAL A 8 -13.70 6.95 -2.12
N ASP A 9 -14.61 6.93 -3.15
CA ASP A 9 -15.98 7.18 -2.87
C ASP A 9 -16.81 6.80 -4.12
N ARG A 10 -16.42 7.35 -5.26
CA ARG A 10 -17.09 7.09 -6.52
C ARG A 10 -17.48 5.64 -6.76
N ASN A 11 -18.75 5.41 -7.19
CA ASN A 11 -19.18 4.04 -7.44
C ASN A 11 -20.47 4.04 -8.27
N GLU A 12 -20.69 2.98 -9.05
CA GLU A 12 -21.88 2.87 -9.87
C GLU A 12 -23.00 2.36 -8.93
N ASN A 13 -24.03 1.79 -9.60
CA ASN A 13 -25.16 1.25 -8.83
C ASN A 13 -24.67 -0.16 -8.46
N TYR A 14 -23.70 -0.09 -7.55
CA TYR A 14 -23.06 -1.29 -7.01
C TYR A 14 -22.20 -1.83 -8.16
N SER A 15 -21.30 -2.79 -7.82
CA SER A 15 -20.46 -3.34 -8.85
C SER A 15 -19.55 -2.20 -9.31
N GLY A 16 -19.14 -2.36 -10.57
CA GLY A 16 -18.27 -1.33 -11.10
C GLY A 16 -17.22 -1.88 -12.07
N ALA A 17 -16.81 -0.95 -12.96
CA ALA A 17 -15.83 -1.25 -13.98
C ALA A 17 -14.58 -0.45 -13.66
N HIS A 18 -14.10 -0.60 -12.41
CA HIS A 18 -12.92 0.13 -12.01
C HIS A 18 -12.22 -0.54 -10.81
N ASP A 19 -10.87 -0.62 -10.89
CA ASP A 19 -10.14 -1.24 -9.80
C ASP A 19 -9.73 -0.14 -8.76
N ASN A 20 -10.61 0.01 -7.75
CA ASN A 20 -10.43 0.96 -6.69
C ASN A 20 -10.06 0.29 -5.32
N LEU A 21 -9.54 1.16 -4.48
CA LEU A 21 -9.08 0.83 -3.13
C LEU A 21 -9.38 2.10 -2.29
N LYS A 22 -9.02 2.01 -1.02
CA LYS A 22 -9.19 3.08 -0.06
C LYS A 22 -7.94 2.85 0.86
N LEU A 23 -7.41 4.01 1.21
CA LEU A 23 -6.24 3.93 2.08
C LEU A 23 -6.94 4.19 3.43
N THR A 24 -6.31 3.91 4.54
CA THR A 24 -6.86 4.10 5.86
C THR A 24 -5.80 3.48 6.81
N ILE A 25 -4.94 4.42 7.13
CA ILE A 25 -3.88 3.98 8.02
C ILE A 25 -4.04 4.61 9.38
N THR A 26 -3.54 3.93 10.41
CA THR A 26 -3.73 4.58 11.68
C THR A 26 -2.74 3.94 12.69
N GLN A 27 -1.55 4.51 12.47
CA GLN A 27 -0.47 4.03 13.34
C GLN A 27 -0.89 4.13 14.81
N GLU A 28 -0.81 2.98 15.48
CA GLU A 28 -1.17 2.89 16.90
C GLU A 28 0.14 2.50 17.58
N GLY A 29 0.71 3.43 18.35
CA GLY A 29 1.96 3.01 18.98
C GLY A 29 2.94 3.06 17.78
N ASN A 30 3.41 1.85 17.46
CA ASN A 30 4.33 1.54 16.41
C ASN A 30 3.66 0.49 15.51
N LYS A 31 2.57 0.86 14.89
CA LYS A 31 1.93 -0.14 14.02
C LYS A 31 1.69 0.72 12.79
N PHE A 32 1.46 0.18 11.61
CA PHE A 32 1.23 1.17 10.54
C PHE A 32 0.45 0.29 9.54
N THR A 33 -0.78 0.05 9.96
CA THR A 33 -1.52 -0.78 9.02
C THR A 33 -1.79 0.15 7.87
N VAL A 34 -1.66 -0.45 6.71
CA VAL A 34 -1.92 0.41 5.53
C VAL A 34 -3.04 -0.34 4.87
N LYS A 35 -4.00 0.53 4.44
CA LYS A 35 -5.15 0.00 3.79
C LYS A 35 -5.18 -0.25 2.31
N GLU A 36 -3.95 -0.30 1.77
CA GLU A 36 -3.74 -0.50 0.36
C GLU A 36 -4.53 -1.70 -0.13
N SER A 37 -5.76 -1.40 -0.61
CA SER A 37 -6.57 -2.52 -1.08
C SER A 37 -6.07 -2.95 -2.45
N SER A 38 -6.26 -4.23 -2.81
CA SER A 38 -5.76 -4.58 -4.12
C SER A 38 -6.06 -5.98 -4.61
N ASN A 39 -7.07 -6.01 -5.48
CA ASN A 39 -7.48 -7.31 -6.04
C ASN A 39 -7.93 -8.26 -4.96
N PHE A 40 -6.92 -8.92 -4.37
CA PHE A 40 -7.30 -9.84 -3.33
C PHE A 40 -7.61 -9.09 -2.03
N ARG A 41 -8.90 -8.77 -1.92
CA ARG A 41 -9.46 -8.06 -0.81
C ARG A 41 -8.80 -6.74 -0.44
N ASN A 42 -9.04 -6.28 0.79
CA ASN A 42 -8.42 -5.03 1.17
C ASN A 42 -7.07 -5.36 1.87
N ILE A 43 -7.01 -6.66 2.04
CA ILE A 43 -5.86 -7.30 2.68
C ILE A 43 -4.96 -6.31 3.32
N ASP A 44 -5.28 -6.09 4.64
CA ASP A 44 -4.51 -5.17 5.41
C ASP A 44 -3.07 -5.60 5.52
N VAL A 45 -2.25 -4.65 5.08
CA VAL A 45 -0.80 -4.96 5.14
C VAL A 45 -0.49 -4.46 6.57
N VAL A 46 -0.28 -5.42 7.48
CA VAL A 46 0.00 -4.96 8.83
C VAL A 46 1.37 -5.37 9.34
N PHE A 47 1.80 -4.50 10.25
CA PHE A 47 3.09 -4.81 10.77
C PHE A 47 3.54 -3.80 11.81
N GLU A 48 4.82 -3.78 12.19
CA GLU A 48 5.19 -2.79 13.17
C GLU A 48 6.39 -1.96 12.62
N LEU A 49 5.92 -1.15 11.67
CA LEU A 49 6.71 -0.21 10.91
C LEU A 49 7.66 -0.92 9.96
N GLY A 50 8.75 -1.41 10.51
CA GLY A 50 9.73 -2.12 9.69
C GLY A 50 9.96 -3.45 10.40
N VAL A 51 9.05 -4.36 10.09
CA VAL A 51 9.03 -5.71 10.63
C VAL A 51 9.73 -6.69 9.72
N ASP A 52 9.39 -6.38 8.46
CA ASP A 52 9.96 -7.22 7.40
C ASP A 52 9.28 -8.61 7.45
N PHE A 53 8.76 -8.91 6.25
CA PHE A 53 8.12 -10.18 6.24
C PHE A 53 7.78 -10.74 4.87
N ALA A 54 7.97 -12.05 4.68
CA ALA A 54 7.65 -12.67 3.38
C ALA A 54 6.16 -13.08 3.60
N TYR A 55 5.36 -13.13 2.53
CA TYR A 55 3.99 -13.53 2.88
C TYR A 55 3.19 -13.80 1.63
N SER A 56 2.48 -14.93 1.72
CA SER A 56 1.67 -15.26 0.55
C SER A 56 0.30 -14.59 0.80
N LEU A 57 0.15 -13.35 0.34
CA LEU A 57 -1.07 -12.59 0.49
C LEU A 57 -2.26 -13.12 -0.32
N ALA A 58 -2.46 -12.53 -1.50
CA ALA A 58 -3.55 -12.95 -2.35
C ALA A 58 -3.71 -14.45 -2.55
N ASP A 59 -2.93 -15.03 -3.50
CA ASP A 59 -3.00 -16.45 -3.76
C ASP A 59 -1.64 -17.11 -3.83
N GLY A 60 -0.63 -16.35 -3.33
CA GLY A 60 0.73 -16.86 -3.32
C GLY A 60 1.60 -15.73 -3.91
N THR A 61 1.48 -14.62 -3.20
CA THR A 61 2.18 -13.42 -3.55
C THR A 61 3.70 -13.63 -3.35
N GLU A 62 4.15 -13.92 -2.13
CA GLU A 62 5.58 -14.11 -1.92
C GLU A 62 6.29 -12.77 -2.16
N LEU A 63 5.67 -11.75 -1.55
CA LEU A 63 6.23 -10.43 -1.69
C LEU A 63 7.03 -10.13 -0.43
N THR A 64 8.27 -10.62 -0.52
CA THR A 64 9.21 -10.48 0.55
C THR A 64 9.66 -9.02 0.66
N GLY A 65 9.16 -8.37 1.70
CA GLY A 65 9.62 -6.98 1.77
C GLY A 65 9.23 -6.51 3.20
N THR A 66 9.12 -5.18 3.26
CA THR A 66 8.75 -4.44 4.45
C THR A 66 8.26 -3.05 4.19
N TRP A 67 7.17 -2.54 4.80
CA TRP A 67 6.78 -1.16 4.47
C TRP A 67 6.97 -0.37 5.80
N THR A 68 8.16 0.25 5.77
CA THR A 68 8.70 1.08 6.82
C THR A 68 8.57 2.59 6.57
N MET A 69 7.51 3.07 7.21
CA MET A 69 7.08 4.44 7.22
C MET A 69 8.29 5.23 7.75
N GLU A 70 8.87 5.99 6.81
CA GLU A 70 10.05 6.80 7.20
C GLU A 70 9.57 8.21 7.37
N GLY A 71 8.70 8.29 8.40
CA GLY A 71 8.14 9.59 8.71
C GLY A 71 7.42 10.01 7.42
N ASN A 72 8.10 10.96 6.78
CA ASN A 72 7.54 11.46 5.52
C ASN A 72 8.16 10.69 4.35
N LYS A 73 7.85 9.36 4.40
CA LYS A 73 8.41 8.56 3.32
C LYS A 73 7.85 7.15 3.38
N LEU A 74 8.27 6.32 2.43
CA LEU A 74 7.74 4.96 2.45
C LEU A 74 8.63 4.01 1.73
N VAL A 75 9.74 3.71 2.44
CA VAL A 75 10.76 2.83 1.98
C VAL A 75 10.59 1.37 2.35
N GLY A 76 10.82 0.59 1.28
CA GLY A 76 10.70 -0.85 1.46
C GLY A 76 10.86 -1.42 0.03
N LYS A 77 10.46 -2.73 0.00
CA LYS A 77 10.57 -3.36 -1.28
C LYS A 77 10.20 -4.83 -1.26
N PHE A 78 9.13 -5.05 -2.04
CA PHE A 78 8.63 -6.43 -2.11
C PHE A 78 8.90 -6.78 -3.56
N LYS A 79 8.68 -8.09 -3.75
CA LYS A 79 8.89 -8.63 -5.06
C LYS A 79 8.40 -10.05 -5.27
N ARG A 80 7.86 -10.31 -6.46
CA ARG A 80 7.40 -11.63 -6.72
C ARG A 80 8.56 -12.46 -7.38
N VAL A 81 9.07 -13.32 -6.51
CA VAL A 81 10.15 -14.19 -6.92
C VAL A 81 9.69 -15.13 -8.05
N ASP A 82 8.37 -15.18 -8.16
CA ASP A 82 7.69 -15.99 -9.15
C ASP A 82 7.86 -15.41 -10.55
N ASN A 83 7.87 -14.07 -10.72
CA ASN A 83 8.04 -13.62 -12.08
C ASN A 83 9.25 -12.71 -12.20
N GLY A 84 9.95 -12.59 -11.07
CA GLY A 84 11.11 -11.69 -11.23
C GLY A 84 10.40 -10.32 -11.41
N LYS A 85 9.42 -10.30 -10.47
CA LYS A 85 8.56 -9.15 -10.38
C LYS A 85 8.83 -8.24 -9.21
N GLU A 86 8.92 -6.92 -9.38
CA GLU A 86 9.14 -6.10 -8.19
C GLU A 86 7.84 -5.29 -7.91
N LEU A 87 7.60 -5.25 -6.63
CA LEU A 87 6.43 -4.54 -6.13
C LEU A 87 6.82 -3.60 -5.00
N ILE A 88 7.91 -2.94 -5.37
CA ILE A 88 8.49 -1.99 -4.45
C ILE A 88 7.46 -0.84 -4.41
N ALA A 89 7.71 -0.01 -3.42
CA ALA A 89 6.92 1.16 -3.12
C ALA A 89 7.91 2.21 -2.67
N VAL A 90 8.06 3.14 -3.59
CA VAL A 90 8.97 4.22 -3.30
C VAL A 90 8.02 5.43 -3.14
N ARG A 91 7.85 5.86 -1.86
CA ARG A 91 6.95 6.97 -1.84
C ARG A 91 7.09 7.89 -0.65
N GLU A 92 6.46 9.03 -0.97
CA GLU A 92 6.44 10.09 0.02
C GLU A 92 5.17 10.91 -0.14
N ILE A 93 4.64 11.18 1.07
CA ILE A 93 3.43 11.95 1.15
C ILE A 93 3.53 13.18 0.28
N SER A 94 2.56 13.32 -0.61
CA SER A 94 2.57 14.46 -1.49
C SER A 94 1.31 15.30 -1.55
N GLY A 95 1.35 16.43 -0.86
CA GLY A 95 0.19 17.31 -0.86
C GLY A 95 -0.83 16.71 0.12
N ASN A 96 -0.23 16.11 1.15
CA ASN A 96 -0.99 15.48 2.19
C ASN A 96 -1.90 14.39 1.62
N GLU A 97 -1.33 13.59 0.74
CA GLU A 97 -1.95 12.49 0.07
C GLU A 97 -0.82 11.54 -0.44
N LEU A 98 -1.27 10.31 -0.63
CA LEU A 98 -0.36 9.29 -1.11
C LEU A 98 -0.78 8.85 -2.53
N ILE A 99 0.30 8.64 -3.29
CA ILE A 99 0.21 8.22 -4.64
C ILE A 99 0.60 6.72 -4.70
N GLN A 100 1.69 6.41 -4.02
CA GLN A 100 2.29 5.09 -3.91
C GLN A 100 2.71 4.73 -5.36
N THR A 101 4.01 4.96 -5.47
CA THR A 101 4.79 4.76 -6.64
C THR A 101 5.54 3.43 -6.61
N TYR A 102 4.80 2.55 -7.29
CA TYR A 102 5.36 1.20 -7.35
C TYR A 102 6.59 1.31 -8.29
N THR A 103 7.73 0.86 -7.74
CA THR A 103 9.02 0.86 -8.47
C THR A 103 9.14 -0.61 -8.86
N TYR A 104 8.17 -0.85 -9.75
CA TYR A 104 7.99 -2.18 -10.33
C TYR A 104 8.85 -2.53 -11.50
N GLU A 105 9.41 -3.72 -11.40
CA GLU A 105 10.29 -4.29 -12.40
C GLU A 105 11.34 -3.38 -12.99
N GLY A 106 11.85 -2.40 -12.20
CA GLY A 106 12.84 -1.54 -12.75
C GLY A 106 12.23 -0.29 -13.39
N VAL A 107 10.90 -0.15 -13.20
CA VAL A 107 10.13 0.97 -13.72
C VAL A 107 9.50 1.78 -12.61
N GLU A 108 9.37 3.10 -12.90
CA GLU A 108 8.77 3.95 -11.87
C GLU A 108 7.37 4.33 -12.35
N ALA A 109 6.40 3.69 -11.65
CA ALA A 109 5.05 3.94 -11.99
C ALA A 109 4.15 4.15 -10.74
N LYS A 110 3.33 5.17 -10.94
CA LYS A 110 2.43 5.51 -9.88
C LYS A 110 1.02 5.69 -10.42
N ARG A 111 0.20 5.92 -9.41
CA ARG A 111 -1.24 6.13 -9.72
C ARG A 111 -1.56 7.26 -8.70
N ILE A 112 -2.19 8.32 -9.23
CA ILE A 112 -2.49 9.37 -8.28
C ILE A 112 -3.82 9.16 -7.56
N PHE A 113 -3.69 9.37 -6.26
CA PHE A 113 -4.81 9.25 -5.36
C PHE A 113 -4.60 10.25 -4.22
N LYS A 114 -5.24 9.95 -3.10
CA LYS A 114 -5.10 10.86 -1.99
C LYS A 114 -5.61 10.25 -0.68
N LYS A 115 -6.19 11.13 0.10
CA LYS A 115 -6.78 10.87 1.41
C LYS A 115 -8.16 11.42 1.51
N GLU A 116 -8.70 11.37 2.75
CA GLU A 116 -10.03 11.86 3.01
C GLU A 116 -10.28 12.07 4.51
N ALA A 1 1.54 11.54 10.58
CA ALA A 1 0.12 11.37 10.85
C ALA A 1 -0.58 10.70 9.66
N PHE A 2 -0.70 9.39 9.89
CA PHE A 2 -1.35 8.61 8.84
C PHE A 2 -2.78 8.29 9.30
N ASP A 3 -2.89 8.16 10.64
CA ASP A 3 -4.18 7.86 11.17
C ASP A 3 -5.37 8.65 10.66
N GLY A 4 -6.10 8.06 9.71
CA GLY A 4 -7.25 8.85 9.23
C GLY A 4 -7.79 8.11 8.03
N THR A 5 -8.95 8.49 7.47
CA THR A 5 -9.36 7.69 6.31
C THR A 5 -8.87 8.50 5.11
N TRP A 6 -8.62 7.82 3.99
CA TRP A 6 -8.15 8.42 2.79
C TRP A 6 -9.02 8.06 1.58
N LYS A 7 -8.79 8.71 0.46
CA LYS A 7 -9.50 8.47 -0.77
C LYS A 7 -11.03 8.31 -0.69
N VAL A 8 -11.43 8.08 -1.93
CA VAL A 8 -12.78 7.76 -2.35
C VAL A 8 -13.90 8.23 -1.51
N ASP A 9 -14.69 9.16 -2.14
CA ASP A 9 -15.82 9.72 -1.48
C ASP A 9 -17.11 9.38 -2.23
N ARG A 10 -18.01 8.69 -1.51
CA ARG A 10 -19.30 8.29 -2.04
C ARG A 10 -19.23 7.42 -3.29
N ASN A 11 -20.42 7.14 -3.86
CA ASN A 11 -20.43 6.32 -5.05
C ASN A 11 -21.61 6.72 -5.94
N GLU A 12 -22.81 6.50 -5.40
CA GLU A 12 -24.04 6.82 -6.11
C GLU A 12 -24.18 5.96 -7.39
N ASN A 13 -23.44 4.84 -7.35
CA ASN A 13 -23.40 3.85 -8.43
C ASN A 13 -23.61 4.57 -9.75
N TYR A 14 -22.71 5.54 -9.92
CA TYR A 14 -22.75 6.35 -11.12
C TYR A 14 -21.62 6.03 -12.08
N SER A 15 -20.58 5.34 -11.60
CA SER A 15 -19.48 5.02 -12.50
C SER A 15 -19.14 3.54 -12.34
N GLY A 16 -19.00 2.89 -13.51
CA GLY A 16 -18.69 1.48 -13.55
C GLY A 16 -17.51 1.21 -12.59
N ALA A 17 -17.67 0.03 -11.96
CA ALA A 17 -16.69 -0.46 -10.99
C ALA A 17 -16.75 0.45 -9.78
N HIS A 18 -17.43 -0.03 -8.73
CA HIS A 18 -17.59 0.71 -7.48
C HIS A 18 -16.22 1.34 -7.11
N ASP A 19 -15.22 0.44 -7.11
CA ASP A 19 -13.86 0.86 -6.79
C ASP A 19 -13.76 1.58 -5.44
N ASN A 20 -13.60 0.74 -4.41
CA ASN A 20 -13.50 1.26 -3.07
C ASN A 20 -12.01 1.66 -2.79
N LEU A 21 -11.19 0.63 -2.95
CA LEU A 21 -9.74 0.69 -2.77
C LEU A 21 -9.63 1.28 -1.32
N LYS A 22 -9.58 2.59 -1.27
CA LYS A 22 -9.49 3.44 -0.12
C LYS A 22 -8.16 3.06 0.59
N LEU A 23 -7.73 4.15 1.17
CA LEU A 23 -6.50 4.06 1.91
C LEU A 23 -7.00 4.59 3.28
N THR A 24 -6.19 4.53 4.31
CA THR A 24 -6.62 5.00 5.62
C THR A 24 -5.39 5.08 6.53
N ILE A 25 -5.09 3.87 6.95
CA ILE A 25 -3.98 3.67 7.85
C ILE A 25 -4.32 4.21 9.23
N THR A 26 -3.96 3.48 10.27
CA THR A 26 -4.30 4.00 11.56
C THR A 26 -3.54 3.06 12.54
N GLN A 27 -2.24 3.38 12.46
CA GLN A 27 -1.40 2.60 13.33
C GLN A 27 -1.85 2.57 14.79
N GLU A 28 -1.59 1.36 15.35
CA GLU A 28 -1.99 1.22 16.76
C GLU A 28 -0.73 0.73 17.46
N GLY A 29 0.32 1.56 17.42
CA GLY A 29 1.50 1.02 18.11
C GLY A 29 2.42 0.51 16.96
N ASN A 30 2.70 1.52 16.10
CA ASN A 30 3.51 1.39 14.94
C ASN A 30 3.01 0.24 14.05
N LYS A 31 1.82 -0.28 14.26
CA LYS A 31 1.44 -1.37 13.38
C LYS A 31 0.72 -0.54 12.28
N PHE A 32 1.45 0.00 11.32
CA PHE A 32 0.65 0.76 10.37
C PHE A 32 0.19 -0.46 9.51
N THR A 33 -1.05 -0.23 9.17
CA THR A 33 -1.68 -1.27 8.33
C THR A 33 -2.17 -0.36 7.21
N VAL A 34 -1.59 -0.54 6.06
CA VAL A 34 -2.13 0.39 5.04
C VAL A 34 -3.42 -0.24 4.59
N LYS A 35 -4.29 0.75 4.22
CA LYS A 35 -5.57 0.35 3.75
C LYS A 35 -5.77 -0.02 2.29
N GLU A 36 -4.59 0.03 1.62
CA GLU A 36 -4.48 -0.28 0.23
C GLU A 36 -5.24 -1.61 -0.04
N SER A 37 -6.39 -1.43 -0.73
CA SER A 37 -7.16 -2.63 -1.03
C SER A 37 -6.93 -2.98 -2.48
N SER A 38 -6.53 -4.24 -2.71
CA SER A 38 -6.29 -4.63 -4.10
C SER A 38 -6.50 -6.12 -4.34
N ASN A 39 -5.90 -6.54 -5.47
CA ASN A 39 -5.95 -7.92 -5.90
C ASN A 39 -7.41 -8.25 -6.24
N PHE A 40 -8.08 -8.70 -5.16
CA PHE A 40 -9.47 -9.02 -5.42
C PHE A 40 -10.21 -9.19 -4.06
N ARG A 41 -9.89 -8.22 -3.21
CA ARG A 41 -10.43 -8.14 -1.90
C ARG A 41 -9.72 -7.07 -1.07
N ASN A 42 -9.96 -7.18 0.24
CA ASN A 42 -9.32 -6.21 1.13
C ASN A 42 -8.25 -7.05 1.84
N ILE A 43 -7.07 -6.50 1.58
CA ILE A 43 -5.93 -7.23 2.19
C ILE A 43 -4.85 -6.26 2.52
N ASP A 44 -5.01 -5.83 3.80
CA ASP A 44 -4.09 -4.89 4.34
C ASP A 44 -2.67 -5.48 4.33
N VAL A 45 -1.80 -4.55 4.04
CA VAL A 45 -0.37 -4.96 3.99
C VAL A 45 0.13 -4.35 5.32
N VAL A 46 0.21 -5.22 6.33
CA VAL A 46 0.67 -4.62 7.55
C VAL A 46 2.13 -4.85 7.89
N PHE A 47 2.51 -4.04 8.89
CA PHE A 47 3.88 -4.14 9.31
C PHE A 47 4.12 -3.47 10.65
N GLU A 48 5.24 -3.78 11.33
CA GLU A 48 5.40 -3.10 12.59
C GLU A 48 6.43 -1.95 12.57
N LEU A 49 6.50 -1.39 11.37
CA LEU A 49 7.40 -0.29 11.12
C LEU A 49 8.87 -0.57 11.32
N GLY A 50 9.48 -1.08 10.26
CA GLY A 50 10.91 -1.41 10.31
C GLY A 50 10.98 -2.72 11.11
N VAL A 51 10.58 -3.76 10.39
CA VAL A 51 10.57 -5.09 10.93
C VAL A 51 11.11 -6.19 10.04
N ASP A 52 10.67 -6.03 8.77
CA ASP A 52 11.11 -7.01 7.79
C ASP A 52 10.31 -8.32 7.91
N PHE A 53 9.78 -8.68 6.71
CA PHE A 53 9.01 -9.89 6.77
C PHE A 53 8.79 -10.56 5.42
N ALA A 54 8.63 -11.88 5.44
CA ALA A 54 8.39 -12.63 4.19
C ALA A 54 6.92 -13.03 4.36
N TYR A 55 6.07 -12.57 3.44
CA TYR A 55 4.69 -12.99 3.62
C TYR A 55 4.01 -13.24 2.29
N SER A 56 3.24 -14.32 2.34
CA SER A 56 2.55 -14.62 1.08
C SER A 56 1.14 -14.00 1.18
N LEU A 57 1.05 -12.80 0.58
CA LEU A 57 -0.16 -12.01 0.52
C LEU A 57 -1.08 -12.42 -0.62
N ALA A 58 -2.38 -12.45 -0.36
CA ALA A 58 -3.27 -12.85 -1.44
C ALA A 58 -2.98 -14.19 -2.05
N ASP A 59 -2.02 -14.98 -1.54
CA ASP A 59 -1.72 -16.28 -2.13
C ASP A 59 -0.94 -16.25 -3.42
N GLY A 60 -1.24 -15.29 -4.30
CA GLY A 60 -0.52 -15.19 -5.57
C GLY A 60 0.74 -14.36 -5.34
N THR A 61 0.57 -13.30 -4.53
CA THR A 61 1.68 -12.42 -4.24
C THR A 61 2.58 -13.05 -3.16
N GLU A 62 3.88 -12.68 -3.26
CA GLU A 62 4.71 -13.27 -2.23
C GLU A 62 5.90 -12.31 -2.03
N LEU A 63 5.41 -11.19 -1.48
CA LEU A 63 6.34 -10.14 -1.19
C LEU A 63 7.15 -10.35 0.07
N THR A 64 8.47 -10.17 -0.10
CA THR A 64 9.42 -10.31 0.95
C THR A 64 10.09 -8.90 1.05
N GLY A 65 9.67 -8.23 2.13
CA GLY A 65 10.32 -6.91 2.20
C GLY A 65 9.98 -6.41 3.61
N THR A 66 10.14 -5.07 3.64
CA THR A 66 9.87 -4.37 4.85
C THR A 66 9.41 -2.92 4.75
N TRP A 67 8.73 -2.37 5.76
CA TRP A 67 8.29 -0.96 5.63
C TRP A 67 8.87 -0.25 6.89
N THR A 68 9.82 0.61 6.52
CA THR A 68 10.59 1.46 7.39
C THR A 68 10.22 2.96 7.35
N MET A 69 8.93 3.10 7.54
CA MET A 69 8.28 4.41 7.56
C MET A 69 9.19 5.26 8.43
N GLU A 70 9.80 6.19 7.67
CA GLU A 70 10.72 7.11 8.36
C GLU A 70 10.00 8.33 8.84
N GLY A 71 9.14 8.81 7.93
CA GLY A 71 8.38 9.99 8.31
C GLY A 71 8.06 10.70 7.00
N ASN A 72 6.81 10.48 6.61
CA ASN A 72 6.26 11.05 5.39
C ASN A 72 6.85 10.34 4.18
N LYS A 73 7.47 9.18 4.47
CA LYS A 73 8.07 8.41 3.37
C LYS A 73 7.49 7.01 3.38
N LEU A 74 8.07 6.13 2.60
CA LEU A 74 7.54 4.79 2.58
C LEU A 74 8.44 3.83 1.84
N VAL A 75 9.69 4.09 2.24
CA VAL A 75 10.83 3.35 1.72
C VAL A 75 10.97 1.96 2.36
N GLY A 76 11.25 1.06 1.40
CA GLY A 76 11.44 -0.34 1.73
C GLY A 76 11.29 -1.02 0.33
N LYS A 77 11.00 -2.34 0.40
CA LYS A 77 10.87 -3.00 -0.87
C LYS A 77 10.59 -4.48 -0.75
N PHE A 78 9.70 -4.81 -1.73
CA PHE A 78 9.29 -6.21 -1.79
C PHE A 78 9.44 -6.62 -3.23
N LYS A 79 9.08 -7.94 -3.29
CA LYS A 79 9.12 -8.61 -4.57
C LYS A 79 8.37 -9.91 -4.58
N ARG A 80 7.53 -10.00 -5.66
CA ARG A 80 6.73 -11.17 -5.85
C ARG A 80 7.55 -12.24 -6.61
N VAL A 81 8.13 -13.10 -5.76
CA VAL A 81 8.95 -14.17 -6.24
C VAL A 81 8.31 -14.98 -7.38
N ASP A 82 7.01 -14.91 -7.36
CA ASP A 82 6.21 -15.60 -8.37
C ASP A 82 6.42 -14.99 -9.74
N ASN A 83 6.54 -13.65 -9.81
CA ASN A 83 6.74 -13.13 -11.16
C ASN A 83 8.11 -12.56 -11.42
N GLY A 84 9.02 -12.50 -10.42
CA GLY A 84 10.30 -11.91 -10.86
C GLY A 84 9.88 -10.42 -11.06
N LYS A 85 8.93 -10.18 -10.12
CA LYS A 85 8.25 -8.94 -9.98
C LYS A 85 8.97 -7.74 -9.41
N GLU A 86 9.11 -7.71 -8.08
CA GLU A 86 9.74 -6.54 -7.50
C GLU A 86 8.66 -5.43 -7.35
N LEU A 87 7.69 -5.85 -6.56
CA LEU A 87 6.57 -4.96 -6.27
C LEU A 87 6.79 -4.13 -5.05
N ILE A 88 7.75 -3.24 -5.27
CA ILE A 88 8.12 -2.32 -4.19
C ILE A 88 6.95 -1.29 -4.24
N ALA A 89 7.06 -0.32 -3.35
CA ALA A 89 6.12 0.77 -3.16
C ALA A 89 6.88 1.89 -2.55
N VAL A 90 7.74 2.42 -3.42
CA VAL A 90 8.51 3.52 -2.92
C VAL A 90 7.54 4.70 -2.82
N ARG A 91 7.60 5.46 -1.71
CA ARG A 91 6.66 6.51 -1.75
C ARG A 91 6.68 7.41 -0.52
N GLU A 92 6.05 8.56 -0.80
CA GLU A 92 5.93 9.54 0.24
C GLU A 92 4.65 10.36 -0.11
N ILE A 93 4.15 10.88 1.01
CA ILE A 93 2.95 11.71 0.91
C ILE A 93 3.19 12.85 -0.07
N SER A 94 2.82 12.51 -1.30
CA SER A 94 2.96 13.46 -2.39
C SER A 94 2.81 14.92 -2.01
N GLY A 95 1.63 15.24 -1.47
CA GLY A 95 1.45 16.65 -1.08
C GLY A 95 0.76 16.55 0.31
N ASN A 96 -0.57 16.38 0.10
CA ASN A 96 -1.51 16.25 1.18
C ASN A 96 -2.33 14.97 0.85
N GLU A 97 -1.59 14.18 0.11
CA GLU A 97 -2.08 12.92 -0.37
C GLU A 97 -0.83 12.11 -0.85
N LEU A 98 -1.16 10.81 -0.96
CA LEU A 98 -0.23 9.80 -1.37
C LEU A 98 -0.69 9.18 -2.71
N ILE A 99 0.34 9.03 -3.56
CA ILE A 99 0.19 8.48 -4.85
C ILE A 99 0.28 6.94 -4.69
N GLN A 100 1.44 6.49 -4.18
CA GLN A 100 1.75 5.09 -3.93
C GLN A 100 2.30 4.61 -5.31
N THR A 101 3.63 4.67 -5.33
CA THR A 101 4.39 4.27 -6.47
C THR A 101 5.04 2.91 -6.29
N TYR A 102 4.29 2.02 -6.90
CA TYR A 102 4.74 0.62 -6.85
C TYR A 102 5.98 0.57 -7.77
N THR A 103 7.16 0.70 -7.13
CA THR A 103 8.41 0.66 -7.94
C THR A 103 8.35 -0.76 -8.47
N TYR A 104 8.60 -0.77 -9.82
CA TYR A 104 8.57 -2.09 -10.43
C TYR A 104 9.26 -2.21 -11.74
N GLU A 105 9.79 -3.42 -11.91
CA GLU A 105 10.54 -3.85 -13.07
C GLU A 105 11.54 -2.87 -13.63
N GLY A 106 12.10 -2.01 -12.73
CA GLY A 106 13.07 -1.07 -13.25
C GLY A 106 12.55 0.31 -13.58
N VAL A 107 11.27 0.56 -13.21
CA VAL A 107 10.70 1.84 -13.49
C VAL A 107 10.03 2.46 -12.30
N GLU A 108 9.13 3.42 -12.61
CA GLU A 108 8.44 4.05 -11.47
C GLU A 108 6.97 4.19 -11.89
N ALA A 109 6.18 3.16 -11.50
CA ALA A 109 4.81 3.24 -11.84
C ALA A 109 3.95 3.61 -10.60
N LYS A 110 2.86 4.29 -10.94
CA LYS A 110 2.00 4.68 -9.87
C LYS A 110 0.55 4.70 -10.32
N ARG A 111 -0.23 5.00 -9.27
CA ARG A 111 -1.68 5.07 -9.53
C ARG A 111 -2.08 6.20 -8.53
N ILE A 112 -2.37 7.35 -9.17
CA ILE A 112 -2.74 8.42 -8.27
C ILE A 112 -3.94 8.08 -7.37
N PHE A 113 -3.63 8.42 -6.13
CA PHE A 113 -4.51 8.24 -5.03
C PHE A 113 -4.31 9.53 -4.19
N LYS A 114 -5.15 9.56 -3.16
CA LYS A 114 -5.10 10.68 -2.25
C LYS A 114 -5.75 10.34 -0.90
N LYS A 115 -6.19 11.40 -0.26
CA LYS A 115 -6.84 11.38 1.04
C LYS A 115 -8.30 11.73 0.93
N GLU A 116 -8.82 11.85 2.16
CA GLU A 116 -10.20 12.17 2.35
C GLU A 116 -10.36 13.49 3.20
N ALA A 1 0.36 12.94 9.60
CA ALA A 1 -1.00 12.47 9.62
C ALA A 1 -1.16 11.24 8.71
N PHE A 2 -1.90 10.26 9.28
CA PHE A 2 -2.12 9.05 8.49
C PHE A 2 -3.46 8.50 9.01
N ASP A 3 -3.39 8.21 10.32
CA ASP A 3 -4.55 7.69 10.97
C ASP A 3 -5.90 8.15 10.50
N GLY A 4 -6.43 7.41 9.49
CA GLY A 4 -7.74 7.87 9.05
C GLY A 4 -8.04 7.09 7.79
N THR A 5 -9.17 7.42 7.16
CA THR A 5 -9.39 6.62 5.94
C THR A 5 -8.89 7.54 4.82
N TRP A 6 -8.69 6.99 3.62
CA TRP A 6 -8.23 7.69 2.46
C TRP A 6 -9.04 7.27 1.21
N LYS A 7 -8.81 7.95 0.10
CA LYS A 7 -9.46 7.67 -1.14
C LYS A 7 -10.94 7.28 -1.14
N VAL A 8 -11.25 7.06 -2.41
CA VAL A 8 -12.50 6.57 -2.93
C VAL A 8 -13.59 6.20 -1.97
N ASP A 9 -14.73 6.87 -2.28
CA ASP A 9 -15.90 6.64 -1.46
C ASP A 9 -16.55 5.35 -2.03
N ARG A 10 -16.65 5.26 -3.37
CA ARG A 10 -17.24 4.11 -4.02
C ARG A 10 -18.62 3.72 -3.56
N ASN A 11 -19.60 4.02 -4.45
CA ASN A 11 -20.99 3.73 -4.19
C ASN A 11 -21.23 2.21 -4.15
N GLU A 12 -20.21 1.48 -4.64
CA GLU A 12 -20.25 0.03 -4.71
C GLU A 12 -21.38 -0.37 -5.65
N ASN A 13 -21.01 -0.64 -6.93
CA ASN A 13 -22.08 -1.02 -7.87
C ASN A 13 -21.37 -1.99 -8.82
N TYR A 14 -22.03 -3.15 -8.97
CA TYR A 14 -21.45 -4.14 -9.86
C TYR A 14 -21.57 -3.64 -11.29
N SER A 15 -20.48 -3.87 -12.05
CA SER A 15 -20.55 -3.41 -13.43
C SER A 15 -19.51 -4.24 -14.18
N GLY A 16 -19.16 -3.71 -15.37
CA GLY A 16 -18.19 -4.37 -16.21
C GLY A 16 -16.92 -4.67 -15.39
N ALA A 17 -16.06 -3.63 -15.29
CA ALA A 17 -14.81 -3.75 -14.54
C ALA A 17 -14.59 -2.40 -13.86
N HIS A 18 -14.59 -2.41 -12.51
CA HIS A 18 -14.39 -1.18 -11.76
C HIS A 18 -13.12 -1.31 -10.90
N ASP A 19 -12.15 -0.43 -11.19
CA ASP A 19 -10.89 -0.44 -10.45
C ASP A 19 -10.81 0.70 -9.43
N ASN A 20 -11.31 0.32 -8.24
CA ASN A 20 -11.30 1.30 -7.16
C ASN A 20 -10.74 0.69 -5.86
N LEU A 21 -9.72 1.42 -5.37
CA LEU A 21 -9.09 0.97 -4.14
C LEU A 21 -9.48 2.08 -3.12
N LYS A 22 -8.88 2.00 -1.95
CA LYS A 22 -9.04 2.86 -0.83
C LYS A 22 -7.64 2.76 -0.15
N LEU A 23 -7.60 3.72 0.76
CA LEU A 23 -6.38 3.80 1.56
C LEU A 23 -7.06 4.11 2.93
N THR A 24 -6.45 3.77 4.03
CA THR A 24 -6.99 3.98 5.37
C THR A 24 -6.00 3.35 6.36
N ILE A 25 -4.91 4.09 6.54
CA ILE A 25 -3.94 3.54 7.46
C ILE A 25 -4.23 3.98 8.87
N THR A 26 -3.77 3.23 9.87
CA THR A 26 -4.11 3.76 11.17
C THR A 26 -3.26 3.01 12.23
N GLN A 27 -2.01 3.50 12.22
CA GLN A 27 -1.15 2.88 13.18
C GLN A 27 -1.65 2.89 14.63
N GLU A 28 -1.10 1.91 15.38
CA GLU A 28 -1.43 1.73 16.80
C GLU A 28 -0.06 1.51 17.50
N GLY A 29 0.80 2.52 17.39
CA GLY A 29 2.07 2.29 18.05
C GLY A 29 3.10 2.58 16.91
N ASN A 30 3.42 1.41 16.35
CA ASN A 30 4.33 1.31 15.27
C ASN A 30 3.84 0.14 14.39
N LYS A 31 2.57 -0.17 14.51
CA LYS A 31 2.11 -1.26 13.68
C LYS A 31 0.91 -0.62 12.93
N PHE A 32 0.92 -0.69 11.60
CA PHE A 32 -0.22 -0.07 10.97
C PHE A 32 -0.35 -1.12 9.81
N THR A 33 -1.48 -0.80 9.19
CA THR A 33 -1.79 -1.69 8.04
C THR A 33 -2.27 -0.70 7.01
N VAL A 34 -1.62 -0.74 5.86
CA VAL A 34 -2.11 0.25 4.86
C VAL A 34 -3.35 -0.38 4.32
N LYS A 35 -4.25 0.55 3.93
CA LYS A 35 -5.51 0.07 3.40
C LYS A 35 -5.61 -0.17 1.92
N GLU A 36 -4.41 -0.56 1.40
CA GLU A 36 -4.31 -0.84 -0.02
C GLU A 36 -5.35 -1.96 -0.24
N SER A 37 -6.51 -1.57 -0.80
CA SER A 37 -7.51 -2.61 -1.00
C SER A 37 -7.91 -2.73 -2.48
N SER A 38 -7.76 -3.96 -2.99
CA SER A 38 -8.09 -4.26 -4.37
C SER A 38 -7.42 -5.52 -4.94
N ASN A 39 -6.09 -5.53 -4.72
CA ASN A 39 -5.24 -6.61 -5.17
C ASN A 39 -5.90 -7.96 -5.01
N PHE A 40 -6.75 -8.01 -3.95
CA PHE A 40 -7.37 -9.31 -3.83
C PHE A 40 -8.67 -9.21 -3.02
N ARG A 41 -8.62 -8.56 -1.86
CA ARG A 41 -9.78 -8.42 -1.01
C ARG A 41 -9.59 -7.48 0.18
N ASN A 42 -8.97 -6.36 -0.13
CA ASN A 42 -8.71 -5.38 0.93
C ASN A 42 -7.41 -5.78 1.67
N ILE A 43 -6.90 -6.79 0.99
CA ILE A 43 -5.61 -7.40 1.36
C ILE A 43 -4.76 -6.41 2.10
N ASP A 44 -4.94 -6.50 3.43
CA ASP A 44 -4.21 -5.63 4.31
C ASP A 44 -2.80 -6.20 4.46
N VAL A 45 -1.91 -5.20 4.50
CA VAL A 45 -0.50 -5.61 4.65
C VAL A 45 -0.10 -5.06 6.03
N VAL A 46 -0.17 -5.95 7.03
CA VAL A 46 0.21 -5.42 8.34
C VAL A 46 1.66 -5.70 8.67
N PHE A 47 2.14 -4.81 9.55
CA PHE A 47 3.51 -5.00 9.92
C PHE A 47 3.90 -4.09 11.08
N GLU A 48 5.17 -4.24 11.54
CA GLU A 48 5.53 -3.40 12.62
C GLU A 48 6.86 -2.64 12.49
N LEU A 49 6.68 -1.59 11.68
CA LEU A 49 7.66 -0.63 11.29
C LEU A 49 9.11 -0.99 11.52
N GLY A 50 9.62 -1.55 10.43
CA GLY A 50 11.01 -1.98 10.38
C GLY A 50 10.98 -3.49 10.70
N VAL A 51 10.14 -4.15 9.91
CA VAL A 51 9.96 -5.57 10.03
C VAL A 51 9.92 -6.27 8.67
N ASP A 52 11.03 -7.03 8.53
CA ASP A 52 11.07 -7.74 7.23
C ASP A 52 10.20 -9.00 7.31
N PHE A 53 9.65 -9.37 6.12
CA PHE A 53 8.85 -10.56 6.24
C PHE A 53 8.35 -11.18 4.97
N ALA A 54 8.79 -12.38 4.61
CA ALA A 54 8.28 -12.96 3.36
C ALA A 54 6.79 -13.18 3.71
N TYR A 55 5.86 -12.83 2.84
CA TYR A 55 4.50 -13.12 3.33
C TYR A 55 3.49 -13.31 2.21
N SER A 56 3.30 -14.61 1.95
CA SER A 56 2.33 -14.90 0.89
C SER A 56 0.98 -14.37 1.44
N LEU A 57 0.66 -13.12 1.14
CA LEU A 57 -0.56 -12.46 1.58
C LEU A 57 -1.79 -13.25 1.18
N ALA A 58 -2.21 -13.22 -0.09
CA ALA A 58 -3.39 -13.93 -0.54
C ALA A 58 -3.20 -15.41 -0.84
N ASP A 59 -2.21 -16.08 -0.21
CA ASP A 59 -1.95 -17.50 -0.43
C ASP A 59 -1.06 -17.81 -1.64
N GLY A 60 -1.06 -16.91 -2.63
CA GLY A 60 -0.27 -17.07 -3.83
C GLY A 60 0.85 -16.01 -3.85
N THR A 61 0.51 -14.83 -3.31
CA THR A 61 1.44 -13.74 -3.26
C THR A 61 2.75 -14.02 -2.53
N GLU A 62 3.57 -12.97 -2.32
CA GLU A 62 4.83 -13.24 -1.62
C GLU A 62 5.22 -11.96 -0.85
N LEU A 63 5.41 -10.94 -1.70
CA LEU A 63 5.78 -9.64 -1.19
C LEU A 63 6.70 -9.71 0.02
N THR A 64 7.95 -10.01 -0.32
CA THR A 64 9.01 -10.15 0.63
C THR A 64 9.62 -8.76 0.87
N GLY A 65 9.19 -8.15 2.00
CA GLY A 65 9.81 -6.85 2.16
C GLY A 65 9.70 -6.45 3.63
N THR A 66 10.00 -5.13 3.71
CA THR A 66 10.02 -4.38 4.92
C THR A 66 9.69 -2.91 4.86
N TRP A 67 8.56 -2.47 5.47
CA TRP A 67 8.27 -1.02 5.40
C TRP A 67 8.86 -0.45 6.72
N THR A 68 9.64 0.60 6.42
CA THR A 68 10.38 1.39 7.37
C THR A 68 10.11 2.89 7.34
N MET A 69 8.82 3.14 7.56
CA MET A 69 8.22 4.45 7.60
C MET A 69 9.22 5.30 8.40
N GLU A 70 9.79 6.23 7.60
CA GLU A 70 10.77 7.15 8.19
C GLU A 70 10.04 8.28 8.85
N GLY A 71 9.61 9.21 7.97
CA GLY A 71 8.89 10.36 8.46
C GLY A 71 7.73 10.56 7.44
N ASN A 72 8.21 11.11 6.33
CA ASN A 72 7.30 11.39 5.23
C ASN A 72 7.76 10.58 4.01
N LYS A 73 8.23 9.36 4.35
CA LYS A 73 8.72 8.50 3.24
C LYS A 73 8.14 7.10 3.30
N LEU A 74 8.49 6.30 2.30
CA LEU A 74 7.94 4.97 2.33
C LEU A 74 8.85 3.95 1.70
N VAL A 75 10.09 4.16 2.17
CA VAL A 75 11.20 3.37 1.79
C VAL A 75 11.20 1.98 2.44
N GLY A 76 11.40 1.05 1.52
CA GLY A 76 11.43 -0.39 1.83
C GLY A 76 11.23 -1.07 0.46
N LYS A 77 10.90 -2.41 0.53
CA LYS A 77 10.72 -3.05 -0.72
C LYS A 77 10.27 -4.50 -0.61
N PHE A 78 9.26 -4.65 -1.48
CA PHE A 78 8.63 -5.97 -1.57
C PHE A 78 8.64 -6.30 -3.06
N LYS A 79 8.39 -7.62 -3.16
CA LYS A 79 8.33 -8.25 -4.43
C LYS A 79 7.49 -9.52 -4.54
N ARG A 80 7.00 -9.76 -5.77
CA ARG A 80 6.19 -10.93 -6.03
C ARG A 80 6.98 -12.01 -6.77
N VAL A 81 7.67 -12.78 -5.92
CA VAL A 81 8.52 -13.88 -6.27
C VAL A 81 7.94 -14.78 -7.39
N ASP A 82 6.59 -14.76 -7.40
CA ASP A 82 5.77 -15.49 -8.32
C ASP A 82 5.79 -14.90 -9.72
N ASN A 83 6.58 -13.82 -9.84
CA ASN A 83 6.67 -13.18 -11.12
C ASN A 83 5.87 -11.90 -11.26
N GLY A 84 5.39 -11.43 -10.10
CA GLY A 84 4.63 -10.18 -10.28
C GLY A 84 5.78 -9.15 -10.45
N LYS A 85 6.73 -9.51 -9.57
CA LYS A 85 7.97 -8.83 -9.37
C LYS A 85 7.92 -7.63 -8.44
N GLU A 86 9.08 -7.00 -8.29
CA GLU A 86 9.09 -5.87 -7.38
C GLU A 86 7.86 -4.96 -7.40
N LEU A 87 7.49 -4.65 -6.18
CA LEU A 87 6.35 -3.80 -5.85
C LEU A 87 6.71 -2.83 -4.75
N ILE A 88 7.95 -2.41 -4.98
CA ILE A 88 8.57 -1.45 -4.04
C ILE A 88 7.62 -0.24 -4.27
N ALA A 89 7.48 0.53 -3.22
CA ALA A 89 6.64 1.71 -3.19
C ALA A 89 7.53 2.87 -2.83
N VAL A 90 8.29 3.30 -3.83
CA VAL A 90 9.13 4.42 -3.45
C VAL A 90 8.08 5.54 -3.18
N ARG A 91 8.10 6.09 -1.95
CA ARG A 91 7.10 7.09 -1.83
C ARG A 91 7.31 8.01 -0.67
N GLU A 92 6.67 9.17 -0.88
CA GLU A 92 6.78 10.19 0.15
C GLU A 92 5.53 11.08 -0.08
N ILE A 93 4.79 11.26 1.01
CA ILE A 93 3.60 12.07 1.01
C ILE A 93 3.74 13.30 0.13
N SER A 94 2.86 13.37 -0.86
CA SER A 94 2.90 14.50 -1.76
C SER A 94 2.47 15.82 -1.14
N GLY A 95 1.19 15.85 -0.81
CA GLY A 95 0.65 17.05 -0.20
C GLY A 95 -0.08 16.58 1.08
N ASN A 96 -1.37 16.27 0.80
CA ASN A 96 -2.30 15.79 1.80
C ASN A 96 -2.97 14.52 1.21
N GLU A 97 -2.05 13.74 0.65
CA GLU A 97 -2.35 12.50 0.01
C GLU A 97 -1.03 11.74 -0.27
N LEU A 98 -1.30 10.52 -0.71
CA LEU A 98 -0.27 9.58 -1.06
C LEU A 98 -0.54 8.89 -2.41
N ILE A 99 0.55 8.98 -3.19
CA ILE A 99 0.63 8.45 -4.50
C ILE A 99 0.93 6.94 -4.33
N GLN A 100 2.21 6.66 -4.14
CA GLN A 100 2.73 5.31 -3.95
C GLN A 100 3.23 4.89 -5.36
N THR A 101 4.49 5.34 -5.47
CA THR A 101 5.21 5.07 -6.68
C THR A 101 5.83 3.68 -6.66
N TYR A 102 4.96 2.84 -7.22
CA TYR A 102 5.49 1.47 -7.21
C TYR A 102 6.67 1.47 -8.19
N THR A 103 7.81 0.98 -7.60
CA THR A 103 9.07 0.88 -8.35
C THR A 103 9.10 -0.60 -8.70
N TYR A 104 8.42 -0.77 -9.86
CA TYR A 104 8.27 -2.08 -10.45
C TYR A 104 9.03 -2.32 -11.73
N GLU A 105 9.79 -3.43 -11.72
CA GLU A 105 10.60 -3.83 -12.83
C GLU A 105 11.52 -2.75 -13.41
N GLY A 106 11.83 -1.70 -12.64
CA GLY A 106 12.68 -0.68 -13.19
C GLY A 106 11.98 0.58 -13.63
N VAL A 107 10.63 0.53 -13.63
CA VAL A 107 9.85 1.67 -14.04
C VAL A 107 9.28 2.46 -12.88
N GLU A 108 9.79 3.70 -12.77
CA GLU A 108 9.32 4.57 -11.68
C GLU A 108 7.95 5.03 -12.18
N ALA A 109 6.93 4.22 -11.77
CA ALA A 109 5.62 4.55 -12.17
C ALA A 109 4.57 4.70 -11.05
N LYS A 110 4.05 5.93 -11.10
CA LYS A 110 3.05 6.20 -10.11
C LYS A 110 1.67 6.01 -10.73
N ARG A 111 0.75 5.90 -9.76
CA ARG A 111 -0.63 5.70 -10.17
C ARG A 111 -1.34 7.05 -9.88
N ILE A 112 -1.04 7.49 -8.63
CA ILE A 112 -1.66 8.76 -8.24
C ILE A 112 -3.05 8.48 -7.61
N PHE A 113 -2.99 8.59 -6.30
CA PHE A 113 -4.10 8.40 -5.43
C PHE A 113 -4.08 9.53 -4.40
N LYS A 114 -5.09 9.46 -3.52
CA LYS A 114 -5.15 10.47 -2.50
C LYS A 114 -5.75 9.93 -1.19
N LYS A 115 -6.34 10.86 -0.46
CA LYS A 115 -6.99 10.69 0.82
C LYS A 115 -8.47 10.97 0.74
N GLU A 116 -9.02 11.20 1.95
CA GLU A 116 -10.42 11.48 2.14
C GLU A 116 -10.84 12.83 1.52
N ALA A 1 -0.45 12.81 10.57
CA ALA A 1 -0.53 12.23 9.23
C ALA A 1 -0.51 10.70 9.29
N PHE A 2 -0.90 10.13 8.13
CA PHE A 2 -0.94 8.66 8.02
C PHE A 2 -1.82 8.19 9.18
N ASP A 3 -2.81 9.07 9.47
CA ASP A 3 -3.67 8.72 10.55
C ASP A 3 -5.16 8.85 10.31
N GLY A 4 -5.62 8.32 9.18
CA GLY A 4 -7.09 8.53 9.06
C GLY A 4 -7.50 7.77 7.84
N THR A 5 -8.73 7.86 7.33
CA THR A 5 -8.92 7.02 6.12
C THR A 5 -8.37 7.87 4.99
N TRP A 6 -8.49 7.45 3.71
CA TRP A 6 -7.99 8.19 2.60
C TRP A 6 -8.60 7.76 1.25
N LYS A 7 -9.13 8.67 0.45
CA LYS A 7 -9.69 8.45 -0.85
C LYS A 7 -11.08 7.77 -0.92
N VAL A 8 -11.38 7.74 -2.21
CA VAL A 8 -12.54 7.12 -2.80
C VAL A 8 -13.83 7.04 -2.08
N ASP A 9 -14.77 7.72 -2.79
CA ASP A 9 -16.13 7.87 -2.40
C ASP A 9 -16.91 8.01 -3.74
N ARG A 10 -18.21 8.34 -3.59
CA ARG A 10 -19.06 8.52 -4.75
C ARG A 10 -18.81 9.86 -5.42
N ASN A 11 -17.97 9.84 -6.49
CA ASN A 11 -17.66 11.07 -7.22
C ASN A 11 -18.04 10.95 -8.71
N GLU A 12 -18.20 9.71 -9.18
CA GLU A 12 -18.56 9.51 -10.60
C GLU A 12 -17.39 10.02 -11.46
N ASN A 13 -17.50 11.31 -11.88
CA ASN A 13 -16.48 11.95 -12.69
C ASN A 13 -16.23 11.02 -13.90
N TYR A 14 -15.21 10.19 -13.72
CA TYR A 14 -14.87 9.26 -14.78
C TYR A 14 -14.30 8.01 -14.15
N SER A 15 -15.18 7.02 -13.96
CA SER A 15 -14.62 5.84 -13.34
C SER A 15 -15.63 4.69 -13.54
N GLY A 16 -15.13 3.45 -13.49
CA GLY A 16 -16.03 2.33 -13.66
C GLY A 16 -15.30 1.19 -14.38
N ALA A 17 -14.24 0.72 -13.68
CA ALA A 17 -13.43 -0.37 -14.20
C ALA A 17 -12.89 -1.13 -13.02
N HIS A 18 -11.75 -0.64 -12.52
CA HIS A 18 -11.14 -1.30 -11.37
C HIS A 18 -10.32 -0.33 -10.49
N ASP A 19 -11.03 0.68 -9.91
CA ASP A 19 -10.40 1.66 -9.06
C ASP A 19 -11.31 2.02 -7.86
N ASN A 20 -11.30 1.06 -6.92
CA ASN A 20 -12.09 1.23 -5.73
C ASN A 20 -11.21 1.16 -4.44
N LEU A 21 -9.97 1.46 -4.76
CA LEU A 21 -8.91 1.46 -3.75
C LEU A 21 -9.22 2.69 -2.88
N LYS A 22 -8.78 2.60 -1.64
CA LYS A 22 -8.93 3.61 -0.61
C LYS A 22 -7.69 3.29 0.27
N LEU A 23 -7.14 4.39 0.73
CA LEU A 23 -5.99 4.20 1.61
C LEU A 23 -6.72 4.43 2.97
N THR A 24 -6.05 4.27 4.07
CA THR A 24 -6.69 4.46 5.39
C THR A 24 -5.69 3.80 6.34
N ILE A 25 -4.65 4.60 6.51
CA ILE A 25 -3.60 4.13 7.38
C ILE A 25 -3.75 4.75 8.76
N THR A 26 -3.33 4.07 9.80
CA THR A 26 -3.53 4.76 11.07
C THR A 26 -2.74 3.87 12.07
N GLN A 27 -1.42 4.07 11.93
CA GLN A 27 -0.63 3.28 12.84
C GLN A 27 -1.02 3.35 14.31
N GLU A 28 -0.89 2.12 14.88
CA GLU A 28 -1.22 1.94 16.28
C GLU A 28 0.14 1.53 16.91
N GLY A 29 0.81 2.45 17.62
CA GLY A 29 2.09 1.95 18.17
C GLY A 29 2.97 1.96 16.93
N ASN A 30 3.47 0.73 16.66
CA ASN A 30 4.33 0.48 15.54
C ASN A 30 3.58 -0.36 14.50
N LYS A 31 2.31 -0.65 14.74
CA LYS A 31 1.69 -1.46 13.68
C LYS A 31 1.38 -0.30 12.71
N PHE A 32 1.56 -0.55 11.43
CA PHE A 32 1.26 0.59 10.55
C PHE A 32 0.78 -0.26 9.34
N THR A 33 -0.55 -0.22 9.39
CA THR A 33 -1.14 -0.99 8.31
C THR A 33 -1.52 0.11 7.31
N VAL A 34 -1.35 -0.31 6.08
CA VAL A 34 -1.69 0.69 5.03
C VAL A 34 -2.90 0.02 4.44
N LYS A 35 -3.78 0.90 3.95
CA LYS A 35 -4.99 0.38 3.37
C LYS A 35 -4.94 0.01 1.92
N GLU A 36 -3.82 -0.68 1.61
CA GLU A 36 -3.60 -1.11 0.25
C GLU A 36 -4.74 -2.04 -0.18
N SER A 37 -5.84 -1.45 -0.68
CA SER A 37 -6.93 -2.31 -1.09
C SER A 37 -6.91 -2.57 -2.57
N SER A 38 -6.75 -3.85 -2.99
CA SER A 38 -6.74 -4.12 -4.42
C SER A 38 -8.04 -4.76 -4.86
N ASN A 39 -7.91 -5.47 -6.01
CA ASN A 39 -9.06 -6.16 -6.57
C ASN A 39 -9.29 -7.46 -5.79
N PHE A 40 -8.13 -8.07 -5.57
CA PHE A 40 -8.11 -9.32 -4.84
C PHE A 40 -9.02 -9.18 -3.60
N ARG A 41 -8.61 -8.32 -2.68
CA ARG A 41 -9.32 -8.05 -1.47
C ARG A 41 -8.84 -6.75 -0.83
N ASN A 42 -9.14 -6.50 0.43
CA ASN A 42 -8.64 -5.24 0.94
C ASN A 42 -7.14 -5.50 1.23
N ILE A 43 -6.94 -6.81 1.26
CA ILE A 43 -5.64 -7.40 1.50
C ILE A 43 -4.64 -6.38 1.96
N ASP A 44 -4.99 -5.96 3.21
CA ASP A 44 -4.21 -4.97 3.91
C ASP A 44 -2.80 -5.51 4.09
N VAL A 45 -1.93 -4.51 4.12
CA VAL A 45 -0.52 -4.83 4.28
C VAL A 45 -0.21 -4.45 5.73
N VAL A 46 0.12 -5.51 6.51
CA VAL A 46 0.41 -5.15 7.89
C VAL A 46 1.70 -5.71 8.44
N PHE A 47 2.06 -5.01 9.53
CA PHE A 47 3.27 -5.46 10.14
C PHE A 47 3.65 -4.57 11.32
N GLU A 48 4.88 -4.73 11.85
CA GLU A 48 5.23 -3.90 12.95
C GLU A 48 6.55 -3.09 12.78
N LEU A 49 6.31 -1.98 12.09
CA LEU A 49 7.30 -1.00 11.75
C LEU A 49 8.71 -1.27 12.24
N GLY A 50 9.53 -1.57 11.25
CA GLY A 50 10.93 -1.87 11.52
C GLY A 50 10.98 -3.41 11.60
N VAL A 51 10.18 -4.04 10.77
CA VAL A 51 10.05 -5.47 10.65
C VAL A 51 10.07 -6.06 9.27
N ASP A 52 11.16 -6.84 9.10
CA ASP A 52 11.30 -7.46 7.78
C ASP A 52 10.45 -8.76 7.78
N PHE A 53 10.13 -9.16 6.54
CA PHE A 53 9.35 -10.37 6.56
C PHE A 53 9.11 -10.96 5.18
N ALA A 54 8.68 -12.22 5.16
CA ALA A 54 8.42 -12.89 3.86
C ALA A 54 6.97 -13.40 4.09
N TYR A 55 6.04 -12.46 3.91
CA TYR A 55 4.64 -12.88 4.11
C TYR A 55 3.94 -13.11 2.79
N SER A 56 3.40 -14.31 2.69
CA SER A 56 2.71 -14.52 1.41
C SER A 56 1.35 -13.79 1.50
N LEU A 57 0.64 -13.71 0.37
CA LEU A 57 -0.65 -13.05 0.27
C LEU A 57 -1.47 -13.72 -0.84
N ALA A 58 -2.68 -13.22 -1.04
CA ALA A 58 -3.58 -13.72 -2.05
C ALA A 58 -3.52 -15.24 -2.18
N ASP A 59 -2.78 -15.79 -3.16
CA ASP A 59 -2.72 -17.24 -3.29
C ASP A 59 -1.31 -17.75 -3.52
N GLY A 60 -0.33 -16.95 -3.02
CA GLY A 60 1.04 -17.36 -3.21
C GLY A 60 1.71 -16.22 -3.97
N THR A 61 1.90 -15.11 -3.26
CA THR A 61 2.52 -13.90 -3.76
C THR A 61 3.96 -13.81 -3.19
N GLU A 62 4.02 -14.03 -1.87
CA GLU A 62 5.34 -13.99 -1.21
C GLU A 62 5.98 -12.63 -1.46
N LEU A 63 5.22 -11.59 -1.02
CA LEU A 63 5.71 -10.26 -1.18
C LEU A 63 6.65 -9.91 0.00
N THR A 64 7.85 -10.48 -0.12
CA THR A 64 8.95 -10.35 0.79
C THR A 64 9.12 -8.83 0.97
N GLY A 65 8.97 -8.41 2.23
CA GLY A 65 9.15 -6.97 2.33
C GLY A 65 9.84 -6.63 3.65
N THR A 66 9.55 -5.36 3.93
CA THR A 66 10.08 -4.67 5.11
C THR A 66 9.76 -3.19 5.13
N TRP A 67 9.13 -2.64 6.19
CA TRP A 67 8.81 -1.20 6.13
C TRP A 67 9.22 -0.62 7.48
N THR A 68 9.91 0.51 7.23
CA THR A 68 10.49 1.36 8.21
C THR A 68 9.97 2.81 8.27
N MET A 69 8.67 2.82 8.02
CA MET A 69 7.79 3.95 7.97
C MET A 69 8.54 5.18 8.47
N GLU A 70 9.17 5.74 7.40
CA GLU A 70 9.95 6.94 7.71
C GLU A 70 9.02 8.15 7.79
N GLY A 71 9.69 9.30 7.82
CA GLY A 71 8.90 10.51 7.89
C GLY A 71 8.06 10.69 6.63
N ASN A 72 6.83 10.16 6.71
CA ASN A 72 5.93 10.25 5.58
C ASN A 72 6.60 9.67 4.33
N LYS A 73 7.24 8.51 4.54
CA LYS A 73 7.92 7.85 3.43
C LYS A 73 7.53 6.38 3.44
N LEU A 74 7.97 5.68 2.40
CA LEU A 74 7.62 4.26 2.35
C LEU A 74 8.68 3.46 1.68
N VAL A 75 9.83 3.65 2.35
CA VAL A 75 11.04 3.02 1.96
C VAL A 75 11.18 1.61 2.53
N GLY A 76 10.42 0.82 1.78
CA GLY A 76 10.33 -0.60 2.09
C GLY A 76 10.11 -1.29 0.71
N LYS A 77 9.73 -2.60 0.80
CA LYS A 77 9.54 -3.18 -0.50
C LYS A 77 8.75 -4.45 -0.46
N PHE A 78 8.42 -4.90 -1.68
CA PHE A 78 7.67 -6.15 -1.82
C PHE A 78 8.16 -6.66 -3.17
N LYS A 79 8.09 -8.02 -3.19
CA LYS A 79 8.50 -8.70 -4.37
C LYS A 79 8.17 -10.18 -4.48
N ARG A 80 7.53 -10.52 -5.61
CA ARG A 80 7.21 -11.91 -5.78
C ARG A 80 8.50 -12.67 -6.19
N VAL A 81 8.87 -13.51 -5.22
CA VAL A 81 10.05 -14.33 -5.38
C VAL A 81 9.87 -15.21 -6.64
N ASP A 82 8.57 -15.37 -6.89
CA ASP A 82 8.01 -16.12 -7.99
C ASP A 82 8.70 -15.81 -9.32
N ASN A 83 8.83 -14.51 -9.70
CA ASN A 83 9.49 -14.35 -10.97
C ASN A 83 10.44 -13.20 -11.12
N GLY A 84 10.64 -12.46 -10.04
CA GLY A 84 11.57 -11.33 -10.21
C GLY A 84 10.66 -10.11 -10.43
N LYS A 85 9.54 -10.19 -9.69
CA LYS A 85 8.59 -9.15 -9.78
C LYS A 85 8.90 -7.78 -9.20
N GLU A 86 9.03 -7.79 -7.85
CA GLU A 86 9.32 -6.50 -7.28
C GLU A 86 8.08 -5.59 -7.35
N LEU A 87 7.31 -5.73 -6.30
CA LEU A 87 6.08 -4.95 -6.15
C LEU A 87 6.24 -3.96 -5.02
N ILE A 88 7.40 -3.34 -5.17
CA ILE A 88 7.77 -2.33 -4.17
C ILE A 88 6.74 -1.21 -4.31
N ALA A 89 6.77 -0.42 -3.25
CA ALA A 89 5.88 0.73 -3.15
C ALA A 89 6.74 1.84 -2.56
N VAL A 90 7.60 2.28 -3.44
CA VAL A 90 8.50 3.34 -3.08
C VAL A 90 7.65 4.64 -3.10
N ARG A 91 7.50 5.25 -1.91
CA ARG A 91 6.72 6.44 -1.95
C ARG A 91 6.74 7.28 -0.68
N GLU A 92 6.26 8.51 -0.89
CA GLU A 92 6.21 9.42 0.22
C GLU A 92 5.13 10.47 -0.09
N ILE A 93 4.17 10.41 0.84
CA ILE A 93 3.04 11.32 0.74
C ILE A 93 3.42 12.73 0.37
N SER A 94 2.50 13.32 -0.41
CA SER A 94 2.75 14.68 -0.84
C SER A 94 1.53 15.52 -1.10
N GLY A 95 1.46 16.65 -0.39
CA GLY A 95 0.31 17.54 -0.59
C GLY A 95 -0.81 16.96 0.33
N ASN A 96 -0.26 16.08 1.17
CA ASN A 96 -1.08 15.39 2.14
C ASN A 96 -2.16 14.65 1.29
N GLU A 97 -1.57 13.84 0.43
CA GLU A 97 -2.30 13.01 -0.48
C GLU A 97 -1.27 12.16 -1.30
N LEU A 98 -1.22 10.91 -0.79
CA LEU A 98 -0.41 9.84 -1.25
C LEU A 98 -0.75 9.33 -2.67
N ILE A 99 0.40 8.84 -3.17
CA ILE A 99 0.52 8.27 -4.47
C ILE A 99 0.66 6.72 -4.30
N GLN A 100 1.87 6.22 -4.51
CA GLN A 100 2.21 4.79 -4.43
C GLN A 100 2.60 4.55 -5.92
N THR A 101 3.92 4.71 -6.09
CA THR A 101 4.49 4.55 -7.39
C THR A 101 4.61 3.16 -7.97
N TYR A 102 4.75 2.28 -6.98
CA TYR A 102 4.87 0.87 -7.39
C TYR A 102 6.15 0.79 -8.24
N THR A 103 7.29 0.80 -7.52
CA THR A 103 8.55 0.73 -8.27
C THR A 103 8.69 -0.73 -8.68
N TYR A 104 7.90 -0.99 -9.75
CA TYR A 104 7.89 -2.32 -10.31
C TYR A 104 8.66 -2.44 -11.61
N GLU A 105 9.70 -3.25 -11.53
CA GLU A 105 10.64 -3.57 -12.57
C GLU A 105 10.70 -2.64 -13.76
N GLY A 106 11.10 -1.38 -13.48
CA GLY A 106 11.18 -0.47 -14.57
C GLY A 106 9.96 0.41 -14.82
N VAL A 107 8.95 0.34 -13.91
CA VAL A 107 7.78 1.12 -14.06
C VAL A 107 7.40 2.01 -12.88
N GLU A 108 7.58 3.33 -13.17
CA GLU A 108 7.26 4.30 -12.11
C GLU A 108 5.78 4.63 -12.30
N ALA A 109 4.93 3.71 -11.84
CA ALA A 109 3.53 3.97 -12.00
C ALA A 109 2.87 4.81 -10.88
N LYS A 110 2.99 6.10 -11.09
CA LYS A 110 2.39 6.95 -10.11
C LYS A 110 0.97 7.24 -10.53
N ARG A 111 0.19 7.41 -9.47
CA ARG A 111 -1.24 7.71 -9.69
C ARG A 111 -1.56 8.62 -8.47
N ILE A 112 -1.79 9.88 -8.88
CA ILE A 112 -2.09 10.77 -7.78
C ILE A 112 -3.57 10.64 -7.35
N PHE A 113 -3.60 10.44 -6.05
CA PHE A 113 -4.86 10.28 -5.34
C PHE A 113 -4.75 11.22 -4.14
N LYS A 114 -5.51 10.87 -3.10
CA LYS A 114 -5.50 11.74 -1.95
C LYS A 114 -6.16 11.13 -0.72
N LYS A 115 -6.93 11.98 -0.05
CA LYS A 115 -7.66 11.68 1.18
C LYS A 115 -9.05 12.20 1.25
N GLU A 116 -9.83 11.54 2.15
CA GLU A 116 -11.18 11.90 2.37
C GLU A 116 -11.32 13.27 3.10
N ALA A 1 -0.20 14.11 7.81
CA ALA A 1 -1.14 13.24 8.44
C ALA A 1 -1.37 11.93 7.65
N PHE A 2 -1.85 10.95 8.43
CA PHE A 2 -2.11 9.66 7.81
C PHE A 2 -3.43 9.15 8.48
N ASP A 3 -3.23 8.81 9.76
CA ASP A 3 -4.33 8.33 10.51
C ASP A 3 -5.72 8.89 10.23
N GLY A 4 -6.46 8.35 9.25
CA GLY A 4 -7.74 9.03 9.15
C GLY A 4 -8.51 8.50 7.95
N THR A 5 -8.28 7.26 7.51
CA THR A 5 -9.03 6.80 6.36
C THR A 5 -8.56 7.53 5.10
N TRP A 6 -8.75 6.99 3.89
CA TRP A 6 -8.32 7.65 2.69
C TRP A 6 -9.12 7.18 1.47
N LYS A 7 -8.92 7.90 0.38
CA LYS A 7 -9.54 7.60 -0.86
C LYS A 7 -11.03 7.25 -0.87
N VAL A 8 -11.34 7.00 -2.14
CA VAL A 8 -12.62 6.54 -2.63
C VAL A 8 -13.88 7.06 -2.06
N ASP A 9 -13.84 8.43 -2.10
CA ASP A 9 -14.93 9.25 -1.62
C ASP A 9 -15.10 10.31 -2.73
N ARG A 10 -14.04 11.08 -2.98
CA ARG A 10 -14.03 12.10 -3.99
C ARG A 10 -13.56 11.56 -5.35
N ASN A 11 -14.28 12.06 -6.39
CA ASN A 11 -14.00 11.70 -7.77
C ASN A 11 -14.47 10.31 -8.15
N GLU A 12 -14.67 9.39 -7.21
CA GLU A 12 -15.13 8.04 -7.56
C GLU A 12 -14.10 7.35 -8.48
N ASN A 13 -12.84 7.56 -8.11
CA ASN A 13 -11.70 7.00 -8.83
C ASN A 13 -11.67 7.56 -10.25
N TYR A 14 -10.62 8.36 -10.41
CA TYR A 14 -10.38 9.03 -11.68
C TYR A 14 -10.41 8.06 -12.85
N SER A 15 -9.72 6.91 -12.59
CA SER A 15 -9.72 5.95 -13.68
C SER A 15 -10.89 5.00 -13.45
N GLY A 16 -11.77 4.92 -14.46
CA GLY A 16 -12.90 4.05 -14.34
C GLY A 16 -12.48 2.63 -14.83
N ALA A 17 -12.15 1.83 -13.78
CA ALA A 17 -11.72 0.45 -14.00
C ALA A 17 -11.98 -0.25 -12.67
N HIS A 18 -11.13 0.01 -11.68
CA HIS A 18 -11.31 -0.61 -10.37
C HIS A 18 -12.39 0.18 -9.61
N ASP A 19 -13.07 -0.53 -8.69
CA ASP A 19 -14.11 0.16 -7.93
C ASP A 19 -14.26 -0.46 -6.52
N ASN A 20 -13.10 -0.86 -5.97
CA ASN A 20 -13.17 -1.45 -4.64
C ASN A 20 -11.76 -1.39 -4.00
N LEU A 21 -11.54 -0.25 -3.37
CA LEU A 21 -10.29 0.05 -2.69
C LEU A 21 -10.62 1.36 -1.92
N LYS A 22 -9.65 1.69 -1.08
CA LYS A 22 -9.60 2.82 -0.21
C LYS A 22 -8.22 2.68 0.49
N LEU A 23 -7.99 3.66 1.33
CA LEU A 23 -6.73 3.62 2.07
C LEU A 23 -7.29 4.03 3.47
N THR A 24 -6.54 3.85 4.51
CA THR A 24 -6.85 4.13 5.90
C THR A 24 -5.65 3.63 6.75
N ILE A 25 -4.59 4.41 6.61
CA ILE A 25 -3.45 3.97 7.40
C ILE A 25 -3.56 4.55 8.80
N THR A 26 -3.14 3.83 9.82
CA THR A 26 -3.27 4.42 11.14
C THR A 26 -2.32 3.61 12.06
N GLN A 27 -1.07 4.05 11.85
CA GLN A 27 -0.09 3.38 12.66
C GLN A 27 -0.38 3.38 14.15
N GLU A 28 0.17 2.37 14.86
CA GLU A 28 -0.05 2.26 16.32
C GLU A 28 1.38 2.20 16.90
N GLY A 29 2.04 3.34 17.07
CA GLY A 29 3.39 3.23 17.61
C GLY A 29 4.27 2.99 16.35
N ASN A 30 4.29 1.68 16.13
CA ASN A 30 5.01 1.12 15.04
C ASN A 30 4.12 0.19 14.19
N LYS A 31 2.85 0.09 14.55
CA LYS A 31 2.13 -0.83 13.67
C LYS A 31 1.89 0.10 12.49
N PHE A 32 1.62 -0.42 11.31
CA PHE A 32 1.42 0.65 10.32
C PHE A 32 0.90 -0.25 9.20
N THR A 33 -0.42 -0.37 9.39
CA THR A 33 -1.13 -1.20 8.42
C THR A 33 -1.64 -0.19 7.41
N VAL A 34 -1.32 -0.54 6.19
CA VAL A 34 -1.80 0.38 5.13
C VAL A 34 -3.00 -0.39 4.64
N LYS A 35 -4.05 0.43 4.50
CA LYS A 35 -5.29 -0.14 4.05
C LYS A 35 -5.44 -0.33 2.58
N GLU A 36 -4.50 -1.23 2.12
CA GLU A 36 -4.39 -1.61 0.76
C GLU A 36 -5.47 -2.68 0.44
N SER A 37 -6.71 -2.17 0.42
CA SER A 37 -7.73 -3.19 0.11
C SER A 37 -7.68 -3.44 -1.38
N SER A 38 -7.52 -4.73 -1.78
CA SER A 38 -7.47 -4.96 -3.21
C SER A 38 -7.48 -6.46 -3.50
N ASN A 39 -7.14 -6.83 -4.76
CA ASN A 39 -7.11 -8.23 -5.16
C ASN A 39 -8.50 -8.83 -5.21
N PHE A 40 -8.86 -9.49 -4.10
CA PHE A 40 -10.18 -10.06 -4.12
C PHE A 40 -10.88 -9.93 -2.77
N ARG A 41 -10.41 -9.01 -1.95
CA ARG A 41 -11.01 -8.80 -0.65
C ARG A 41 -10.36 -7.63 0.07
N ASN A 42 -10.79 -7.37 1.31
CA ASN A 42 -10.13 -6.26 1.99
C ASN A 42 -9.01 -6.97 2.78
N ILE A 43 -7.85 -6.44 2.41
CA ILE A 43 -6.67 -7.06 3.09
C ILE A 43 -5.74 -5.92 3.37
N ASP A 44 -5.07 -6.14 4.52
CA ASP A 44 -4.13 -5.13 4.93
C ASP A 44 -2.73 -5.74 4.93
N VAL A 45 -1.85 -4.79 5.18
CA VAL A 45 -0.47 -5.23 5.22
C VAL A 45 -0.04 -4.75 6.62
N VAL A 46 -0.24 -5.70 7.54
CA VAL A 46 0.14 -5.30 8.88
C VAL A 46 1.47 -5.89 9.31
N PHE A 47 1.99 -5.14 10.29
CA PHE A 47 3.27 -5.56 10.82
C PHE A 47 3.85 -4.49 11.72
N GLU A 48 5.16 -4.45 11.97
CA GLU A 48 5.62 -3.38 12.83
C GLU A 48 6.94 -2.71 12.35
N LEU A 49 6.66 -1.78 11.46
CA LEU A 49 7.62 -0.94 10.79
C LEU A 49 8.88 -1.62 10.30
N GLY A 50 9.81 -1.81 11.22
CA GLY A 50 11.07 -2.46 10.84
C GLY A 50 10.83 -3.95 11.12
N VAL A 51 10.01 -4.54 10.27
CA VAL A 51 9.64 -5.92 10.34
C VAL A 51 9.45 -6.54 8.97
N ASP A 52 10.60 -7.12 8.53
CA ASP A 52 10.48 -7.74 7.21
C ASP A 52 9.77 -9.11 7.30
N PHE A 53 9.04 -9.32 6.18
CA PHE A 53 8.32 -10.56 6.13
C PHE A 53 8.02 -11.09 4.75
N ALA A 54 7.71 -12.38 4.61
CA ALA A 54 7.40 -12.95 3.29
C ALA A 54 5.88 -13.25 3.42
N TYR A 55 5.12 -12.45 2.68
CA TYR A 55 3.67 -12.71 2.77
C TYR A 55 3.10 -12.96 1.40
N SER A 56 1.79 -13.19 1.42
CA SER A 56 1.19 -13.45 0.09
C SER A 56 -0.17 -12.70 0.11
N LEU A 57 -0.15 -11.53 -0.50
CA LEU A 57 -1.34 -10.69 -0.58
C LEU A 57 -2.55 -11.37 -1.23
N ALA A 58 -2.52 -11.54 -2.55
CA ALA A 58 -3.61 -12.18 -3.27
C ALA A 58 -3.52 -13.69 -3.34
N ASP A 59 -2.71 -14.30 -2.44
CA ASP A 59 -2.56 -15.75 -2.41
C ASP A 59 -1.74 -16.31 -3.57
N GLY A 60 -1.28 -15.38 -4.42
CA GLY A 60 -0.48 -15.78 -5.57
C GLY A 60 0.61 -14.71 -5.77
N THR A 61 0.89 -14.08 -4.62
CA THR A 61 1.89 -13.02 -4.52
C THR A 61 3.00 -13.44 -3.55
N GLU A 62 4.09 -12.66 -3.48
CA GLU A 62 5.10 -13.13 -2.54
C GLU A 62 5.95 -11.92 -2.15
N LEU A 63 5.14 -10.84 -2.04
CA LEU A 63 5.73 -9.57 -1.67
C LEU A 63 6.48 -9.74 -0.37
N THR A 64 7.81 -9.90 -0.53
CA THR A 64 8.72 -10.07 0.54
C THR A 64 9.43 -8.75 0.86
N GLY A 65 8.93 -8.14 1.92
CA GLY A 65 9.63 -6.86 2.21
C GLY A 65 9.17 -6.41 3.61
N THR A 66 9.56 -5.15 3.80
CA THR A 66 9.29 -4.43 5.03
C THR A 66 8.87 -3.00 4.80
N TRP A 67 7.99 -2.40 5.64
CA TRP A 67 7.61 -0.99 5.37
C TRP A 67 7.95 -0.29 6.70
N THR A 68 9.07 0.41 6.54
CA THR A 68 9.74 1.20 7.53
C THR A 68 9.53 2.72 7.43
N MET A 69 8.30 3.00 7.84
CA MET A 69 7.73 4.34 7.89
C MET A 69 8.78 5.15 8.61
N GLU A 70 9.59 5.87 7.81
CA GLU A 70 10.63 6.68 8.47
C GLU A 70 10.08 8.02 8.86
N GLY A 71 9.00 8.40 8.19
CA GLY A 71 8.44 9.69 8.56
C GLY A 71 8.16 10.39 7.22
N ASN A 72 6.86 10.33 6.91
CA ASN A 72 6.39 10.92 5.69
C ASN A 72 7.05 10.26 4.47
N LYS A 73 7.42 8.98 4.73
CA LYS A 73 8.07 8.21 3.66
C LYS A 73 7.47 6.83 3.53
N LEU A 74 8.09 5.97 2.72
CA LEU A 74 7.47 4.66 2.62
C LEU A 74 8.38 3.62 2.00
N VAL A 75 9.65 3.80 2.41
CA VAL A 75 10.77 2.99 2.01
C VAL A 75 10.78 1.56 2.53
N GLY A 76 11.34 0.74 1.65
CA GLY A 76 11.46 -0.69 1.94
C GLY A 76 11.41 -1.27 0.50
N LYS A 77 10.78 -2.47 0.47
CA LYS A 77 10.68 -3.08 -0.83
C LYS A 77 10.19 -4.49 -0.80
N PHE A 78 9.08 -4.65 -1.57
CA PHE A 78 8.45 -5.98 -1.67
C PHE A 78 8.71 -6.32 -3.13
N LYS A 79 8.46 -7.63 -3.34
CA LYS A 79 8.65 -8.16 -4.66
C LYS A 79 7.97 -9.49 -4.87
N ARG A 80 7.56 -9.74 -6.12
CA ARG A 80 6.93 -11.02 -6.37
C ARG A 80 8.04 -11.94 -6.99
N VAL A 81 8.90 -12.27 -6.04
CA VAL A 81 10.05 -13.09 -6.22
C VAL A 81 9.95 -14.13 -7.34
N ASP A 82 8.90 -14.92 -7.25
CA ASP A 82 8.68 -15.96 -8.21
C ASP A 82 8.72 -15.45 -9.65
N ASN A 83 8.31 -14.18 -9.87
CA ASN A 83 8.32 -13.70 -11.20
C ASN A 83 7.64 -12.35 -11.42
N GLY A 84 7.02 -11.73 -10.42
CA GLY A 84 6.39 -10.46 -10.78
C GLY A 84 7.48 -9.41 -10.52
N LYS A 85 8.28 -9.84 -9.53
CA LYS A 85 9.36 -9.00 -9.15
C LYS A 85 9.07 -7.77 -8.29
N GLU A 86 10.10 -6.94 -8.17
CA GLU A 86 9.85 -5.80 -7.33
C GLU A 86 8.52 -5.06 -7.57
N LEU A 87 8.01 -4.71 -6.39
CA LEU A 87 6.76 -4.00 -6.17
C LEU A 87 6.87 -3.14 -4.92
N ILE A 88 8.03 -2.47 -4.98
CA ILE A 88 8.40 -1.55 -3.91
C ILE A 88 7.32 -0.44 -3.97
N ALA A 89 7.45 0.40 -2.93
CA ALA A 89 6.52 1.52 -2.81
C ALA A 89 7.31 2.74 -2.44
N VAL A 90 8.11 3.09 -3.43
CA VAL A 90 8.91 4.26 -3.16
C VAL A 90 7.82 5.36 -2.98
N ARG A 91 7.70 5.79 -1.71
CA ARG A 91 6.68 6.79 -1.60
C ARG A 91 6.75 7.57 -0.32
N GLU A 92 6.13 8.76 -0.54
CA GLU A 92 6.05 9.68 0.56
C GLU A 92 4.89 10.63 0.20
N ILE A 93 4.05 10.87 1.21
CA ILE A 93 2.91 11.74 1.02
C ILE A 93 3.30 12.95 0.16
N SER A 94 2.80 12.85 -1.07
CA SER A 94 3.12 13.97 -1.95
C SER A 94 2.57 15.30 -1.51
N GLY A 95 1.27 15.28 -1.23
CA GLY A 95 0.69 16.55 -0.79
C GLY A 95 -0.83 16.30 -0.59
N ASN A 96 -1.01 16.04 0.73
CA ASN A 96 -2.30 15.77 1.29
C ASN A 96 -2.92 14.54 0.58
N GLU A 97 -2.03 13.62 0.28
CA GLU A 97 -2.29 12.35 -0.36
C GLU A 97 -0.90 11.63 -0.50
N LEU A 98 -1.09 10.45 -1.08
CA LEU A 98 -0.02 9.53 -1.37
C LEU A 98 -0.28 8.88 -2.74
N ILE A 99 0.81 8.93 -3.51
CA ILE A 99 0.82 8.38 -4.82
C ILE A 99 0.93 6.84 -4.55
N GLN A 100 2.14 6.29 -4.70
CA GLN A 100 2.44 4.88 -4.50
C GLN A 100 3.22 4.53 -5.81
N THR A 101 4.46 5.03 -5.74
CA THR A 101 5.36 4.83 -6.83
C THR A 101 6.05 3.47 -6.76
N TYR A 102 5.31 2.64 -7.51
CA TYR A 102 5.87 1.28 -7.51
C TYR A 102 7.20 1.39 -8.29
N THR A 103 8.24 0.91 -7.57
CA THR A 103 9.59 0.94 -8.13
C THR A 103 9.77 -0.53 -8.56
N TYR A 104 9.07 -0.74 -9.71
CA TYR A 104 9.05 -2.04 -10.35
C TYR A 104 10.06 -2.23 -11.44
N GLU A 105 11.04 -3.08 -11.10
CA GLU A 105 12.14 -3.43 -11.98
C GLU A 105 12.81 -2.23 -12.63
N GLY A 106 12.91 -1.13 -11.85
CA GLY A 106 13.56 -0.01 -12.51
C GLY A 106 12.59 1.02 -13.04
N VAL A 107 11.30 0.61 -13.05
CA VAL A 107 10.21 1.42 -13.51
C VAL A 107 9.48 2.13 -12.38
N GLU A 108 9.28 3.46 -12.62
CA GLU A 108 8.59 4.25 -11.61
C GLU A 108 7.11 4.22 -11.92
N ALA A 109 6.48 3.05 -11.68
CA ALA A 109 5.07 3.10 -12.00
C ALA A 109 4.24 3.55 -10.78
N LYS A 110 3.85 4.82 -10.91
CA LYS A 110 3.09 5.33 -9.84
C LYS A 110 1.62 5.43 -10.24
N ARG A 111 0.86 5.16 -9.18
CA ARG A 111 -0.61 5.20 -9.37
C ARG A 111 -0.99 6.14 -8.18
N ILE A 112 -1.59 7.24 -8.68
CA ILE A 112 -1.98 8.19 -7.67
C ILE A 112 -3.29 7.82 -6.96
N PHE A 113 -3.13 8.04 -5.67
CA PHE A 113 -4.15 7.81 -4.70
C PHE A 113 -4.32 9.12 -3.93
N LYS A 114 -5.22 9.06 -2.94
CA LYS A 114 -5.45 10.26 -2.18
C LYS A 114 -6.53 10.10 -1.12
N LYS A 115 -6.06 10.48 0.08
CA LYS A 115 -6.82 10.49 1.29
C LYS A 115 -8.25 10.98 1.22
N GLU A 116 -8.26 12.30 0.83
CA GLU A 116 -9.50 13.01 0.68
C GLU A 116 -9.38 14.27 -0.18
N ALA A 1 -0.76 12.40 10.50
CA ALA A 1 -1.51 12.83 9.33
C ALA A 1 -2.00 11.61 8.50
N PHE A 2 -1.12 10.59 8.56
CA PHE A 2 -1.43 9.36 7.81
C PHE A 2 -2.65 8.75 8.53
N ASP A 3 -2.53 8.82 9.90
CA ASP A 3 -3.59 8.29 10.68
C ASP A 3 -4.99 8.74 10.28
N GLY A 4 -5.68 7.90 9.53
CA GLY A 4 -7.03 8.36 9.18
C GLY A 4 -7.37 7.62 7.91
N THR A 5 -8.67 7.42 7.65
CA THR A 5 -8.95 6.69 6.41
C THR A 5 -8.52 7.55 5.25
N TRP A 6 -8.48 6.97 4.05
CA TRP A 6 -8.11 7.57 2.84
C TRP A 6 -8.95 7.06 1.63
N LYS A 7 -9.14 7.95 0.66
CA LYS A 7 -9.83 7.71 -0.57
C LYS A 7 -11.28 7.18 -0.48
N VAL A 8 -11.67 7.04 -1.74
CA VAL A 8 -12.93 6.47 -2.16
C VAL A 8 -14.16 6.67 -1.35
N ASP A 9 -15.25 6.88 -2.16
CA ASP A 9 -16.55 7.10 -1.58
C ASP A 9 -17.58 7.04 -2.73
N ARG A 10 -17.51 5.97 -3.54
CA ARG A 10 -18.43 5.80 -4.65
C ARG A 10 -18.98 4.38 -4.82
N ASN A 11 -20.22 4.34 -5.35
CA ASN A 11 -20.88 3.07 -5.59
C ASN A 11 -21.07 2.89 -7.09
N GLU A 12 -20.09 2.19 -7.69
CA GLU A 12 -20.17 1.95 -9.13
C GLU A 12 -20.99 0.68 -9.41
N ASN A 13 -20.44 -0.44 -8.93
CA ASN A 13 -21.17 -1.68 -9.17
C ASN A 13 -20.97 -2.59 -7.96
N TYR A 14 -21.87 -3.58 -8.01
CA TYR A 14 -21.95 -4.61 -6.99
C TYR A 14 -22.37 -4.00 -5.66
N SER A 15 -23.02 -4.81 -4.80
CA SER A 15 -23.44 -4.27 -3.52
C SER A 15 -23.61 -5.44 -2.59
N GLY A 16 -22.79 -6.45 -2.88
CA GLY A 16 -22.83 -7.65 -2.07
C GLY A 16 -21.47 -7.96 -1.38
N ALA A 17 -20.81 -6.83 -1.09
CA ALA A 17 -19.52 -6.97 -0.44
C ALA A 17 -19.16 -5.66 0.25
N HIS A 18 -18.21 -4.89 -0.34
CA HIS A 18 -17.82 -3.61 0.29
C HIS A 18 -17.30 -2.62 -0.73
N ASP A 19 -16.73 -1.52 -0.18
CA ASP A 19 -16.20 -0.52 -1.10
C ASP A 19 -15.02 -1.07 -1.92
N ASN A 20 -14.35 -0.13 -2.61
CA ASN A 20 -13.20 -0.46 -3.44
C ASN A 20 -11.85 -0.33 -2.73
N LEU A 21 -10.99 0.46 -3.34
CA LEU A 21 -9.65 0.69 -2.77
C LEU A 21 -9.93 1.81 -1.76
N LYS A 22 -9.05 1.88 -0.75
CA LYS A 22 -9.18 2.88 0.27
C LYS A 22 -8.00 2.65 1.23
N LEU A 23 -7.27 3.74 1.37
CA LEU A 23 -6.11 3.65 2.25
C LEU A 23 -6.73 4.02 3.62
N THR A 24 -6.08 3.71 4.71
CA THR A 24 -6.58 4.00 6.04
C THR A 24 -5.49 3.50 7.01
N ILE A 25 -4.37 4.17 6.85
CA ILE A 25 -3.32 3.76 7.75
C ILE A 25 -3.51 4.43 9.10
N THR A 26 -3.15 3.76 10.19
CA THR A 26 -3.37 4.48 11.42
C THR A 26 -2.71 3.58 12.49
N GLN A 27 -1.39 3.80 12.44
CA GLN A 27 -0.54 3.07 13.34
C GLN A 27 -1.12 2.71 14.69
N GLU A 28 -0.78 1.47 15.07
CA GLU A 28 -1.25 0.93 16.36
C GLU A 28 -0.01 1.02 17.28
N GLY A 29 0.72 -0.07 17.49
CA GLY A 29 1.87 0.08 18.37
C GLY A 29 2.99 -0.50 17.45
N ASN A 30 3.36 0.46 16.60
CA ASN A 30 4.38 0.23 15.61
C ASN A 30 3.80 -0.77 14.60
N LYS A 31 2.49 -0.76 14.44
CA LYS A 31 1.93 -1.70 13.50
C LYS A 31 1.00 -0.79 12.69
N PHE A 32 1.38 -0.56 11.44
CA PHE A 32 0.48 0.32 10.70
C PHE A 32 -0.22 -0.83 9.91
N THR A 33 -1.30 -0.28 9.37
CA THR A 33 -2.07 -1.26 8.57
C THR A 33 -2.25 -0.39 7.33
N VAL A 34 -1.37 -0.68 6.41
CA VAL A 34 -1.59 0.18 5.21
C VAL A 34 -2.86 -0.46 4.69
N LYS A 35 -3.82 0.50 4.51
CA LYS A 35 -5.10 0.06 4.03
C LYS A 35 -5.26 -0.30 2.56
N GLU A 36 -4.07 -0.31 1.93
CA GLU A 36 -3.91 -0.64 0.54
C GLU A 36 -4.75 -1.94 0.37
N SER A 37 -5.89 -1.71 -0.29
CA SER A 37 -6.76 -2.88 -0.50
C SER A 37 -7.29 -2.77 -1.92
N SER A 38 -7.49 -3.92 -2.61
CA SER A 38 -8.00 -3.77 -3.97
C SER A 38 -9.03 -4.81 -4.32
N ASN A 39 -9.43 -4.76 -5.58
CA ASN A 39 -10.42 -5.71 -6.05
C ASN A 39 -9.64 -7.04 -6.18
N PHE A 40 -8.33 -6.77 -6.19
CA PHE A 40 -7.51 -7.94 -6.31
C PHE A 40 -7.04 -8.38 -4.89
N ARG A 41 -5.76 -8.21 -4.60
CA ARG A 41 -5.28 -8.62 -3.30
C ARG A 41 -4.37 -7.70 -2.56
N ASN A 42 -4.65 -6.38 -2.50
CA ASN A 42 -3.71 -5.57 -1.72
C ASN A 42 -4.08 -6.00 -0.27
N ILE A 43 -5.38 -6.19 -0.25
CA ILE A 43 -6.09 -6.64 0.95
C ILE A 43 -5.23 -6.56 2.16
N ASP A 44 -4.82 -5.31 2.41
CA ASP A 44 -3.99 -4.94 3.52
C ASP A 44 -2.62 -5.55 3.39
N VAL A 45 -1.71 -4.64 3.72
CA VAL A 45 -0.32 -5.09 3.66
C VAL A 45 0.23 -4.55 4.99
N VAL A 46 -0.54 -4.88 6.03
CA VAL A 46 -0.09 -4.40 7.33
C VAL A 46 1.25 -4.94 7.71
N PHE A 47 1.81 -4.32 8.77
CA PHE A 47 3.10 -4.82 9.16
C PHE A 47 3.49 -4.30 10.53
N GLU A 48 4.81 -4.25 10.87
CA GLU A 48 5.12 -3.75 12.18
C GLU A 48 6.34 -2.79 12.24
N LEU A 49 6.25 -1.80 11.38
CA LEU A 49 7.18 -0.74 11.17
C LEU A 49 8.59 -0.92 11.69
N GLY A 50 9.50 -1.00 10.72
CA GLY A 50 10.92 -1.17 11.01
C GLY A 50 11.01 -2.65 11.43
N VAL A 51 10.43 -3.43 10.52
CA VAL A 51 10.34 -4.87 10.60
C VAL A 51 10.15 -5.57 9.26
N ASP A 52 11.16 -6.45 9.06
CA ASP A 52 11.06 -7.19 7.79
C ASP A 52 10.25 -8.47 7.99
N PHE A 53 9.79 -8.97 6.81
CA PHE A 53 9.02 -10.17 6.88
C PHE A 53 8.59 -10.73 5.54
N ALA A 54 8.06 -11.94 5.52
CA ALA A 54 7.60 -12.59 4.30
C ALA A 54 6.09 -12.74 4.58
N TYR A 55 5.30 -12.44 3.57
CA TYR A 55 3.86 -12.59 3.85
C TYR A 55 3.08 -13.16 2.68
N SER A 56 2.79 -14.46 2.81
CA SER A 56 2.04 -15.01 1.69
C SER A 56 0.65 -14.34 1.84
N LEU A 57 -0.07 -14.25 0.74
CA LEU A 57 -1.38 -13.63 0.79
C LEU A 57 -2.33 -14.29 -0.21
N ALA A 58 -2.44 -13.77 -1.43
CA ALA A 58 -3.30 -14.31 -2.44
C ALA A 58 -3.02 -15.76 -2.86
N ASP A 59 -1.94 -16.35 -2.35
CA ASP A 59 -1.54 -17.72 -2.65
C ASP A 59 -0.32 -17.73 -3.56
N GLY A 60 -0.06 -16.53 -4.17
CA GLY A 60 1.06 -16.41 -5.06
C GLY A 60 1.95 -15.30 -4.39
N THR A 61 1.26 -14.16 -4.18
CA THR A 61 1.81 -12.98 -3.59
C THR A 61 2.75 -13.36 -2.43
N GLU A 62 3.91 -12.68 -2.33
CA GLU A 62 4.74 -13.08 -1.21
C GLU A 62 5.65 -11.90 -0.83
N LEU A 63 4.98 -10.73 -0.94
CA LEU A 63 5.63 -9.50 -0.64
C LEU A 63 6.48 -9.59 0.61
N THR A 64 7.78 -9.80 0.31
CA THR A 64 8.84 -9.94 1.26
C THR A 64 9.45 -8.54 1.44
N GLY A 65 9.01 -7.91 2.54
CA GLY A 65 9.60 -6.59 2.67
C GLY A 65 9.42 -6.12 4.11
N THR A 66 9.88 -4.87 4.20
CA THR A 66 9.86 -4.10 5.42
C THR A 66 9.51 -2.68 5.17
N TRP A 67 8.76 -2.02 6.07
CA TRP A 67 8.43 -0.60 5.85
C TRP A 67 8.96 0.06 7.14
N THR A 68 10.00 0.82 6.83
CA THR A 68 10.73 1.59 7.78
C THR A 68 10.34 3.09 7.80
N MET A 69 9.04 3.19 7.71
CA MET A 69 8.31 4.45 7.70
C MET A 69 9.00 5.40 8.66
N GLU A 70 9.66 6.34 7.96
CA GLU A 70 10.39 7.38 8.70
C GLU A 70 9.41 8.47 9.11
N GLY A 71 9.06 9.25 8.10
CA GLY A 71 8.13 10.30 8.42
C GLY A 71 7.08 10.36 7.31
N ASN A 72 7.50 11.02 6.21
CA ASN A 72 6.58 11.13 5.10
C ASN A 72 7.17 10.41 3.89
N LYS A 73 7.71 9.20 4.18
CA LYS A 73 8.29 8.45 3.08
C LYS A 73 8.01 6.95 3.17
N LEU A 74 8.49 6.23 2.17
CA LEU A 74 8.26 4.78 2.20
C LEU A 74 9.41 4.05 1.55
N VAL A 75 10.34 3.69 2.45
CA VAL A 75 11.52 2.99 2.02
C VAL A 75 11.76 1.62 2.61
N GLY A 76 11.78 0.75 1.62
CA GLY A 76 12.01 -0.66 1.95
C GLY A 76 11.83 -1.40 0.60
N LYS A 77 11.18 -2.60 0.71
CA LYS A 77 11.00 -3.30 -0.54
C LYS A 77 10.27 -4.61 -0.40
N PHE A 78 9.29 -4.69 -1.32
CA PHE A 78 8.48 -5.94 -1.33
C PHE A 78 8.58 -6.36 -2.77
N LYS A 79 8.11 -7.61 -2.85
CA LYS A 79 8.10 -8.27 -4.12
C LYS A 79 7.35 -9.57 -4.12
N ARG A 80 6.67 -9.85 -5.26
CA ARG A 80 5.94 -11.11 -5.33
C ARG A 80 6.75 -12.04 -6.29
N VAL A 81 7.88 -12.41 -5.72
CA VAL A 81 8.89 -13.26 -6.28
C VAL A 81 8.39 -14.34 -7.23
N ASP A 82 7.27 -14.93 -6.84
CA ASP A 82 6.66 -15.98 -7.63
C ASP A 82 6.37 -15.54 -9.06
N ASN A 83 6.11 -14.23 -9.23
CA ASN A 83 5.82 -13.80 -10.56
C ASN A 83 5.37 -12.36 -10.71
N GLY A 84 5.11 -11.62 -9.62
CA GLY A 84 4.66 -10.26 -9.88
C GLY A 84 5.95 -9.41 -9.79
N LYS A 85 6.77 -9.93 -8.86
CA LYS A 85 8.03 -9.26 -8.64
C LYS A 85 8.00 -8.00 -7.80
N GLU A 86 9.16 -7.33 -7.77
CA GLU A 86 9.20 -6.15 -6.96
C GLU A 86 8.01 -5.22 -7.21
N LEU A 87 7.70 -4.55 -6.11
CA LEU A 87 6.64 -3.56 -6.00
C LEU A 87 6.93 -2.65 -4.81
N ILE A 88 8.22 -2.48 -4.72
CA ILE A 88 8.81 -1.64 -3.66
C ILE A 88 7.96 -0.38 -3.80
N ALA A 89 7.43 -0.02 -2.65
CA ALA A 89 6.58 1.15 -2.55
C ALA A 89 7.40 2.38 -2.30
N VAL A 90 8.15 2.73 -3.36
CA VAL A 90 8.92 3.92 -3.10
C VAL A 90 7.82 5.01 -2.98
N ARG A 91 7.64 5.46 -1.72
CA ARG A 91 6.63 6.47 -1.62
C ARG A 91 7.03 7.58 -0.67
N GLU A 92 6.13 8.59 -0.84
CA GLU A 92 6.35 9.76 0.00
C GLU A 92 5.21 10.75 -0.25
N ILE A 93 4.22 10.60 0.63
CA ILE A 93 3.01 11.43 0.61
C ILE A 93 3.27 12.79 0.02
N SER A 94 2.78 12.89 -1.21
CA SER A 94 2.98 14.15 -1.86
C SER A 94 1.79 15.10 -1.70
N GLY A 95 2.12 16.33 -1.31
CA GLY A 95 1.05 17.30 -1.13
C GLY A 95 0.32 16.72 0.12
N ASN A 96 -0.94 16.36 -0.21
CA ASN A 96 -1.77 15.78 0.82
C ASN A 96 -2.73 14.78 0.15
N GLU A 97 -2.04 13.85 -0.50
CA GLU A 97 -2.60 12.74 -1.24
C GLU A 97 -1.40 11.96 -1.90
N LEU A 98 -1.37 10.75 -1.34
CA LEU A 98 -0.40 9.77 -1.70
C LEU A 98 -0.56 9.32 -3.19
N ILE A 99 0.68 9.03 -3.62
CA ILE A 99 1.01 8.56 -4.89
C ILE A 99 1.91 7.31 -4.58
N GLN A 100 1.59 6.19 -5.20
CA GLN A 100 2.39 5.00 -4.93
C GLN A 100 2.92 4.67 -6.35
N THR A 101 4.25 4.52 -6.23
CA THR A 101 5.02 4.21 -7.37
C THR A 101 5.06 2.75 -7.77
N TYR A 102 5.25 2.02 -6.68
CA TYR A 102 5.34 0.57 -6.86
C TYR A 102 6.55 0.38 -7.81
N THR A 103 7.71 0.83 -7.30
CA THR A 103 8.98 0.74 -8.05
C THR A 103 9.01 -0.78 -8.34
N TYR A 104 8.64 -0.99 -9.62
CA TYR A 104 8.57 -2.34 -10.17
C TYR A 104 9.54 -2.49 -11.34
N GLU A 105 10.55 -3.31 -11.15
CA GLU A 105 11.60 -3.63 -12.08
C GLU A 105 11.51 -3.05 -13.46
N GLY A 106 12.23 -1.93 -13.68
CA GLY A 106 12.17 -1.37 -15.00
C GLY A 106 11.12 -0.28 -15.11
N VAL A 107 10.35 -0.03 -14.02
CA VAL A 107 9.34 1.01 -14.10
C VAL A 107 8.82 1.51 -12.77
N GLU A 108 8.35 2.76 -12.81
CA GLU A 108 7.80 3.43 -11.63
C GLU A 108 6.34 3.72 -12.06
N ALA A 109 5.42 3.03 -11.35
CA ALA A 109 4.06 3.26 -11.70
C ALA A 109 3.31 4.18 -10.73
N LYS A 110 3.57 5.45 -11.01
CA LYS A 110 2.90 6.41 -10.16
C LYS A 110 1.42 6.43 -10.53
N ARG A 111 0.70 6.77 -9.46
CA ARG A 111 -0.75 6.83 -9.65
C ARG A 111 -1.12 8.17 -9.01
N ILE A 112 -2.45 8.32 -8.76
CA ILE A 112 -2.73 9.60 -8.15
C ILE A 112 -4.12 9.57 -7.47
N PHE A 113 -4.07 8.99 -6.29
CA PHE A 113 -5.31 8.90 -5.55
C PHE A 113 -5.26 10.04 -4.52
N LYS A 114 -5.84 9.75 -3.36
CA LYS A 114 -5.84 10.77 -2.33
C LYS A 114 -6.24 10.19 -0.96
N LYS A 115 -6.77 11.12 -0.17
CA LYS A 115 -7.26 10.89 1.18
C LYS A 115 -8.73 11.12 1.28
N GLU A 116 -9.13 11.73 2.41
CA GLU A 116 -10.52 11.99 2.62
C GLU A 116 -10.72 12.88 3.84
N ALA A 1 -0.20 12.38 9.14
CA ALA A 1 0.21 11.56 8.04
C ALA A 1 0.03 10.06 8.45
N PHE A 2 -0.65 9.42 7.51
CA PHE A 2 -0.95 7.99 7.66
C PHE A 2 -1.65 7.95 9.05
N ASP A 3 -2.96 8.29 8.93
CA ASP A 3 -3.73 8.31 10.14
C ASP A 3 -5.23 8.45 9.98
N GLY A 4 -5.82 7.91 8.89
CA GLY A 4 -7.28 8.10 8.84
C GLY A 4 -7.75 7.56 7.51
N THR A 5 -9.06 7.25 7.41
CA THR A 5 -9.48 6.73 6.12
C THR A 5 -9.17 7.75 5.03
N TRP A 6 -8.60 7.23 3.93
CA TRP A 6 -8.21 7.96 2.78
C TRP A 6 -9.02 7.54 1.53
N LYS A 7 -9.38 8.50 0.69
CA LYS A 7 -10.07 8.27 -0.53
C LYS A 7 -11.52 7.74 -0.47
N VAL A 8 -11.92 7.67 -1.73
CA VAL A 8 -13.19 7.12 -2.09
C VAL A 8 -14.39 7.43 -1.29
N ASP A 9 -15.48 7.40 -2.12
CA ASP A 9 -16.79 7.67 -1.61
C ASP A 9 -17.76 7.38 -2.80
N ARG A 10 -17.44 6.36 -3.62
CA ARG A 10 -18.26 5.98 -4.75
C ARG A 10 -18.74 4.52 -4.73
N ASN A 11 -19.70 4.30 -3.82
CA ASN A 11 -20.26 2.95 -3.68
C ASN A 11 -21.49 2.91 -2.76
N GLU A 12 -22.61 2.46 -3.32
CA GLU A 12 -23.87 2.37 -2.55
C GLU A 12 -24.47 0.95 -2.76
N ASN A 13 -24.41 0.47 -4.03
CA ASN A 13 -24.95 -0.86 -4.35
C ASN A 13 -23.78 -1.72 -4.78
N TYR A 14 -22.60 -1.12 -4.45
CA TYR A 14 -21.33 -1.77 -4.77
C TYR A 14 -21.31 -2.29 -6.20
N SER A 15 -21.46 -1.33 -7.13
CA SER A 15 -21.45 -1.77 -8.53
C SER A 15 -20.00 -1.95 -8.93
N GLY A 16 -19.74 -3.02 -9.67
CA GLY A 16 -18.35 -3.25 -10.09
C GLY A 16 -17.97 -4.74 -10.02
N ALA A 17 -16.76 -4.89 -9.40
CA ALA A 17 -16.27 -6.25 -9.26
C ALA A 17 -16.60 -6.68 -7.84
N HIS A 18 -16.22 -5.85 -6.85
CA HIS A 18 -16.49 -6.16 -5.44
C HIS A 18 -16.62 -4.83 -4.66
N ASP A 19 -15.51 -4.45 -4.00
CA ASP A 19 -15.58 -3.19 -3.25
C ASP A 19 -14.44 -2.28 -3.74
N ASN A 20 -14.79 -0.97 -3.86
CA ASN A 20 -13.81 0.00 -4.31
C ASN A 20 -12.58 0.03 -3.35
N LEU A 21 -11.62 0.83 -3.83
CA LEU A 21 -10.40 0.98 -3.07
C LEU A 21 -10.72 2.07 -2.00
N LYS A 22 -9.63 2.37 -1.29
CA LYS A 22 -9.59 3.34 -0.23
C LYS A 22 -8.26 3.01 0.53
N LEU A 23 -7.76 4.08 1.08
CA LEU A 23 -6.51 3.91 1.82
C LEU A 23 -7.04 4.26 3.25
N THR A 24 -6.22 4.14 4.26
CA THR A 24 -6.64 4.43 5.65
C THR A 24 -5.37 4.63 6.47
N ILE A 25 -4.97 3.58 7.15
CA ILE A 25 -3.77 3.67 7.96
C ILE A 25 -3.85 4.63 9.13
N THR A 26 -3.17 4.22 10.20
CA THR A 26 -3.18 5.07 11.36
C THR A 26 -2.55 4.17 12.46
N GLN A 27 -1.27 3.99 12.12
CA GLN A 27 -0.44 3.18 13.00
C GLN A 27 -0.92 3.16 14.46
N GLU A 28 -1.12 1.89 14.87
CA GLU A 28 -1.61 1.76 16.27
C GLU A 28 -0.43 2.15 17.16
N GLY A 29 0.75 2.34 16.59
CA GLY A 29 1.85 2.72 17.49
C GLY A 29 3.10 2.41 16.61
N ASN A 30 2.89 1.24 15.95
CA ASN A 30 3.81 0.63 15.06
C ASN A 30 3.15 -0.37 14.14
N LYS A 31 1.91 -0.81 14.34
CA LYS A 31 1.46 -1.79 13.33
C LYS A 31 1.13 -0.76 12.23
N PHE A 32 1.75 -0.82 11.07
CA PHE A 32 1.36 0.23 10.10
C PHE A 32 0.98 -0.66 8.92
N THR A 33 -0.35 -0.67 8.85
CA THR A 33 -0.91 -1.47 7.78
C THR A 33 -1.45 -0.48 6.81
N VAL A 34 -1.04 -0.62 5.56
CA VAL A 34 -1.57 0.36 4.62
C VAL A 34 -2.77 -0.33 4.04
N LYS A 35 -3.72 0.61 3.84
CA LYS A 35 -4.97 0.20 3.28
C LYS A 35 -4.96 0.18 1.76
N GLU A 36 -4.17 -0.86 1.37
CA GLU A 36 -3.90 -1.19 0.01
C GLU A 36 -5.10 -1.95 -0.59
N SER A 37 -6.34 -1.49 -0.33
CA SER A 37 -7.42 -2.28 -0.94
C SER A 37 -7.26 -2.06 -2.45
N SER A 38 -7.03 -3.17 -3.19
CA SER A 38 -6.87 -2.92 -4.62
C SER A 38 -7.02 -4.22 -5.38
N ASN A 39 -8.23 -4.45 -5.97
CA ASN A 39 -8.41 -5.71 -6.70
C ASN A 39 -8.24 -6.83 -5.65
N PHE A 40 -8.23 -8.05 -6.22
CA PHE A 40 -8.07 -9.16 -5.29
C PHE A 40 -9.22 -9.04 -4.28
N ARG A 41 -8.98 -8.43 -3.13
CA ARG A 41 -9.88 -8.19 -2.06
C ARG A 41 -9.48 -6.96 -1.26
N ASN A 42 -10.01 -6.88 -0.04
CA ASN A 42 -9.59 -5.71 0.75
C ASN A 42 -8.58 -6.30 1.74
N ILE A 43 -7.37 -6.07 1.26
CA ILE A 43 -6.21 -6.55 2.00
C ILE A 43 -5.20 -5.43 2.16
N ASP A 44 -4.52 -5.66 3.31
CA ASP A 44 -3.49 -4.75 3.70
C ASP A 44 -2.16 -5.47 3.75
N VAL A 45 -1.19 -4.61 3.96
CA VAL A 45 0.18 -5.13 4.03
C VAL A 45 0.55 -4.80 5.48
N VAL A 46 0.59 -5.82 6.35
CA VAL A 46 0.93 -5.43 7.69
C VAL A 46 2.28 -5.93 8.21
N PHE A 47 2.68 -5.15 9.23
CA PHE A 47 3.96 -5.56 9.76
C PHE A 47 4.29 -4.81 11.02
N GLU A 48 5.50 -4.26 11.20
CA GLU A 48 5.63 -3.57 12.47
C GLU A 48 6.80 -2.58 12.55
N LEU A 49 6.69 -1.62 11.63
CA LEU A 49 7.62 -0.53 11.42
C LEU A 49 9.07 -0.80 11.75
N GLY A 50 9.80 -1.02 10.68
CA GLY A 50 11.23 -1.31 10.79
C GLY A 50 11.26 -2.82 11.09
N VAL A 51 10.67 -3.56 10.16
CA VAL A 51 10.59 -4.97 10.27
C VAL A 51 10.41 -5.68 8.92
N ASP A 52 11.47 -6.50 8.67
CA ASP A 52 11.42 -7.24 7.42
C ASP A 52 10.46 -8.43 7.61
N PHE A 53 10.06 -8.87 6.39
CA PHE A 53 9.16 -9.98 6.52
C PHE A 53 8.71 -10.63 5.22
N ALA A 54 8.43 -11.94 5.21
CA ALA A 54 8.01 -12.61 3.97
C ALA A 54 6.52 -12.99 4.18
N TYR A 55 5.62 -12.10 3.80
CA TYR A 55 4.20 -12.48 3.99
C TYR A 55 3.58 -13.04 2.73
N SER A 56 2.87 -14.12 2.98
CA SER A 56 2.25 -14.70 1.79
C SER A 56 0.80 -14.16 1.76
N LEU A 57 0.74 -12.97 1.15
CA LEU A 57 -0.53 -12.25 0.99
C LEU A 57 -1.40 -12.97 -0.04
N ALA A 58 -2.53 -12.39 -0.42
CA ALA A 58 -3.39 -13.01 -1.39
C ALA A 58 -3.66 -14.47 -1.04
N ASP A 59 -3.83 -15.31 -2.06
CA ASP A 59 -4.08 -16.72 -1.76
C ASP A 59 -2.74 -17.46 -1.68
N GLY A 60 -1.67 -16.73 -2.03
CA GLY A 60 -0.34 -17.29 -2.00
C GLY A 60 0.59 -16.34 -2.81
N THR A 61 0.47 -15.06 -2.47
CA THR A 61 1.23 -13.98 -3.06
C THR A 61 2.36 -13.57 -2.11
N GLU A 62 3.59 -13.75 -2.58
CA GLU A 62 4.68 -13.36 -1.67
C GLU A 62 5.16 -11.98 -2.05
N LEU A 63 5.00 -11.10 -1.02
CA LEU A 63 5.44 -9.75 -1.25
C LEU A 63 6.38 -9.37 -0.10
N THR A 64 7.45 -10.17 -0.07
CA THR A 64 8.54 -10.10 0.86
C THR A 64 8.83 -8.60 0.99
N GLY A 65 8.64 -8.11 2.22
CA GLY A 65 8.92 -6.68 2.24
C GLY A 65 9.44 -6.29 3.63
N THR A 66 9.26 -4.97 3.75
CA THR A 66 9.70 -4.29 4.94
C THR A 66 9.52 -2.81 4.85
N TRP A 67 8.90 -2.18 5.88
CA TRP A 67 8.67 -0.71 5.79
C TRP A 67 9.04 -0.14 7.15
N THR A 68 10.02 0.75 6.94
CA THR A 68 10.67 1.50 7.97
C THR A 68 10.18 2.93 8.21
N MET A 69 8.96 3.04 7.77
CA MET A 69 8.13 4.24 7.81
C MET A 69 8.95 5.38 8.37
N GLU A 70 9.61 6.00 7.38
CA GLU A 70 10.45 7.11 7.79
C GLU A 70 9.74 8.43 7.68
N GLY A 71 9.20 8.75 8.88
CA GLY A 71 8.48 9.99 8.97
C GLY A 71 7.33 9.86 7.94
N ASN A 72 7.57 10.55 6.82
CA ASN A 72 6.58 10.52 5.77
C ASN A 72 7.12 9.94 4.45
N LYS A 73 7.69 8.73 4.58
CA LYS A 73 8.24 8.09 3.40
C LYS A 73 7.84 6.61 3.39
N LEU A 74 8.12 5.95 2.29
CA LEU A 74 7.76 4.55 2.22
C LEU A 74 8.80 3.74 1.49
N VAL A 75 10.01 3.93 2.08
CA VAL A 75 11.20 3.29 1.60
C VAL A 75 11.28 1.86 2.17
N GLY A 76 10.91 0.99 1.23
CA GLY A 76 10.91 -0.44 1.60
C GLY A 76 10.65 -1.15 0.24
N LYS A 77 10.24 -2.45 0.39
CA LYS A 77 10.00 -3.14 -0.85
C LYS A 77 9.04 -4.30 -0.72
N PHE A 78 8.60 -4.74 -1.90
CA PHE A 78 7.72 -5.88 -2.06
C PHE A 78 8.22 -6.46 -3.39
N LYS A 79 7.97 -7.78 -3.45
CA LYS A 79 8.38 -8.49 -4.63
C LYS A 79 7.92 -9.92 -4.77
N ARG A 80 7.38 -10.16 -5.98
CA ARG A 80 6.90 -11.50 -6.21
C ARG A 80 8.10 -12.39 -6.61
N VAL A 81 8.51 -13.12 -5.58
CA VAL A 81 9.63 -14.03 -5.74
C VAL A 81 9.33 -14.99 -6.91
N ASP A 82 8.01 -15.13 -7.07
CA ASP A 82 7.37 -15.95 -8.06
C ASP A 82 7.82 -15.54 -9.47
N ASN A 83 7.97 -14.22 -9.73
CA ASN A 83 8.40 -13.91 -11.08
C ASN A 83 9.62 -13.04 -11.23
N GLY A 84 10.19 -12.60 -10.11
CA GLY A 84 11.40 -11.77 -10.39
C GLY A 84 10.76 -10.43 -10.82
N LYS A 85 9.67 -10.26 -10.01
CA LYS A 85 8.81 -9.14 -10.12
C LYS A 85 9.16 -7.83 -9.50
N GLU A 86 9.11 -7.73 -8.16
CA GLU A 86 9.43 -6.45 -7.61
C GLU A 86 8.30 -5.38 -7.82
N LEU A 87 7.67 -5.09 -6.69
CA LEU A 87 6.58 -4.11 -6.66
C LEU A 87 6.69 -3.25 -5.43
N ILE A 88 7.94 -2.81 -5.34
CA ILE A 88 8.35 -1.96 -4.23
C ILE A 88 7.45 -0.72 -4.46
N ALA A 89 6.98 -0.23 -3.33
CA ALA A 89 6.12 0.95 -3.29
C ALA A 89 7.03 2.04 -2.75
N VAL A 90 7.56 2.82 -3.68
CA VAL A 90 8.43 3.85 -3.27
C VAL A 90 7.68 5.16 -3.11
N ARG A 91 7.62 5.67 -1.85
CA ARG A 91 6.90 6.91 -1.79
C ARG A 91 7.11 7.72 -0.53
N GLU A 92 6.21 8.72 -0.46
CA GLU A 92 6.26 9.61 0.69
C GLU A 92 5.08 10.59 0.52
N ILE A 93 4.12 10.43 1.41
CA ILE A 93 2.93 11.28 1.39
C ILE A 93 3.21 12.70 0.92
N SER A 94 2.90 12.89 -0.37
CA SER A 94 3.14 14.22 -0.90
C SER A 94 2.04 15.21 -0.65
N GLY A 95 1.99 15.66 0.60
CA GLY A 95 0.96 16.63 0.97
C GLY A 95 0.09 15.82 2.00
N ASN A 96 -1.18 15.82 1.56
CA ASN A 96 -2.22 15.16 2.30
C ASN A 96 -2.97 14.27 1.28
N GLU A 97 -2.14 13.61 0.47
CA GLU A 97 -2.66 12.73 -0.53
C GLU A 97 -1.47 11.98 -1.21
N LEU A 98 -1.32 10.76 -0.67
CA LEU A 98 -0.33 9.81 -1.04
C LEU A 98 -0.55 9.13 -2.40
N ILE A 99 0.68 8.86 -2.90
CA ILE A 99 0.94 8.23 -4.15
C ILE A 99 1.67 6.93 -3.74
N GLN A 100 1.82 6.01 -4.69
CA GLN A 100 2.52 4.76 -4.34
C GLN A 100 2.86 4.14 -5.69
N THR A 101 4.14 4.45 -5.95
CA THR A 101 4.73 3.99 -7.17
C THR A 101 5.28 2.58 -7.05
N TYR A 102 4.54 1.77 -7.81
CA TYR A 102 5.02 0.40 -7.73
C TYR A 102 6.30 0.36 -8.59
N THR A 103 7.41 0.65 -7.90
CA THR A 103 8.75 0.68 -8.47
C THR A 103 8.95 -0.80 -8.84
N TYR A 104 8.57 -0.96 -10.13
CA TYR A 104 8.66 -2.27 -10.74
C TYR A 104 9.74 -2.33 -11.78
N GLU A 105 10.74 -3.15 -11.44
CA GLU A 105 11.90 -3.38 -12.25
C GLU A 105 12.59 -2.16 -12.81
N GLY A 106 12.30 -0.98 -12.21
CA GLY A 106 12.96 0.20 -12.75
C GLY A 106 12.09 1.06 -13.62
N VAL A 107 10.76 0.94 -13.58
CA VAL A 107 9.93 1.77 -14.42
C VAL A 107 9.29 2.92 -13.67
N GLU A 108 8.88 2.57 -12.44
CA GLU A 108 8.24 3.56 -11.57
C GLU A 108 6.88 3.90 -12.16
N ALA A 109 5.87 3.21 -11.60
CA ALA A 109 4.54 3.46 -12.08
C ALA A 109 3.60 3.68 -10.86
N LYS A 110 3.13 4.92 -10.83
CA LYS A 110 2.26 5.24 -9.75
C LYS A 110 0.87 5.59 -10.24
N ARG A 111 0.15 6.00 -9.18
CA ARG A 111 -1.24 6.40 -9.43
C ARG A 111 -1.52 7.33 -8.21
N ILE A 112 -1.83 8.59 -8.59
CA ILE A 112 -2.09 9.52 -7.51
C ILE A 112 -3.58 9.61 -7.14
N PHE A 113 -3.79 9.38 -5.86
CA PHE A 113 -5.13 9.43 -5.33
C PHE A 113 -5.10 10.52 -4.25
N LYS A 114 -5.83 10.25 -3.18
CA LYS A 114 -5.85 11.25 -2.12
C LYS A 114 -6.39 10.69 -0.80
N LYS A 115 -6.99 11.59 -0.05
CA LYS A 115 -7.59 11.38 1.24
C LYS A 115 -9.02 11.90 1.26
N GLU A 116 -9.78 11.28 2.19
CA GLU A 116 -11.16 11.61 2.41
C GLU A 116 -11.92 11.93 1.13
N ALA A 1 0.00 11.54 11.00
CA ALA A 1 0.27 11.85 9.63
C ALA A 1 -0.32 10.70 8.76
N PHE A 2 0.10 9.53 9.24
CA PHE A 2 -0.36 8.35 8.52
C PHE A 2 -1.19 7.59 9.60
N ASP A 3 -2.24 8.37 10.01
CA ASP A 3 -3.10 7.79 11.02
C ASP A 3 -4.53 8.19 10.80
N GLY A 4 -5.07 7.86 9.61
CA GLY A 4 -6.46 8.28 9.45
C GLY A 4 -6.97 7.52 8.22
N THR A 5 -8.25 7.68 7.88
CA THR A 5 -8.66 6.91 6.69
C THR A 5 -8.16 7.76 5.53
N TRP A 6 -8.32 7.34 4.27
CA TRP A 6 -7.93 8.02 3.09
C TRP A 6 -8.83 7.67 1.88
N LYS A 7 -8.70 8.43 0.82
CA LYS A 7 -9.45 8.21 -0.37
C LYS A 7 -10.98 8.05 -0.27
N VAL A 8 -11.40 7.86 -1.53
CA VAL A 8 -12.73 7.57 -1.96
C VAL A 8 -13.91 8.09 -1.23
N ASP A 9 -14.54 8.99 -2.06
CA ASP A 9 -15.73 9.70 -1.71
C ASP A 9 -16.56 9.69 -3.03
N ARG A 10 -17.36 10.72 -3.28
CA ARG A 10 -18.15 10.76 -4.49
C ARG A 10 -17.45 11.61 -5.55
N ASN A 11 -16.17 11.26 -5.81
CA ASN A 11 -15.43 12.02 -6.80
C ASN A 11 -15.39 11.32 -8.19
N GLU A 12 -15.26 12.23 -9.18
CA GLU A 12 -15.19 11.86 -10.59
C GLU A 12 -14.35 12.96 -11.27
N ASN A 13 -13.01 12.74 -11.31
CA ASN A 13 -12.10 13.69 -11.91
C ASN A 13 -11.93 13.35 -13.40
N TYR A 14 -12.41 12.16 -13.73
CA TYR A 14 -12.29 11.75 -15.12
C TYR A 14 -13.26 10.65 -15.49
N SER A 15 -12.78 9.39 -15.36
CA SER A 15 -13.65 8.29 -15.69
C SER A 15 -12.87 7.02 -15.46
N GLY A 16 -13.55 5.93 -15.91
CA GLY A 16 -12.92 4.64 -15.75
C GLY A 16 -13.35 3.99 -14.44
N ALA A 17 -14.65 4.16 -14.20
CA ALA A 17 -15.16 3.56 -12.97
C ALA A 17 -14.97 2.07 -13.16
N HIS A 18 -14.39 1.38 -12.18
CA HIS A 18 -14.19 -0.05 -12.32
C HIS A 18 -14.09 -0.73 -10.93
N ASP A 19 -13.32 -0.10 -10.02
CA ASP A 19 -13.14 -0.64 -8.68
C ASP A 19 -13.44 0.42 -7.59
N ASN A 20 -13.49 -0.13 -6.36
CA ASN A 20 -13.75 0.63 -5.14
C ASN A 20 -12.73 0.22 -4.08
N LEU A 21 -11.94 1.23 -3.74
CA LEU A 21 -10.89 1.08 -2.73
C LEU A 21 -11.04 2.25 -1.76
N LYS A 22 -9.97 2.42 -1.01
CA LYS A 22 -9.75 3.41 0.01
C LYS A 22 -8.30 3.11 0.51
N LEU A 23 -7.95 4.03 1.38
CA LEU A 23 -6.64 3.92 2.01
C LEU A 23 -7.08 4.26 3.47
N THR A 24 -6.32 3.85 4.44
CA THR A 24 -6.70 4.15 5.84
C THR A 24 -5.64 3.49 6.73
N ILE A 25 -4.57 4.26 6.78
CA ILE A 25 -3.49 3.76 7.60
C ILE A 25 -3.59 4.39 8.99
N THR A 26 -3.75 3.51 9.95
CA THR A 26 -3.87 4.01 11.30
C THR A 26 -3.88 2.82 12.28
N GLN A 27 -2.67 2.20 12.31
CA GLN A 27 -2.70 1.07 13.23
C GLN A 27 -2.70 1.44 14.71
N GLU A 28 -1.50 1.45 15.31
CA GLU A 28 -1.46 1.78 16.74
C GLU A 28 -0.02 1.48 17.20
N GLY A 29 0.46 2.30 18.13
CA GLY A 29 1.82 1.97 18.52
C GLY A 29 2.64 2.46 17.30
N ASN A 30 2.88 1.42 16.49
CA ASN A 30 3.63 1.59 15.30
C ASN A 30 3.26 0.56 14.22
N LYS A 31 2.00 0.33 13.95
CA LYS A 31 1.77 -0.67 12.89
C LYS A 31 1.04 0.27 11.90
N PHE A 32 0.96 -0.07 10.64
CA PHE A 32 0.25 0.96 9.87
C PHE A 32 -0.01 0.18 8.57
N THR A 33 -1.01 -0.66 8.78
CA THR A 33 -1.40 -1.48 7.64
C THR A 33 -1.84 -0.43 6.67
N VAL A 34 -1.42 -0.66 5.45
CA VAL A 34 -1.85 0.36 4.45
C VAL A 34 -3.12 -0.27 4.00
N LYS A 35 -4.14 0.61 3.97
CA LYS A 35 -5.44 0.14 3.57
C LYS A 35 -5.64 -0.13 2.11
N GLU A 36 -4.71 -0.97 1.60
CA GLU A 36 -4.72 -1.35 0.21
C GLU A 36 -5.87 -2.32 -0.04
N SER A 37 -7.08 -1.79 0.07
CA SER A 37 -8.19 -2.72 -0.19
C SER A 37 -8.44 -2.81 -1.68
N SER A 38 -7.74 -3.78 -2.33
CA SER A 38 -7.97 -3.90 -3.77
C SER A 38 -9.11 -4.75 -4.21
N ASN A 39 -9.23 -4.84 -5.54
CA ASN A 39 -10.29 -5.62 -6.18
C ASN A 39 -9.86 -7.09 -6.20
N PHE A 40 -8.56 -7.24 -5.81
CA PHE A 40 -8.13 -8.59 -5.81
C PHE A 40 -8.87 -9.31 -4.66
N ARG A 41 -8.73 -8.75 -3.46
CA ARG A 41 -9.36 -9.27 -2.28
C ARG A 41 -9.54 -8.31 -1.11
N ASN A 42 -9.24 -7.03 -1.26
CA ASN A 42 -9.44 -6.21 -0.06
C ASN A 42 -8.42 -6.82 0.93
N ILE A 43 -7.21 -6.61 0.39
CA ILE A 43 -6.09 -7.16 1.14
C ILE A 43 -4.98 -6.16 1.25
N ASP A 44 -4.88 -5.80 2.57
CA ASP A 44 -3.89 -4.86 3.00
C ASP A 44 -2.56 -5.55 3.18
N VAL A 45 -1.65 -4.78 3.71
CA VAL A 45 -0.31 -5.35 3.94
C VAL A 45 -0.03 -4.88 5.38
N VAL A 46 0.14 -5.91 6.23
CA VAL A 46 0.41 -5.48 7.57
C VAL A 46 1.86 -5.70 7.95
N PHE A 47 2.17 -4.94 9.00
CA PHE A 47 3.52 -5.03 9.47
C PHE A 47 3.78 -4.07 10.62
N GLU A 48 5.00 -3.97 11.16
CA GLU A 48 5.12 -3.03 12.22
C GLU A 48 6.44 -2.24 12.22
N LEU A 49 6.33 -1.18 11.44
CA LEU A 49 7.39 -0.21 11.19
C LEU A 49 8.78 -0.75 11.09
N GLY A 50 9.12 -1.06 9.84
CA GLY A 50 10.41 -1.60 9.49
C GLY A 50 10.57 -2.89 10.31
N VAL A 51 9.70 -3.84 10.01
CA VAL A 51 9.73 -5.10 10.71
C VAL A 51 10.37 -6.21 9.91
N ASP A 52 10.09 -6.01 8.60
CA ASP A 52 10.63 -7.01 7.69
C ASP A 52 9.83 -8.33 7.87
N PHE A 53 9.35 -8.74 6.66
CA PHE A 53 8.59 -9.96 6.75
C PHE A 53 8.12 -10.60 5.47
N ALA A 54 8.01 -11.92 5.42
CA ALA A 54 7.55 -12.59 4.19
C ALA A 54 6.08 -12.94 4.58
N TYR A 55 5.12 -12.76 3.67
CA TYR A 55 3.82 -13.14 4.19
C TYR A 55 2.82 -13.64 3.14
N SER A 56 3.48 -14.17 2.12
CA SER A 56 2.72 -14.73 1.02
C SER A 56 1.35 -14.10 0.95
N LEU A 57 1.27 -12.91 0.42
CA LEU A 57 0.00 -12.22 0.33
C LEU A 57 -0.87 -12.63 -0.86
N ALA A 58 -2.13 -12.18 -0.77
CA ALA A 58 -3.09 -12.49 -1.81
C ALA A 58 -3.11 -13.94 -2.28
N ASP A 59 -2.67 -14.87 -1.40
CA ASP A 59 -2.66 -16.29 -1.77
C ASP A 59 -2.03 -16.60 -3.09
N GLY A 60 -0.88 -15.92 -3.36
CA GLY A 60 -0.15 -16.11 -4.61
C GLY A 60 1.14 -15.27 -4.53
N THR A 61 0.97 -14.01 -4.12
CA THR A 61 2.05 -13.05 -3.97
C THR A 61 3.09 -13.44 -2.90
N GLU A 62 4.18 -12.63 -2.83
CA GLU A 62 5.12 -13.03 -1.79
C GLU A 62 6.09 -11.87 -1.54
N LEU A 63 5.49 -10.67 -1.59
CA LEU A 63 6.24 -9.46 -1.38
C LEU A 63 6.83 -9.52 0.03
N THR A 64 8.14 -9.74 0.00
CA THR A 64 8.92 -9.85 1.19
C THR A 64 9.70 -8.53 1.35
N GLY A 65 9.24 -7.76 2.33
CA GLY A 65 10.02 -6.51 2.43
C GLY A 65 9.76 -5.93 3.82
N THR A 66 10.15 -4.64 3.80
CA THR A 66 10.03 -3.85 4.99
C THR A 66 9.63 -2.42 4.85
N TRP A 67 8.46 -1.98 5.35
CA TRP A 67 8.11 -0.54 5.20
C TRP A 67 8.47 0.07 6.58
N THR A 68 9.49 0.90 6.43
CA THR A 68 10.14 1.68 7.44
C THR A 68 9.82 3.19 7.40
N MET A 69 8.54 3.41 7.68
CA MET A 69 7.91 4.72 7.73
C MET A 69 8.96 5.59 8.39
N GLU A 70 9.49 6.45 7.52
CA GLU A 70 10.54 7.37 8.01
C GLU A 70 9.82 8.52 8.70
N GLY A 71 9.11 9.26 7.86
CA GLY A 71 8.36 10.39 8.35
C GLY A 71 7.03 10.33 7.55
N ASN A 72 7.32 10.50 6.24
CA ASN A 72 6.26 10.47 5.26
C ASN A 72 6.76 9.71 4.01
N LYS A 73 7.86 8.96 4.24
CA LYS A 73 8.40 8.21 3.10
C LYS A 73 7.93 6.78 3.19
N LEU A 74 8.29 5.97 2.20
CA LEU A 74 7.83 4.59 2.28
C LEU A 74 8.81 3.64 1.64
N VAL A 75 10.05 4.00 2.07
CA VAL A 75 11.25 3.32 1.69
C VAL A 75 11.42 1.95 2.30
N GLY A 76 11.86 1.08 1.39
CA GLY A 76 12.08 -0.31 1.82
C GLY A 76 11.98 -1.04 0.46
N LYS A 77 11.50 -2.28 0.60
CA LYS A 77 11.39 -3.01 -0.65
C LYS A 77 10.93 -4.43 -0.46
N PHE A 78 10.03 -4.68 -1.43
CA PHE A 78 9.40 -5.98 -1.53
C PHE A 78 9.69 -6.45 -2.94
N LYS A 79 9.35 -7.75 -2.99
CA LYS A 79 9.52 -8.48 -4.19
C LYS A 79 8.77 -9.79 -4.22
N ARG A 80 8.21 -10.02 -5.42
CA ARG A 80 7.45 -11.25 -5.62
C ARG A 80 8.43 -12.31 -6.20
N VAL A 81 8.69 -13.31 -5.36
CA VAL A 81 9.57 -14.40 -5.69
C VAL A 81 8.95 -15.22 -6.84
N ASP A 82 7.67 -14.91 -6.95
CA ASP A 82 6.85 -15.54 -7.97
C ASP A 82 6.98 -14.71 -9.24
N ASN A 83 8.03 -13.88 -9.36
CA ASN A 83 8.11 -13.12 -10.60
C ASN A 83 7.31 -11.85 -10.69
N GLY A 84 6.88 -11.30 -9.53
CA GLY A 84 6.18 -10.03 -9.81
C GLY A 84 7.31 -8.98 -9.95
N LYS A 85 8.42 -9.60 -9.51
CA LYS A 85 9.72 -9.02 -9.42
C LYS A 85 9.93 -7.60 -8.94
N GLU A 86 9.95 -7.51 -7.60
CA GLU A 86 10.24 -6.25 -6.98
C GLU A 86 9.09 -5.27 -6.83
N LEU A 87 8.19 -5.60 -5.91
CA LEU A 87 7.05 -4.71 -5.71
C LEU A 87 7.19 -3.82 -4.53
N ILE A 88 8.22 -2.99 -4.75
CA ILE A 88 8.56 -2.00 -3.73
C ILE A 88 7.47 -0.92 -3.96
N ALA A 89 7.61 0.16 -3.22
CA ALA A 89 6.67 1.28 -3.30
C ALA A 89 7.44 2.51 -2.86
N VAL A 90 8.29 2.88 -3.80
CA VAL A 90 9.11 4.02 -3.58
C VAL A 90 8.15 5.21 -3.42
N ARG A 91 8.08 5.71 -2.18
CA ARG A 91 7.17 6.80 -2.09
C ARG A 91 7.35 7.64 -0.86
N GLU A 92 6.73 8.81 -1.08
CA GLU A 92 6.73 9.83 -0.06
C GLU A 92 5.45 10.64 -0.34
N ILE A 93 4.58 10.67 0.69
CA ILE A 93 3.33 11.42 0.49
C ILE A 93 3.56 12.80 -0.08
N SER A 94 3.16 12.89 -1.35
CA SER A 94 3.31 14.14 -2.03
C SER A 94 2.32 15.21 -1.64
N GLY A 95 2.42 15.75 -0.41
CA GLY A 95 1.47 16.78 0.00
C GLY A 95 0.71 16.17 1.21
N ASN A 96 -0.58 15.96 0.90
CA ASN A 96 -1.45 15.39 1.89
C ASN A 96 -2.36 14.36 1.17
N GLU A 97 -1.68 13.55 0.38
CA GLU A 97 -2.22 12.48 -0.42
C GLU A 97 -1.01 11.84 -1.19
N LEU A 98 -0.99 10.53 -1.00
CA LEU A 98 -0.03 9.60 -1.55
C LEU A 98 -0.48 9.05 -2.90
N ILE A 99 0.60 8.53 -3.51
CA ILE A 99 0.59 7.89 -4.79
C ILE A 99 0.78 6.41 -4.46
N GLN A 100 2.06 6.00 -4.32
CA GLN A 100 2.43 4.63 -4.01
C GLN A 100 2.69 3.97 -5.38
N THR A 101 4.01 4.07 -5.66
CA THR A 101 4.55 3.56 -6.87
C THR A 101 4.87 2.08 -6.79
N TYR A 102 5.63 1.68 -7.80
CA TYR A 102 5.94 0.23 -7.69
C TYR A 102 7.26 0.09 -8.52
N THR A 103 8.36 0.27 -7.76
CA THR A 103 9.70 0.17 -8.34
C THR A 103 9.94 -1.28 -8.68
N TYR A 104 9.31 -1.55 -9.85
CA TYR A 104 9.34 -2.84 -10.48
C TYR A 104 10.26 -2.85 -11.68
N GLU A 105 11.44 -3.43 -11.40
CA GLU A 105 12.50 -3.56 -12.37
C GLU A 105 12.84 -2.35 -13.19
N GLY A 106 12.41 -1.15 -12.76
CA GLY A 106 12.75 -0.01 -13.59
C GLY A 106 11.64 0.96 -13.89
N VAL A 107 10.36 0.57 -13.73
CA VAL A 107 9.25 1.44 -14.00
C VAL A 107 8.61 2.00 -12.75
N GLU A 108 8.21 3.30 -12.88
CA GLU A 108 7.58 3.97 -11.75
C GLU A 108 6.10 4.15 -12.07
N ALA A 109 5.32 3.08 -11.73
CA ALA A 109 3.92 3.21 -12.01
C ALA A 109 3.10 3.44 -10.71
N LYS A 110 2.10 4.29 -10.91
CA LYS A 110 1.28 4.54 -9.75
C LYS A 110 -0.14 4.83 -10.17
N ARG A 111 -0.90 4.87 -9.06
CA ARG A 111 -2.34 5.15 -9.26
C ARG A 111 -2.49 6.38 -8.32
N ILE A 112 -3.26 7.35 -8.88
CA ILE A 112 -3.42 8.53 -8.02
C ILE A 112 -4.48 8.31 -6.96
N PHE A 113 -3.90 8.24 -5.77
CA PHE A 113 -4.65 8.05 -4.57
C PHE A 113 -4.55 9.40 -3.85
N LYS A 114 -5.32 9.35 -2.74
CA LYS A 114 -5.36 10.53 -1.90
C LYS A 114 -5.99 10.23 -0.54
N LYS A 115 -6.45 11.30 0.09
CA LYS A 115 -7.09 11.31 1.39
C LYS A 115 -8.54 11.67 1.44
N GLU A 116 -8.84 12.66 2.32
CA GLU A 116 -10.18 13.12 2.51
C GLU A 116 -10.18 14.67 2.50
N ALA A 1 -1.56 11.38 12.41
CA ALA A 1 -0.86 11.68 11.18
C ALA A 1 -1.55 11.08 9.95
N PHE A 2 -1.54 9.72 9.99
CA PHE A 2 -2.15 8.97 8.91
C PHE A 2 -3.52 8.45 9.44
N ASP A 3 -3.49 8.17 10.74
CA ASP A 3 -4.67 7.67 11.37
C ASP A 3 -6.01 8.16 10.87
N GLY A 4 -6.58 7.41 9.91
CA GLY A 4 -7.87 7.94 9.48
C GLY A 4 -8.17 7.27 8.16
N THR A 5 -9.18 7.72 7.41
CA THR A 5 -9.38 6.99 6.17
C THR A 5 -8.74 7.88 5.09
N TRP A 6 -8.57 7.31 3.90
CA TRP A 6 -8.00 7.90 2.74
C TRP A 6 -8.73 7.43 1.46
N LYS A 7 -8.93 8.35 0.53
CA LYS A 7 -9.53 8.17 -0.75
C LYS A 7 -10.97 7.60 -0.80
N VAL A 8 -11.31 7.57 -2.08
CA VAL A 8 -12.55 6.98 -2.48
C VAL A 8 -13.66 7.20 -1.52
N ASP A 9 -14.32 8.35 -1.90
CA ASP A 9 -15.44 8.84 -1.16
C ASP A 9 -16.49 9.34 -2.16
N ARG A 10 -16.52 8.73 -3.36
CA ARG A 10 -17.50 9.18 -4.34
C ARG A 10 -18.05 8.02 -5.16
N ASN A 11 -18.90 8.41 -6.14
CA ASN A 11 -19.54 7.48 -7.03
C ASN A 11 -20.51 6.55 -6.29
N GLU A 12 -21.79 6.90 -6.43
CA GLU A 12 -22.85 6.12 -5.78
C GLU A 12 -23.80 5.61 -6.89
N ASN A 13 -24.39 4.45 -6.58
CA ASN A 13 -25.33 3.90 -7.58
C ASN A 13 -24.43 3.57 -8.79
N TYR A 14 -23.50 2.70 -8.39
CA TYR A 14 -22.49 2.18 -9.29
C TYR A 14 -22.73 0.68 -9.42
N SER A 15 -22.95 0.23 -10.69
CA SER A 15 -23.19 -1.18 -10.88
C SER A 15 -22.34 -1.59 -12.08
N GLY A 16 -21.28 -0.80 -12.32
CA GLY A 16 -20.46 -1.17 -13.44
C GLY A 16 -18.95 -1.01 -13.13
N ALA A 17 -18.64 -1.71 -12.01
CA ALA A 17 -17.26 -1.68 -11.54
C ALA A 17 -17.18 -2.74 -10.46
N HIS A 18 -16.00 -2.87 -9.80
CA HIS A 18 -15.85 -3.87 -8.74
C HIS A 18 -14.54 -3.66 -7.95
N ASP A 19 -13.49 -3.34 -8.72
CA ASP A 19 -12.21 -3.12 -8.08
C ASP A 19 -12.08 -1.67 -7.53
N ASN A 20 -11.92 -1.65 -6.18
CA ASN A 20 -11.78 -0.36 -5.53
C ASN A 20 -10.44 -0.22 -4.77
N LEU A 21 -10.18 1.03 -4.44
CA LEU A 21 -8.96 1.36 -3.73
C LEU A 21 -9.35 2.51 -2.75
N LYS A 22 -8.79 2.40 -1.57
CA LYS A 22 -8.95 3.28 -0.46
C LYS A 22 -7.72 2.99 0.44
N LEU A 23 -7.38 4.09 1.09
CA LEU A 23 -6.24 3.96 1.97
C LEU A 23 -6.97 4.25 3.32
N THR A 24 -6.21 4.16 4.37
CA THR A 24 -6.74 4.40 5.71
C THR A 24 -5.54 4.51 6.64
N ILE A 25 -5.18 3.32 7.03
CA ILE A 25 -4.05 3.17 7.94
C ILE A 25 -4.48 3.63 9.33
N THR A 26 -3.72 3.25 10.37
CA THR A 26 -4.22 3.72 11.63
C THR A 26 -3.00 4.20 12.50
N GLN A 27 -2.14 3.22 12.43
CA GLN A 27 -0.87 3.38 13.13
C GLN A 27 -0.96 3.46 14.64
N GLU A 28 -0.18 2.49 15.20
CA GLU A 28 -0.09 2.34 16.64
C GLU A 28 1.23 3.05 17.03
N GLY A 29 2.10 2.41 17.81
CA GLY A 29 3.31 3.23 18.08
C GLY A 29 4.09 2.96 16.78
N ASN A 30 4.19 1.63 16.62
CA ASN A 30 4.88 1.09 15.50
C ASN A 30 4.00 -0.05 14.98
N LYS A 31 2.92 0.30 14.30
CA LYS A 31 2.16 -0.88 13.86
C LYS A 31 1.17 -0.27 12.88
N PHE A 32 1.35 -0.39 11.57
CA PHE A 32 0.30 0.25 10.77
C PHE A 32 0.15 -0.83 9.65
N THR A 33 -0.99 -0.53 9.03
CA THR A 33 -1.30 -1.45 7.92
C THR A 33 -1.80 -0.50 6.86
N VAL A 34 -1.17 -0.59 5.71
CA VAL A 34 -1.66 0.36 4.69
C VAL A 34 -2.83 -0.36 4.08
N LYS A 35 -3.90 0.49 4.01
CA LYS A 35 -5.16 0.11 3.47
C LYS A 35 -5.29 -0.09 1.98
N GLU A 36 -4.12 0.16 1.35
CA GLU A 36 -3.90 0.07 -0.06
C GLU A 36 -4.69 -1.14 -0.63
N SER A 37 -5.92 -0.79 -1.05
CA SER A 37 -6.73 -1.88 -1.58
C SER A 37 -6.53 -1.96 -3.06
N SER A 38 -6.31 -3.21 -3.53
CA SER A 38 -6.10 -3.43 -4.96
C SER A 38 -5.81 -4.87 -5.30
N ASN A 39 -5.38 -5.10 -6.56
CA ASN A 39 -5.05 -6.43 -7.03
C ASN A 39 -6.29 -7.33 -7.00
N PHE A 40 -6.42 -8.01 -5.85
CA PHE A 40 -7.57 -8.87 -5.79
C PHE A 40 -8.54 -8.45 -4.68
N ARG A 41 -7.99 -8.00 -3.56
CA ARG A 41 -8.82 -7.58 -2.44
C ARG A 41 -8.31 -6.37 -1.69
N ASN A 42 -8.44 -6.28 -0.37
CA ASN A 42 -7.93 -5.09 0.25
C ASN A 42 -6.41 -5.28 0.45
N ILE A 43 -6.15 -6.56 0.46
CA ILE A 43 -4.79 -7.09 0.62
C ILE A 43 -3.93 -6.11 1.36
N ASP A 44 -4.32 -6.03 2.65
CA ASP A 44 -3.65 -5.15 3.58
C ASP A 44 -2.25 -5.71 3.72
N VAL A 45 -1.38 -4.78 4.09
CA VAL A 45 0.01 -5.21 4.25
C VAL A 45 0.29 -4.80 5.71
N VAL A 46 0.58 -5.79 6.57
CA VAL A 46 0.83 -5.36 7.92
C VAL A 46 2.23 -5.68 8.43
N PHE A 47 2.53 -4.95 9.51
CA PHE A 47 3.84 -5.20 10.05
C PHE A 47 4.09 -4.40 11.30
N GLU A 48 5.34 -4.16 11.72
CA GLU A 48 5.52 -3.39 12.93
C GLU A 48 6.67 -2.37 12.86
N LEU A 49 6.62 -1.63 11.75
CA LEU A 49 7.54 -0.58 11.39
C LEU A 49 9.00 -0.87 11.69
N GLY A 50 9.69 -1.32 10.62
CA GLY A 50 11.10 -1.65 10.75
C GLY A 50 11.05 -3.17 10.99
N VAL A 51 10.35 -3.83 10.07
CA VAL A 51 10.21 -5.26 10.17
C VAL A 51 10.13 -5.93 8.80
N ASP A 52 11.11 -6.84 8.64
CA ASP A 52 11.11 -7.54 7.36
C ASP A 52 10.15 -8.75 7.49
N PHE A 53 9.61 -9.12 6.29
CA PHE A 53 8.73 -10.24 6.42
C PHE A 53 8.26 -10.94 5.18
N ALA A 54 8.48 -12.25 5.05
CA ALA A 54 8.03 -12.96 3.83
C ALA A 54 6.56 -13.33 4.20
N TYR A 55 5.59 -12.84 3.45
CA TYR A 55 4.22 -13.23 3.87
C TYR A 55 3.30 -13.48 2.70
N SER A 56 2.58 -14.59 2.91
CA SER A 56 1.65 -14.96 1.85
C SER A 56 0.31 -14.26 2.17
N LEU A 57 -0.37 -13.80 1.14
CA LEU A 57 -1.64 -13.13 1.32
C LEU A 57 -2.74 -13.60 0.37
N ALA A 58 -2.56 -13.31 -0.90
CA ALA A 58 -3.53 -13.70 -1.91
C ALA A 58 -3.21 -15.01 -2.59
N ASP A 59 -2.44 -15.89 -1.92
CA ASP A 59 -2.11 -17.17 -2.52
C ASP A 59 -1.34 -17.06 -3.82
N GLY A 60 -0.81 -15.86 -4.05
CA GLY A 60 -0.04 -15.55 -5.23
C GLY A 60 0.49 -14.11 -5.00
N THR A 61 1.17 -14.04 -3.86
CA THR A 61 1.78 -12.81 -3.39
C THR A 61 3.28 -13.05 -3.07
N GLU A 62 3.50 -13.47 -1.83
CA GLU A 62 4.87 -13.72 -1.41
C GLU A 62 5.62 -12.41 -1.30
N LEU A 63 4.83 -11.33 -1.27
CA LEU A 63 5.39 -10.03 -1.17
C LEU A 63 6.22 -9.97 0.13
N THR A 64 7.50 -10.20 -0.11
CA THR A 64 8.55 -10.20 0.87
C THR A 64 8.97 -8.72 0.96
N GLY A 65 8.69 -8.15 2.13
CA GLY A 65 9.10 -6.75 2.16
C GLY A 65 9.59 -6.41 3.55
N THR A 66 9.44 -5.08 3.72
CA THR A 66 9.85 -4.40 4.94
C THR A 66 9.56 -2.94 4.89
N TRP A 67 9.02 -2.30 5.96
CA TRP A 67 8.72 -0.86 5.86
C TRP A 67 9.07 -0.25 7.21
N THR A 68 10.02 0.67 7.00
CA THR A 68 10.68 1.46 8.00
C THR A 68 10.26 2.94 8.07
N MET A 69 8.99 3.03 7.77
CA MET A 69 8.21 4.27 7.71
C MET A 69 8.97 5.34 8.46
N GLU A 70 9.91 5.94 7.68
CA GLU A 70 10.72 6.98 8.28
C GLU A 70 10.01 8.30 8.02
N GLY A 71 9.23 8.66 9.04
CA GLY A 71 8.50 9.88 8.96
C GLY A 71 7.50 9.66 7.79
N ASN A 72 7.54 10.71 6.96
CA ASN A 72 6.68 10.73 5.81
C ASN A 72 7.34 9.99 4.65
N LYS A 73 7.62 8.68 4.88
CA LYS A 73 8.25 7.97 3.78
C LYS A 73 7.82 6.50 3.75
N LEU A 74 7.97 5.90 2.59
CA LEU A 74 7.59 4.52 2.48
C LEU A 74 8.55 3.74 1.61
N VAL A 75 9.77 3.82 2.16
CA VAL A 75 10.91 3.19 1.58
C VAL A 75 11.20 1.77 2.07
N GLY A 76 10.77 0.88 1.16
CA GLY A 76 10.96 -0.56 1.45
C GLY A 76 10.67 -1.24 0.10
N LYS A 77 10.06 -2.44 0.27
CA LYS A 77 9.80 -3.08 -1.00
C LYS A 77 9.04 -4.37 -0.83
N PHE A 78 8.51 -4.82 -1.98
CA PHE A 78 7.78 -6.08 -1.99
C PHE A 78 8.15 -6.67 -3.36
N LYS A 79 7.80 -7.98 -3.39
CA LYS A 79 8.00 -8.77 -4.56
C LYS A 79 7.46 -10.19 -4.55
N ARG A 80 7.16 -10.66 -5.77
CA ARG A 80 6.64 -12.01 -5.88
C ARG A 80 7.80 -12.91 -6.40
N VAL A 81 8.64 -13.18 -5.38
CA VAL A 81 9.81 -13.97 -5.46
C VAL A 81 9.84 -14.96 -6.66
N ASP A 82 8.63 -15.51 -6.85
CA ASP A 82 8.42 -16.46 -7.92
C ASP A 82 9.15 -15.95 -9.16
N ASN A 83 8.97 -14.65 -9.46
CA ASN A 83 9.67 -14.18 -10.63
C ASN A 83 10.77 -13.19 -10.33
N GLY A 84 10.98 -12.87 -9.04
CA GLY A 84 12.07 -11.91 -8.81
C GLY A 84 11.48 -10.63 -9.49
N LYS A 85 10.16 -10.64 -9.28
CA LYS A 85 9.31 -9.60 -9.78
C LYS A 85 9.49 -8.20 -9.20
N GLU A 86 8.80 -7.94 -8.09
CA GLU A 86 8.86 -6.65 -7.47
C GLU A 86 7.44 -5.99 -7.50
N LEU A 87 7.08 -5.47 -6.35
CA LEU A 87 5.83 -4.79 -6.06
C LEU A 87 6.01 -3.82 -4.90
N ILE A 88 7.14 -3.18 -5.04
CA ILE A 88 7.59 -2.19 -4.07
C ILE A 88 6.59 -1.01 -4.21
N ALA A 89 6.73 -0.07 -3.28
CA ALA A 89 5.89 1.12 -3.23
C ALA A 89 6.73 2.25 -2.64
N VAL A 90 7.63 2.70 -3.52
CA VAL A 90 8.49 3.76 -3.13
C VAL A 90 7.54 4.95 -2.87
N ARG A 91 7.61 5.56 -1.68
CA ARG A 91 6.66 6.64 -1.61
C ARG A 91 6.85 7.59 -0.46
N GLU A 92 6.35 8.80 -0.80
CA GLU A 92 6.44 9.84 0.18
C GLU A 92 5.22 10.76 -0.01
N ILE A 93 4.37 10.72 1.00
CA ILE A 93 3.13 11.52 1.02
C ILE A 93 3.45 12.94 0.57
N SER A 94 2.88 13.23 -0.60
CA SER A 94 3.11 14.54 -1.14
C SER A 94 2.48 15.70 -0.39
N GLY A 95 1.24 16.05 -0.76
CA GLY A 95 0.66 17.16 -0.06
C GLY A 95 -0.79 16.80 0.30
N ASN A 96 -0.81 16.40 1.59
CA ASN A 96 -1.99 15.99 2.30
C ASN A 96 -2.70 14.88 1.50
N GLU A 97 -1.92 14.22 0.66
CA GLU A 97 -2.40 13.15 -0.15
C GLU A 97 -1.16 12.42 -0.81
N LEU A 98 -1.34 11.11 -0.68
CA LEU A 98 -0.35 10.20 -1.19
C LEU A 98 -0.65 9.60 -2.57
N ILE A 99 0.50 9.50 -3.30
CA ILE A 99 0.54 8.97 -4.61
C ILE A 99 0.60 7.44 -4.46
N GLN A 100 1.84 6.95 -4.28
CA GLN A 100 2.11 5.51 -4.12
C GLN A 100 2.40 5.10 -5.58
N THR A 101 3.71 4.85 -5.76
CA THR A 101 4.25 4.45 -7.01
C THR A 101 4.09 3.03 -7.47
N TYR A 102 4.22 2.17 -6.46
CA TYR A 102 4.08 0.76 -6.79
C TYR A 102 5.23 0.45 -7.79
N THR A 103 6.43 0.84 -7.28
CA THR A 103 7.66 0.64 -8.07
C THR A 103 7.53 -0.86 -8.40
N TYR A 104 7.44 -1.01 -9.73
CA TYR A 104 7.30 -2.36 -10.22
C TYR A 104 8.00 -2.58 -11.52
N GLU A 105 8.65 -3.74 -11.57
CA GLU A 105 9.42 -4.19 -12.71
C GLU A 105 10.20 -3.13 -13.45
N GLY A 106 10.73 -2.12 -12.72
CA GLY A 106 11.47 -1.11 -13.45
C GLY A 106 10.68 -0.11 -14.26
N VAL A 107 9.38 0.05 -13.95
CA VAL A 107 8.57 0.98 -14.67
C VAL A 107 7.78 1.99 -13.84
N GLU A 108 7.58 1.65 -12.55
CA GLU A 108 6.83 2.52 -11.63
C GLU A 108 5.38 2.54 -12.12
N ALA A 109 4.54 3.20 -11.28
CA ALA A 109 3.17 3.26 -11.66
C ALA A 109 2.30 4.11 -10.73
N LYS A 110 2.42 5.40 -11.03
CA LYS A 110 1.66 6.30 -10.22
C LYS A 110 0.34 6.60 -10.93
N ARG A 111 -0.68 6.25 -10.17
CA ARG A 111 -2.01 6.49 -10.72
C ARG A 111 -2.40 7.90 -10.18
N ILE A 112 -1.89 8.09 -8.94
CA ILE A 112 -2.19 9.37 -8.33
C ILE A 112 -3.59 9.28 -7.68
N PHE A 113 -3.50 9.47 -6.37
CA PHE A 113 -4.71 9.44 -5.59
C PHE A 113 -4.59 10.54 -4.52
N LYS A 114 -5.17 10.26 -3.38
CA LYS A 114 -5.13 11.21 -2.29
C LYS A 114 -5.66 10.60 -0.98
N LYS A 115 -6.32 11.44 -0.21
CA LYS A 115 -6.90 11.11 1.08
C LYS A 115 -8.34 11.53 1.16
N GLU A 116 -8.46 12.86 0.97
CA GLU A 116 -9.74 13.47 1.01
C GLU A 116 -9.71 14.99 0.72
N ALA A 1 2.63 11.05 10.19
CA ALA A 1 1.19 10.85 10.27
C ALA A 1 0.75 9.93 9.13
N PHE A 2 -0.56 9.63 9.15
CA PHE A 2 -1.14 8.77 8.13
C PHE A 2 -2.47 8.24 8.75
N ASP A 3 -2.34 8.02 10.07
CA ASP A 3 -3.47 7.56 10.80
C ASP A 3 -4.84 8.04 10.38
N GLY A 4 -5.42 7.33 9.43
CA GLY A 4 -6.74 7.86 9.06
C GLY A 4 -7.12 7.09 7.80
N THR A 5 -8.30 7.39 7.22
CA THR A 5 -8.57 6.58 6.01
C THR A 5 -7.97 7.31 4.82
N TRP A 6 -7.97 6.71 3.61
CA TRP A 6 -7.44 7.31 2.44
C TRP A 6 -8.09 6.83 1.12
N LYS A 7 -8.71 7.75 0.39
CA LYS A 7 -9.34 7.57 -0.88
C LYS A 7 -10.83 7.16 -0.90
N VAL A 8 -11.20 7.26 -2.17
CA VAL A 8 -12.54 6.83 -2.53
C VAL A 8 -13.70 7.28 -1.75
N ASP A 9 -14.20 8.40 -2.33
CA ASP A 9 -15.35 9.10 -1.81
C ASP A 9 -16.60 8.31 -2.20
N ARG A 10 -17.75 9.02 -2.29
CA ARG A 10 -19.01 8.43 -2.65
C ARG A 10 -19.64 9.10 -3.89
N ASN A 11 -20.48 8.28 -4.57
CA ASN A 11 -21.17 8.77 -5.77
C ASN A 11 -22.59 9.25 -5.45
N GLU A 12 -23.30 8.54 -4.56
CA GLU A 12 -24.64 8.96 -4.23
C GLU A 12 -24.63 9.66 -2.86
N ASN A 13 -25.87 9.83 -2.36
CA ASN A 13 -26.00 10.48 -1.06
C ASN A 13 -26.64 9.46 -0.11
N TYR A 14 -25.93 8.33 -0.16
CA TYR A 14 -26.33 7.20 0.67
C TYR A 14 -25.19 6.18 0.60
N SER A 15 -25.17 5.26 1.59
CA SER A 15 -24.10 4.26 1.57
C SER A 15 -24.71 2.90 1.82
N GLY A 16 -24.43 1.97 0.88
CA GLY A 16 -24.97 0.64 1.04
C GLY A 16 -23.85 -0.41 1.24
N ALA A 17 -23.51 -1.00 0.07
CA ALA A 17 -22.47 -2.01 0.11
C ALA A 17 -21.57 -1.75 -1.10
N HIS A 18 -20.26 -1.81 -0.88
CA HIS A 18 -19.33 -1.57 -1.96
C HIS A 18 -18.01 -2.32 -1.68
N ASP A 19 -17.10 -2.22 -2.68
CA ASP A 19 -15.81 -2.88 -2.51
C ASP A 19 -14.76 -2.22 -3.44
N ASN A 20 -14.30 -1.02 -2.98
CA ASN A 20 -13.31 -0.30 -3.76
C ASN A 20 -11.94 -0.45 -3.10
N LEU A 21 -11.11 0.55 -3.41
CA LEU A 21 -9.77 0.56 -2.87
C LEU A 21 -9.87 1.63 -1.73
N LYS A 22 -8.63 1.90 -1.28
CA LYS A 22 -8.46 2.89 -0.28
C LYS A 22 -7.24 2.44 0.59
N LEU A 23 -6.57 3.54 0.88
CA LEU A 23 -5.40 3.42 1.73
C LEU A 23 -6.11 3.79 3.08
N THR A 24 -5.53 3.46 4.19
CA THR A 24 -6.16 3.77 5.49
C THR A 24 -5.23 3.02 6.47
N ILE A 25 -4.19 3.79 6.74
CA ILE A 25 -3.20 3.25 7.64
C ILE A 25 -3.25 3.88 9.03
N THR A 26 -3.58 3.02 9.98
CA THR A 26 -3.66 3.49 11.35
C THR A 26 -3.59 2.26 12.28
N GLN A 27 -2.31 1.84 12.36
CA GLN A 27 -2.19 0.68 13.23
C GLN A 27 -2.46 1.00 14.69
N GLU A 28 -1.31 1.29 15.36
CA GLU A 28 -1.33 1.63 16.78
C GLU A 28 -0.59 2.96 16.92
N GLY A 29 0.05 3.46 15.86
CA GLY A 29 0.74 4.74 16.07
C GLY A 29 2.21 4.28 15.96
N ASN A 30 2.31 2.92 15.97
CA ASN A 30 3.58 2.32 15.88
C ASN A 30 3.61 1.23 14.78
N LYS A 31 2.53 0.54 14.50
CA LYS A 31 2.68 -0.44 13.43
C LYS A 31 1.96 0.35 12.31
N PHE A 32 1.62 -0.27 11.20
CA PHE A 32 0.94 0.51 10.19
C PHE A 32 0.46 -0.68 9.30
N THR A 33 -0.58 -0.26 8.60
CA THR A 33 -1.07 -1.36 7.73
C THR A 33 -1.48 -0.51 6.55
N VAL A 34 -0.99 -0.92 5.40
CA VAL A 34 -1.40 -0.08 4.22
C VAL A 34 -2.69 -0.77 3.87
N LYS A 35 -3.73 0.12 3.92
CA LYS A 35 -5.02 -0.38 3.61
C LYS A 35 -5.26 -1.08 2.28
N GLU A 36 -4.29 -0.74 1.42
CA GLU A 36 -4.13 -1.17 0.07
C GLU A 36 -5.30 -2.04 -0.37
N SER A 37 -6.47 -1.38 -0.47
CA SER A 37 -7.63 -2.15 -0.86
C SER A 37 -7.59 -2.58 -2.31
N SER A 38 -7.79 -3.93 -2.52
CA SER A 38 -7.77 -4.44 -3.88
C SER A 38 -9.02 -5.24 -4.22
N ASN A 39 -8.92 -5.93 -5.38
CA ASN A 39 -10.05 -6.74 -5.82
C ASN A 39 -10.02 -7.98 -4.92
N PHE A 40 -8.73 -8.13 -4.52
CA PHE A 40 -8.46 -9.24 -3.65
C PHE A 40 -8.63 -8.74 -2.20
N ARG A 41 -9.87 -8.47 -1.86
CA ARG A 41 -10.22 -7.99 -0.55
C ARG A 41 -9.58 -6.67 -0.16
N ASN A 42 -9.95 -6.21 1.04
CA ASN A 42 -9.30 -4.93 1.36
C ASN A 42 -7.83 -5.36 1.61
N ILE A 43 -7.85 -6.45 2.37
CA ILE A 43 -6.58 -7.05 2.76
C ILE A 43 -5.86 -6.03 3.63
N ASP A 44 -4.91 -6.74 4.33
CA ASP A 44 -4.07 -6.01 5.25
C ASP A 44 -2.62 -6.48 5.05
N VAL A 45 -1.82 -5.45 5.09
CA VAL A 45 -0.37 -5.71 4.91
C VAL A 45 0.17 -5.03 6.19
N VAL A 46 0.20 -5.79 7.29
CA VAL A 46 0.72 -5.06 8.42
C VAL A 46 2.16 -5.40 8.76
N PHE A 47 2.66 -4.46 9.54
CA PHE A 47 4.02 -4.63 9.96
C PHE A 47 4.34 -3.75 11.16
N GLU A 48 5.25 -4.16 12.06
CA GLU A 48 5.44 -3.23 13.12
C GLU A 48 6.55 -2.18 12.91
N LEU A 49 6.45 -1.53 11.77
CA LEU A 49 7.35 -0.52 11.29
C LEU A 49 8.81 -0.87 11.43
N GLY A 50 9.25 -1.48 10.33
CA GLY A 50 10.65 -1.90 10.24
C GLY A 50 10.70 -3.22 11.08
N VAL A 51 9.88 -4.12 10.58
CA VAL A 51 9.74 -5.43 11.15
C VAL A 51 10.25 -6.58 10.29
N ASP A 52 10.07 -6.26 9.00
CA ASP A 52 10.51 -7.28 8.03
C ASP A 52 9.56 -8.49 8.10
N PHE A 53 9.31 -8.93 6.82
CA PHE A 53 8.42 -10.04 6.75
C PHE A 53 8.09 -10.56 5.36
N ALA A 54 7.90 -11.86 5.20
CA ALA A 54 7.58 -12.41 3.88
C ALA A 54 6.08 -12.81 4.10
N TYR A 55 5.25 -12.52 3.12
CA TYR A 55 3.89 -12.93 3.41
C TYR A 55 3.09 -13.36 2.18
N SER A 56 3.04 -14.69 2.08
CA SER A 56 2.27 -15.13 0.90
C SER A 56 0.81 -14.82 1.34
N LEU A 57 0.36 -13.63 0.92
CA LEU A 57 -0.98 -13.13 1.21
C LEU A 57 -2.08 -13.63 0.30
N ALA A 58 -2.35 -13.01 -0.84
CA ALA A 58 -3.41 -13.49 -1.70
C ALA A 58 -3.22 -14.86 -2.31
N ASP A 59 -2.23 -15.65 -1.88
CA ASP A 59 -2.02 -16.99 -2.46
C ASP A 59 -1.47 -16.90 -3.85
N GLY A 60 -1.08 -15.67 -4.23
CA GLY A 60 -0.54 -15.40 -5.53
C GLY A 60 0.10 -13.99 -5.43
N THR A 61 0.81 -13.90 -4.31
CA THR A 61 1.53 -12.71 -3.92
C THR A 61 3.02 -12.93 -3.62
N GLU A 62 3.25 -13.24 -2.34
CA GLU A 62 4.65 -13.46 -1.99
C GLU A 62 5.38 -12.13 -2.24
N LEU A 63 5.07 -11.19 -1.33
CA LEU A 63 5.65 -9.89 -1.41
C LEU A 63 6.46 -9.49 -0.17
N THR A 64 7.65 -10.09 -0.13
CA THR A 64 8.65 -9.94 0.86
C THR A 64 8.79 -8.40 1.06
N GLY A 65 8.37 -7.98 2.23
CA GLY A 65 8.53 -6.51 2.37
C GLY A 65 9.02 -6.24 3.80
N THR A 66 8.98 -4.91 3.98
CA THR A 66 9.40 -4.27 5.21
C THR A 66 9.33 -2.78 5.10
N TRP A 67 8.70 -2.03 6.03
CA TRP A 67 8.61 -0.56 5.84
C TRP A 67 8.88 0.06 7.20
N THR A 68 9.99 0.81 7.09
CA THR A 68 10.62 1.55 8.12
C THR A 68 10.28 3.05 8.21
N MET A 69 9.02 3.21 7.85
CA MET A 69 8.29 4.47 7.80
C MET A 69 9.05 5.46 8.67
N GLU A 70 9.70 6.35 7.92
CA GLU A 70 10.48 7.38 8.59
C GLU A 70 9.55 8.27 9.37
N GLY A 71 8.48 8.58 8.64
CA GLY A 71 7.51 9.43 9.24
C GLY A 71 6.51 9.84 8.15
N ASN A 72 7.14 10.08 6.99
CA ASN A 72 6.38 10.49 5.82
C ASN A 72 7.00 9.83 4.57
N LYS A 73 7.56 8.63 4.81
CA LYS A 73 8.19 7.89 3.73
C LYS A 73 7.81 6.41 3.76
N LEU A 74 7.94 5.80 2.59
CA LEU A 74 7.59 4.39 2.54
C LEU A 74 8.64 3.61 1.77
N VAL A 75 9.82 3.79 2.43
CA VAL A 75 11.05 3.18 1.99
C VAL A 75 11.26 1.77 2.48
N GLY A 76 10.78 0.94 1.56
CA GLY A 76 10.89 -0.51 1.83
C GLY A 76 10.79 -1.12 0.43
N LYS A 77 10.34 -2.43 0.49
CA LYS A 77 10.27 -2.95 -0.85
C LYS A 77 9.59 -4.29 -0.91
N PHE A 78 8.54 -4.30 -1.75
CA PHE A 78 7.80 -5.58 -1.91
C PHE A 78 8.29 -6.00 -3.30
N LYS A 79 8.00 -7.31 -3.40
CA LYS A 79 8.40 -7.95 -4.65
C LYS A 79 7.82 -9.32 -4.82
N ARG A 80 7.24 -9.54 -6.04
CA ARG A 80 6.65 -10.82 -6.31
C ARG A 80 7.72 -11.83 -6.75
N VAL A 81 8.28 -12.42 -5.71
CA VAL A 81 9.32 -13.41 -5.75
C VAL A 81 9.03 -14.44 -6.89
N ASP A 82 7.71 -14.61 -7.02
CA ASP A 82 7.14 -15.51 -7.99
C ASP A 82 7.62 -15.10 -9.39
N ASN A 83 7.57 -13.79 -9.72
CA ASN A 83 8.05 -13.53 -11.05
C ASN A 83 9.39 -12.85 -11.06
N GLY A 84 9.90 -12.49 -9.87
CA GLY A 84 11.21 -11.83 -10.03
C GLY A 84 10.76 -10.43 -10.55
N LYS A 85 9.68 -10.10 -9.81
CA LYS A 85 8.99 -8.88 -10.05
C LYS A 85 9.48 -7.58 -9.49
N GLU A 86 9.17 -7.32 -8.23
CA GLU A 86 9.55 -6.06 -7.63
C GLU A 86 8.38 -5.04 -7.84
N LEU A 87 7.90 -4.57 -6.71
CA LEU A 87 6.80 -3.60 -6.74
C LEU A 87 6.83 -2.73 -5.51
N ILE A 88 8.07 -2.28 -5.35
CA ILE A 88 8.41 -1.41 -4.24
C ILE A 88 7.37 -0.26 -4.31
N ALA A 89 6.94 0.15 -3.13
CA ALA A 89 5.98 1.21 -2.92
C ALA A 89 6.79 2.40 -2.46
N VAL A 90 7.70 2.74 -3.35
CA VAL A 90 8.50 3.84 -3.00
C VAL A 90 7.68 5.11 -2.88
N ARG A 91 7.39 5.53 -1.62
CA ARG A 91 6.63 6.74 -1.52
C ARG A 91 7.14 7.60 -0.37
N GLU A 92 6.28 8.63 -0.28
CA GLU A 92 6.53 9.63 0.72
C GLU A 92 5.44 10.72 0.53
N ILE A 93 4.43 10.66 1.35
CA ILE A 93 3.35 11.63 1.27
C ILE A 93 3.93 13.01 1.00
N SER A 94 3.79 13.28 -0.32
CA SER A 94 4.30 14.56 -0.75
C SER A 94 3.41 15.75 -0.63
N GLY A 95 2.35 15.77 -1.45
CA GLY A 95 1.47 16.92 -1.34
C GLY A 95 0.68 16.71 -0.04
N ASN A 96 -0.57 16.37 -0.36
CA ASN A 96 -1.54 16.12 0.70
C ASN A 96 -2.37 14.92 0.20
N GLU A 97 -1.61 13.90 -0.16
CA GLU A 97 -2.18 12.65 -0.65
C GLU A 97 -1.08 11.58 -0.48
N LEU A 98 -0.66 11.00 -1.58
CA LEU A 98 0.34 9.97 -1.66
C LEU A 98 0.12 9.14 -2.95
N ILE A 99 1.04 9.49 -3.90
CA ILE A 99 1.03 8.86 -5.16
C ILE A 99 0.94 7.32 -4.92
N GLN A 100 2.08 6.80 -4.45
CA GLN A 100 2.27 5.39 -4.14
C GLN A 100 2.52 4.83 -5.58
N THR A 101 3.85 4.68 -5.68
CA THR A 101 4.49 4.19 -6.84
C THR A 101 5.01 2.78 -6.70
N TYR A 102 4.42 1.99 -7.62
CA TYR A 102 4.86 0.60 -7.56
C TYR A 102 6.15 0.66 -8.44
N THR A 103 7.23 1.09 -7.73
CA THR A 103 8.53 1.20 -8.40
C THR A 103 8.84 -0.28 -8.70
N TYR A 104 8.50 -0.54 -9.99
CA TYR A 104 8.66 -1.83 -10.59
C TYR A 104 9.80 -1.90 -11.58
N GLU A 105 10.71 -2.79 -11.26
CA GLU A 105 11.92 -3.10 -11.97
C GLU A 105 12.25 -2.26 -13.18
N GLY A 106 12.51 -0.96 -12.98
CA GLY A 106 12.82 -0.13 -14.11
C GLY A 106 11.71 0.79 -14.61
N VAL A 107 10.66 0.91 -13.77
CA VAL A 107 9.57 1.74 -14.12
C VAL A 107 8.94 2.52 -12.97
N GLU A 108 8.42 3.73 -13.34
CA GLU A 108 7.79 4.55 -12.29
C GLU A 108 6.32 4.70 -12.68
N ALA A 109 5.56 3.57 -12.62
CA ALA A 109 4.22 3.70 -12.97
C ALA A 109 3.29 3.79 -11.70
N LYS A 110 3.05 5.06 -11.46
CA LYS A 110 2.22 5.28 -10.33
C LYS A 110 0.75 5.30 -10.75
N ARG A 111 0.03 5.44 -9.64
CA ARG A 111 -1.45 5.49 -9.80
C ARG A 111 -1.75 6.69 -8.84
N ILE A 112 -2.30 7.74 -9.51
CA ILE A 112 -2.61 8.88 -8.68
C ILE A 112 -3.98 8.76 -8.00
N PHE A 113 -3.83 8.93 -6.70
CA PHE A 113 -4.98 8.87 -5.83
C PHE A 113 -4.82 9.96 -4.76
N LYS A 114 -5.36 9.69 -3.59
CA LYS A 114 -5.28 10.67 -2.54
C LYS A 114 -5.75 10.12 -1.20
N LYS A 115 -6.44 11.00 -0.47
CA LYS A 115 -7.02 10.76 0.84
C LYS A 115 -8.49 11.01 0.86
N GLU A 116 -8.91 11.79 1.86
CA GLU A 116 -10.30 12.13 2.03
C GLU A 116 -10.38 13.64 2.38
N ALA A 1 -0.93 11.44 12.23
CA ALA A 1 -0.62 11.76 10.86
C ALA A 1 -1.42 10.96 9.82
N PHE A 2 -1.22 9.64 9.97
CA PHE A 2 -1.93 8.79 9.03
C PHE A 2 -3.29 8.40 9.68
N ASP A 3 -3.24 8.28 11.02
CA ASP A 3 -4.44 7.92 11.71
C ASP A 3 -5.74 8.51 11.18
N GLY A 4 -6.39 7.79 10.23
CA GLY A 4 -7.63 8.39 9.74
C GLY A 4 -7.98 7.65 8.46
N THR A 5 -9.13 8.00 7.88
CA THR A 5 -9.37 7.21 6.64
C THR A 5 -8.84 7.96 5.45
N TRP A 6 -8.60 7.29 4.31
CA TRP A 6 -8.12 7.97 3.15
C TRP A 6 -8.99 7.67 1.92
N LYS A 7 -8.95 8.44 0.86
CA LYS A 7 -9.70 8.26 -0.34
C LYS A 7 -11.20 7.93 -0.18
N VAL A 8 -11.67 7.80 -1.42
CA VAL A 8 -12.99 7.39 -1.83
C VAL A 8 -14.01 7.11 -0.79
N ASP A 9 -15.03 7.99 -0.94
CA ASP A 9 -16.16 7.93 -0.05
C ASP A 9 -17.43 8.32 -0.82
N ARG A 10 -17.50 7.93 -2.11
CA ARG A 10 -18.69 8.27 -2.88
C ARG A 10 -19.88 7.43 -2.41
N ASN A 11 -21.00 7.55 -3.17
CA ASN A 11 -22.21 6.81 -2.86
C ASN A 11 -21.97 5.33 -3.21
N GLU A 12 -23.02 4.61 -3.64
CA GLU A 12 -22.88 3.20 -3.99
C GLU A 12 -22.64 2.35 -2.73
N ASN A 13 -23.57 1.40 -2.50
CA ASN A 13 -23.41 0.56 -1.32
C ASN A 13 -23.09 -0.85 -1.78
N TYR A 14 -24.09 -1.34 -2.54
CA TYR A 14 -24.03 -2.66 -3.10
C TYR A 14 -25.03 -2.80 -4.26
N SER A 15 -24.73 -3.83 -5.08
CA SER A 15 -25.58 -4.06 -6.21
C SER A 15 -25.56 -2.81 -7.07
N GLY A 16 -24.41 -2.12 -7.03
CA GLY A 16 -24.23 -0.91 -7.80
C GLY A 16 -23.63 -1.19 -9.17
N ALA A 17 -22.37 -1.69 -9.08
CA ALA A 17 -21.61 -2.01 -10.29
C ALA A 17 -20.22 -2.40 -9.79
N HIS A 18 -19.50 -1.46 -9.16
CA HIS A 18 -18.17 -1.78 -8.67
C HIS A 18 -17.47 -0.63 -7.93
N ASP A 19 -16.89 -1.02 -6.78
CA ASP A 19 -16.20 -0.02 -5.99
C ASP A 19 -14.69 -0.03 -6.31
N ASN A 20 -13.92 0.75 -5.51
CA ASN A 20 -12.48 0.80 -5.75
C ASN A 20 -11.67 0.34 -4.52
N LEU A 21 -11.00 1.31 -3.94
CA LEU A 21 -10.17 1.04 -2.75
C LEU A 21 -10.41 2.26 -1.81
N LYS A 22 -9.57 2.25 -0.79
CA LYS A 22 -9.56 3.27 0.23
C LYS A 22 -8.32 2.92 1.10
N LEU A 23 -7.64 4.02 1.34
CA LEU A 23 -6.45 3.90 2.18
C LEU A 23 -7.09 4.31 3.53
N THR A 24 -6.52 3.94 4.64
CA THR A 24 -7.10 4.32 5.94
C THR A 24 -6.23 3.56 6.93
N ILE A 25 -5.25 4.33 7.36
CA ILE A 25 -4.31 3.80 8.32
C ILE A 25 -4.54 4.39 9.69
N THR A 26 -4.46 3.51 10.71
CA THR A 26 -4.69 4.07 12.00
C THR A 26 -4.42 2.96 13.06
N GLN A 27 -3.11 2.71 13.19
CA GLN A 27 -2.82 1.68 14.18
C GLN A 27 -2.55 2.28 15.56
N GLU A 28 -1.24 2.48 15.83
CA GLU A 28 -0.94 3.04 17.14
C GLU A 28 0.34 3.88 17.00
N GLY A 29 0.93 4.02 15.83
CA GLY A 29 2.16 4.85 15.82
C GLY A 29 3.24 3.80 15.50
N ASN A 30 2.96 2.59 16.01
CA ASN A 30 3.83 1.48 15.83
C ASN A 30 3.37 0.56 14.69
N LYS A 31 2.08 0.35 14.47
CA LYS A 31 1.77 -0.53 13.37
C LYS A 31 1.13 0.49 12.40
N PHE A 32 0.81 0.10 11.18
CA PHE A 32 0.18 1.21 10.42
C PHE A 32 -0.37 0.44 9.21
N THR A 33 -1.36 -0.32 9.69
CA THR A 33 -2.05 -1.15 8.72
C THR A 33 -2.50 -0.18 7.67
N VAL A 34 -2.04 -0.51 6.47
CA VAL A 34 -2.45 0.42 5.39
C VAL A 34 -3.71 -0.22 4.90
N LYS A 35 -4.63 0.73 4.55
CA LYS A 35 -5.90 0.26 4.07
C LYS A 35 -5.99 -0.25 2.64
N GLU A 36 -4.79 -0.19 2.04
CA GLU A 36 -4.48 -0.57 0.71
C GLU A 36 -5.30 -1.83 0.33
N SER A 37 -6.39 -1.54 -0.40
CA SER A 37 -7.21 -2.68 -0.79
C SER A 37 -7.04 -2.96 -2.27
N SER A 38 -7.49 -4.18 -2.68
CA SER A 38 -7.38 -4.54 -4.08
C SER A 38 -8.61 -5.26 -4.59
N ASN A 39 -8.48 -5.78 -5.85
CA ASN A 39 -9.59 -6.52 -6.45
C ASN A 39 -9.70 -7.90 -5.81
N PHE A 40 -8.64 -8.14 -5.01
CA PHE A 40 -8.62 -9.40 -4.34
C PHE A 40 -9.51 -9.38 -3.09
N ARG A 41 -8.98 -8.63 -2.12
CA ARG A 41 -9.58 -8.41 -0.83
C ARG A 41 -9.18 -7.06 -0.24
N ASN A 42 -9.56 -6.84 1.01
CA ASN A 42 -9.16 -5.55 1.51
C ASN A 42 -7.64 -5.68 1.74
N ILE A 43 -7.36 -6.96 1.91
CA ILE A 43 -6.00 -7.43 2.14
C ILE A 43 -5.18 -6.39 2.83
N ASP A 44 -5.46 -6.39 4.14
CA ASP A 44 -4.76 -5.42 4.97
C ASP A 44 -3.36 -5.96 5.15
N VAL A 45 -2.49 -5.09 4.68
CA VAL A 45 -1.06 -5.44 4.77
C VAL A 45 -0.65 -4.84 6.11
N VAL A 46 -0.64 -5.75 7.10
CA VAL A 46 -0.26 -5.21 8.39
C VAL A 46 1.17 -5.46 8.79
N PHE A 47 1.65 -4.61 9.72
CA PHE A 47 3.02 -4.83 10.11
C PHE A 47 3.46 -3.85 11.18
N GLU A 48 4.77 -3.63 11.39
CA GLU A 48 5.14 -2.69 12.41
C GLU A 48 6.37 -1.84 12.02
N LEU A 49 6.11 -1.11 10.96
CA LEU A 49 7.08 -0.23 10.34
C LEU A 49 8.39 -0.89 9.99
N GLY A 50 9.24 -0.99 10.99
CA GLY A 50 10.54 -1.62 10.74
C GLY A 50 10.32 -3.09 11.13
N VAL A 51 9.74 -3.75 10.14
CA VAL A 51 9.38 -5.13 10.15
C VAL A 51 9.34 -5.74 8.76
N ASP A 52 10.36 -6.65 8.59
CA ASP A 52 10.40 -7.29 7.29
C ASP A 52 9.58 -8.60 7.40
N PHE A 53 9.24 -9.11 6.19
CA PHE A 53 8.47 -10.31 6.25
C PHE A 53 8.20 -11.02 4.94
N ALA A 54 8.18 -12.35 4.91
CA ALA A 54 7.92 -13.06 3.66
C ALA A 54 6.42 -13.42 3.76
N TYR A 55 5.61 -12.53 3.26
CA TYR A 55 4.18 -12.85 3.34
C TYR A 55 3.59 -13.27 2.00
N SER A 56 2.62 -14.16 2.14
CA SER A 56 1.99 -14.63 0.90
C SER A 56 0.58 -14.00 0.95
N LEU A 57 0.52 -12.81 0.32
CA LEU A 57 -0.70 -12.00 0.22
C LEU A 57 -1.88 -12.89 -0.20
N ALA A 58 -2.01 -13.03 -1.51
CA ALA A 58 -3.12 -13.86 -1.97
C ALA A 58 -2.75 -15.33 -1.82
N ASP A 59 -3.03 -16.19 -2.82
CA ASP A 59 -2.69 -17.60 -2.66
C ASP A 59 -1.17 -17.75 -2.63
N GLY A 60 -0.50 -16.92 -3.46
CA GLY A 60 0.94 -16.94 -3.55
C GLY A 60 1.41 -15.55 -3.08
N THR A 61 1.33 -14.67 -4.07
CA THR A 61 1.71 -13.28 -3.96
C THR A 61 2.92 -13.04 -3.05
N GLU A 62 4.11 -13.32 -3.59
CA GLU A 62 5.28 -13.09 -2.72
C GLU A 62 5.54 -11.58 -2.84
N LEU A 63 5.87 -11.08 -1.64
CA LEU A 63 6.16 -9.67 -1.54
C LEU A 63 7.05 -9.36 -0.33
N THR A 64 8.06 -10.22 -0.23
CA THR A 64 9.07 -10.22 0.78
C THR A 64 9.57 -8.78 1.00
N GLY A 65 9.18 -8.23 2.14
CA GLY A 65 9.70 -6.85 2.27
C GLY A 65 9.33 -6.36 3.67
N THR A 66 9.41 -5.03 3.75
CA THR A 66 9.12 -4.25 4.92
C THR A 66 8.69 -2.81 4.69
N TRP A 67 7.76 -2.23 5.43
CA TRP A 67 7.39 -0.83 5.15
C TRP A 67 7.67 -0.13 6.53
N THR A 68 8.87 0.42 6.46
CA THR A 68 9.53 1.15 7.50
C THR A 68 9.58 2.68 7.27
N MET A 69 8.37 3.17 7.53
CA MET A 69 7.99 4.55 7.43
C MET A 69 9.13 5.30 8.15
N GLU A 70 9.96 5.79 7.23
CA GLU A 70 11.12 6.54 7.75
C GLU A 70 10.53 7.70 8.52
N GLY A 71 9.55 8.30 7.83
CA GLY A 71 8.87 9.42 8.41
C GLY A 71 7.66 9.68 7.48
N ASN A 72 8.04 10.30 6.36
CA ASN A 72 7.06 10.65 5.35
C ASN A 72 7.36 9.82 4.10
N LYS A 73 8.29 8.85 4.28
CA LYS A 73 8.65 8.01 3.15
C LYS A 73 7.99 6.64 3.35
N LEU A 74 8.24 5.74 2.40
CA LEU A 74 7.63 4.42 2.56
C LEU A 74 8.42 3.33 1.90
N VAL A 75 9.74 3.54 2.18
CA VAL A 75 10.83 2.75 1.75
C VAL A 75 10.96 1.35 2.35
N GLY A 76 11.34 0.54 1.37
CA GLY A 76 11.53 -0.88 1.70
C GLY A 76 11.58 -1.55 0.30
N LYS A 77 10.95 -2.76 0.32
CA LYS A 77 10.97 -3.44 -0.94
C LYS A 77 10.36 -4.81 -0.87
N PHE A 78 9.40 -4.89 -1.79
CA PHE A 78 8.64 -6.16 -1.90
C PHE A 78 8.86 -6.54 -3.35
N LYS A 79 8.68 -7.88 -3.44
CA LYS A 79 8.84 -8.51 -4.71
C LYS A 79 8.19 -9.89 -4.82
N ARG A 80 7.80 -10.21 -6.08
CA ARG A 80 7.21 -11.51 -6.24
C ARG A 80 8.24 -12.44 -6.91
N VAL A 81 8.83 -13.21 -5.99
CA VAL A 81 9.84 -14.20 -6.25
C VAL A 81 9.49 -15.03 -7.48
N ASP A 82 8.18 -15.13 -7.65
CA ASP A 82 7.54 -15.86 -8.74
C ASP A 82 8.39 -15.57 -9.98
N ASN A 83 8.56 -14.25 -10.28
CA ASN A 83 9.35 -14.01 -11.43
C ASN A 83 10.57 -13.13 -11.15
N GLY A 84 10.89 -12.81 -9.90
CA GLY A 84 12.08 -11.94 -9.72
C GLY A 84 11.63 -10.63 -10.40
N LYS A 85 10.42 -10.28 -9.89
CA LYS A 85 9.69 -9.14 -10.29
C LYS A 85 10.00 -7.79 -9.68
N GLU A 86 9.78 -7.67 -8.37
CA GLU A 86 9.99 -6.42 -7.69
C GLU A 86 8.80 -5.43 -7.84
N LEU A 87 8.58 -4.85 -6.67
CA LEU A 87 7.51 -3.83 -6.62
C LEU A 87 7.69 -2.85 -5.49
N ILE A 88 8.99 -2.64 -5.32
CA ILE A 88 9.48 -1.72 -4.30
C ILE A 88 8.60 -0.46 -4.45
N ALA A 89 7.85 -0.28 -3.39
CA ALA A 89 6.90 0.78 -3.25
C ALA A 89 7.67 1.99 -2.72
N VAL A 90 8.47 2.43 -3.66
CA VAL A 90 9.23 3.60 -3.25
C VAL A 90 8.09 4.60 -2.93
N ARG A 91 8.10 5.20 -1.73
CA ARG A 91 6.94 6.05 -1.60
C ARG A 91 7.13 7.12 -0.57
N GLU A 92 6.21 8.08 -0.78
CA GLU A 92 6.23 9.20 0.16
C GLU A 92 5.00 10.05 -0.15
N ILE A 93 4.47 10.61 0.93
CA ILE A 93 3.31 11.45 0.81
C ILE A 93 3.52 12.55 -0.23
N SER A 94 2.80 12.44 -1.33
CA SER A 94 3.02 13.49 -2.31
C SER A 94 2.91 14.91 -1.80
N GLY A 95 1.74 15.28 -1.31
CA GLY A 95 1.56 16.64 -0.81
C GLY A 95 0.49 16.46 0.28
N ASN A 96 -0.76 16.71 -0.21
CA ASN A 96 -1.90 16.58 0.66
C ASN A 96 -2.59 15.23 0.34
N GLU A 97 -1.76 14.28 -0.03
CA GLU A 97 -2.19 12.95 -0.37
C GLU A 97 -0.89 12.18 -0.74
N LEU A 98 -1.15 10.90 -0.98
CA LEU A 98 -0.13 9.93 -1.33
C LEU A 98 -0.30 9.52 -2.81
N ILE A 99 0.85 9.05 -3.30
CA ILE A 99 0.95 8.60 -4.64
C ILE A 99 1.27 7.09 -4.66
N GLN A 100 2.41 6.67 -4.13
CA GLN A 100 2.82 5.27 -4.09
C GLN A 100 3.42 5.15 -5.53
N THR A 101 4.60 4.53 -5.49
CA THR A 101 5.44 4.24 -6.60
C THR A 101 6.11 2.88 -6.49
N TYR A 102 5.47 1.99 -7.25
CA TYR A 102 6.03 0.66 -7.21
C TYR A 102 7.10 0.58 -8.31
N THR A 103 8.34 0.83 -7.84
CA THR A 103 9.54 0.77 -8.72
C THR A 103 9.48 -0.71 -9.15
N TYR A 104 9.36 -0.83 -10.49
CA TYR A 104 9.28 -2.16 -11.02
C TYR A 104 9.38 -2.23 -12.51
N GLU A 105 10.42 -2.94 -12.92
CA GLU A 105 10.77 -3.18 -14.31
C GLU A 105 10.60 -1.95 -15.14
N GLY A 106 9.37 -1.61 -15.60
CA GLY A 106 9.30 -0.42 -16.39
C GLY A 106 9.75 0.80 -15.58
N VAL A 107 9.75 0.63 -14.25
CA VAL A 107 10.14 1.61 -13.29
C VAL A 107 9.23 2.82 -13.14
N GLU A 108 9.27 3.29 -11.86
CA GLU A 108 8.50 4.45 -11.46
C GLU A 108 7.08 4.31 -12.00
N ALA A 109 6.29 3.50 -11.27
CA ALA A 109 4.93 3.33 -11.70
C ALA A 109 3.99 3.85 -10.58
N LYS A 110 4.02 5.18 -10.59
CA LYS A 110 3.20 5.80 -9.60
C LYS A 110 1.77 5.93 -10.06
N ARG A 111 0.99 5.94 -8.96
CA ARG A 111 -0.45 6.05 -9.15
C ARG A 111 -0.85 7.35 -8.39
N ILE A 112 -2.18 7.62 -8.46
CA ILE A 112 -2.63 8.81 -7.79
C ILE A 112 -3.84 8.57 -6.89
N PHE A 113 -3.53 8.62 -5.60
CA PHE A 113 -4.52 8.43 -4.56
C PHE A 113 -4.54 9.73 -3.74
N LYS A 114 -5.43 9.68 -2.74
CA LYS A 114 -5.55 10.84 -1.90
C LYS A 114 -6.57 10.68 -0.78
N LYS A 115 -6.01 10.95 0.41
CA LYS A 115 -6.68 10.93 1.68
C LYS A 115 -8.11 11.44 1.70
N GLU A 116 -8.16 12.72 1.24
CA GLU A 116 -9.34 13.50 1.12
C GLU A 116 -9.00 15.01 1.06
N ALA A 1 -0.09 11.21 11.19
CA ALA A 1 -1.01 12.00 10.41
C ALA A 1 -1.73 11.18 9.31
N PHE A 2 -1.17 9.96 9.15
CA PHE A 2 -1.73 9.06 8.14
C PHE A 2 -3.04 8.47 8.77
N ASP A 3 -2.96 8.32 10.12
CA ASP A 3 -4.09 7.79 10.78
C ASP A 3 -5.46 8.29 10.31
N GLY A 4 -6.06 7.63 9.32
CA GLY A 4 -7.36 8.21 8.97
C GLY A 4 -7.73 7.64 7.62
N THR A 5 -9.02 7.42 7.31
CA THR A 5 -9.26 6.88 5.98
C THR A 5 -8.74 7.88 4.94
N TRP A 6 -8.63 7.40 3.71
CA TRP A 6 -8.17 8.13 2.55
C TRP A 6 -9.02 7.77 1.32
N LYS A 7 -9.07 8.60 0.28
CA LYS A 7 -9.84 8.26 -0.87
C LYS A 7 -11.31 7.85 -0.63
N VAL A 8 -11.79 7.55 -1.83
CA VAL A 8 -13.10 7.01 -2.10
C VAL A 8 -14.12 7.25 -1.04
N ASP A 9 -15.10 8.11 -1.44
CA ASP A 9 -16.18 8.47 -0.57
C ASP A 9 -17.40 7.59 -0.85
N ARG A 10 -17.33 6.32 -0.38
CA ARG A 10 -18.41 5.38 -0.56
C ARG A 10 -18.21 4.12 0.28
N ASN A 11 -18.50 4.24 1.60
CA ASN A 11 -18.36 3.14 2.51
C ASN A 11 -19.67 2.74 3.22
N GLU A 12 -20.64 3.67 3.23
CA GLU A 12 -21.94 3.49 3.83
C GLU A 12 -21.87 2.67 5.13
N ASN A 13 -21.39 3.32 6.21
CA ASN A 13 -21.26 2.70 7.51
C ASN A 13 -20.56 1.33 7.34
N TYR A 14 -20.74 0.52 8.39
CA TYR A 14 -20.15 -0.83 8.40
C TYR A 14 -21.11 -1.81 7.73
N SER A 15 -20.97 -1.89 6.38
CA SER A 15 -21.87 -2.83 5.72
C SER A 15 -21.29 -3.22 4.36
N GLY A 16 -19.98 -3.09 4.21
CA GLY A 16 -19.36 -3.46 2.93
C GLY A 16 -18.34 -4.59 3.15
N ALA A 17 -18.24 -5.47 2.13
CA ALA A 17 -17.31 -6.59 2.24
C ALA A 17 -16.33 -6.50 1.09
N HIS A 18 -16.79 -6.21 -0.15
CA HIS A 18 -15.90 -6.13 -1.29
C HIS A 18 -15.32 -4.72 -1.46
N ASP A 19 -16.24 -3.81 -1.80
CA ASP A 19 -15.79 -2.42 -1.99
C ASP A 19 -14.81 -2.33 -3.15
N ASN A 20 -14.33 -1.07 -3.39
CA ASN A 20 -13.39 -0.88 -4.49
C ASN A 20 -11.93 -0.84 -3.99
N LEU A 21 -11.63 0.31 -3.37
CA LEU A 21 -10.31 0.59 -2.82
C LEU A 21 -10.56 1.86 -1.98
N LYS A 22 -9.52 2.18 -1.22
CA LYS A 22 -9.45 3.31 -0.31
C LYS A 22 -8.14 2.95 0.49
N LEU A 23 -7.59 4.06 0.97
CA LEU A 23 -6.38 3.93 1.75
C LEU A 23 -6.88 4.36 3.14
N THR A 24 -6.07 4.18 4.17
CA THR A 24 -6.46 4.55 5.52
C THR A 24 -5.13 4.77 6.31
N ILE A 25 -4.68 3.61 6.72
CA ILE A 25 -3.46 3.54 7.49
C ILE A 25 -3.71 4.10 8.89
N THR A 26 -3.31 3.34 9.90
CA THR A 26 -3.56 3.87 11.24
C THR A 26 -2.63 3.04 12.14
N GLN A 27 -1.40 3.59 12.01
CA GLN A 27 -0.40 2.90 12.81
C GLN A 27 -0.67 2.90 14.30
N GLU A 28 -0.22 1.80 14.95
CA GLU A 28 -0.45 1.70 16.41
C GLU A 28 1.00 1.68 16.99
N GLY A 29 1.55 2.88 17.21
CA GLY A 29 2.91 2.74 17.75
C GLY A 29 3.76 2.48 16.49
N ASN A 30 4.53 1.39 16.65
CA ASN A 30 5.42 0.97 15.59
C ASN A 30 4.76 -0.19 14.83
N LYS A 31 3.56 0.03 14.31
CA LYS A 31 2.99 -1.12 13.57
C LYS A 31 2.22 -0.29 12.52
N PHE A 32 2.50 -0.52 11.25
CA PHE A 32 1.75 0.31 10.31
C PHE A 32 1.02 -0.82 9.53
N THR A 33 0.11 -0.24 8.75
CA THR A 33 -0.65 -1.19 7.93
C THR A 33 -1.11 -0.24 6.85
N VAL A 34 -0.87 -0.63 5.63
CA VAL A 34 -1.32 0.30 4.59
C VAL A 34 -2.58 -0.34 4.12
N LYS A 35 -3.48 0.61 3.75
CA LYS A 35 -4.75 0.21 3.25
C LYS A 35 -4.84 0.03 1.77
N GLU A 36 -3.82 -0.72 1.28
CA GLU A 36 -3.73 -0.99 -0.13
C GLU A 36 -4.93 -1.95 -0.39
N SER A 37 -6.08 -1.34 -0.69
CA SER A 37 -7.24 -2.20 -0.94
C SER A 37 -7.28 -2.63 -2.40
N SER A 38 -7.39 -3.97 -2.56
CA SER A 38 -7.44 -4.41 -3.96
C SER A 38 -8.83 -4.64 -4.52
N ASN A 39 -8.80 -5.40 -5.63
CA ASN A 39 -10.03 -5.74 -6.33
C ASN A 39 -10.54 -7.13 -5.90
N PHE A 40 -9.64 -7.74 -5.12
CA PHE A 40 -10.05 -9.05 -4.68
C PHE A 40 -10.75 -8.88 -3.32
N ARG A 41 -9.92 -8.45 -2.39
CA ARG A 41 -10.29 -8.20 -1.02
C ARG A 41 -9.58 -6.96 -0.48
N ASN A 42 -9.38 -6.82 0.81
CA ASN A 42 -8.67 -5.58 1.13
C ASN A 42 -7.22 -5.88 0.73
N ILE A 43 -6.73 -6.80 1.56
CA ILE A 43 -5.34 -7.26 1.36
C ILE A 43 -4.48 -6.12 1.83
N ASP A 44 -4.52 -6.12 3.20
CA ASP A 44 -3.77 -5.13 3.95
C ASP A 44 -2.37 -5.71 4.11
N VAL A 45 -1.44 -4.77 4.23
CA VAL A 45 -0.06 -5.25 4.38
C VAL A 45 0.35 -4.69 5.73
N VAL A 46 0.63 -5.62 6.64
CA VAL A 46 1.01 -5.13 7.96
C VAL A 46 2.45 -5.50 8.27
N PHE A 47 2.99 -4.67 9.17
CA PHE A 47 4.35 -4.88 9.57
C PHE A 47 4.70 -4.06 10.80
N GLU A 48 5.95 -4.20 11.32
CA GLU A 48 6.21 -3.40 12.47
C GLU A 48 7.36 -2.38 12.32
N LEU A 49 7.06 -1.43 11.46
CA LEU A 49 7.91 -0.33 11.08
C LEU A 49 9.39 -0.54 11.28
N GLY A 50 9.90 -1.32 10.33
CA GLY A 50 11.31 -1.67 10.31
C GLY A 50 11.36 -3.18 10.67
N VAL A 51 10.64 -3.93 9.84
CA VAL A 51 10.55 -5.34 10.00
C VAL A 51 10.33 -6.11 8.71
N ASP A 52 11.35 -6.99 8.52
CA ASP A 52 11.28 -7.80 7.31
C ASP A 52 10.36 -9.03 7.61
N PHE A 53 9.77 -9.43 6.44
CA PHE A 53 8.89 -10.56 6.61
C PHE A 53 8.35 -11.14 5.31
N ALA A 54 7.82 -12.37 5.32
CA ALA A 54 7.27 -12.94 4.09
C ALA A 54 5.75 -12.87 4.30
N TYR A 55 5.01 -12.55 3.24
CA TYR A 55 3.56 -12.49 3.44
C TYR A 55 2.84 -12.76 2.14
N SER A 56 2.36 -13.99 2.12
CA SER A 56 1.64 -14.32 0.88
C SER A 56 0.30 -13.57 1.01
N LEU A 57 0.31 -12.39 0.41
CA LEU A 57 -0.86 -11.53 0.44
C LEU A 57 -2.01 -12.21 -0.33
N ALA A 58 -2.11 -11.97 -1.62
CA ALA A 58 -3.21 -12.63 -2.31
C ALA A 58 -2.94 -14.12 -2.42
N ASP A 59 -3.92 -14.84 -2.99
CA ASP A 59 -3.73 -16.27 -3.13
C ASP A 59 -2.85 -16.61 -4.30
N GLY A 60 -1.58 -16.19 -4.17
CA GLY A 60 -0.63 -16.45 -5.23
C GLY A 60 0.67 -15.68 -4.92
N THR A 61 0.51 -14.47 -4.40
CA THR A 61 1.56 -13.57 -4.03
C THR A 61 2.61 -14.18 -3.10
N GLU A 62 3.73 -13.48 -2.96
CA GLU A 62 4.78 -14.01 -2.08
C GLU A 62 5.75 -12.89 -1.80
N LEU A 63 5.09 -11.75 -1.42
CA LEU A 63 5.86 -10.58 -1.10
C LEU A 63 6.63 -10.86 0.19
N THR A 64 7.94 -10.65 0.04
CA THR A 64 8.92 -10.83 1.08
C THR A 64 9.68 -9.48 1.09
N GLY A 65 9.21 -8.73 2.09
CA GLY A 65 9.89 -7.42 2.15
C GLY A 65 9.55 -6.90 3.56
N THR A 66 9.82 -5.58 3.67
CA THR A 66 9.62 -4.82 4.85
C THR A 66 9.08 -3.41 4.66
N TRP A 67 8.34 -2.83 5.61
CA TRP A 67 7.83 -1.46 5.39
C TRP A 67 8.20 -0.68 6.67
N THR A 68 8.94 0.37 6.31
CA THR A 68 9.45 1.30 7.30
C THR A 68 9.18 2.76 6.89
N MET A 69 8.08 3.19 7.49
CA MET A 69 7.52 4.53 7.32
C MET A 69 8.43 5.45 8.10
N GLU A 70 8.67 6.58 7.43
CA GLU A 70 9.54 7.55 8.09
C GLU A 70 8.94 8.92 7.76
N GLY A 71 8.60 9.62 8.84
CA GLY A 71 8.01 10.91 8.73
C GLY A 71 6.87 10.80 7.68
N ASN A 72 7.25 11.21 6.48
CA ASN A 72 6.35 11.19 5.37
C ASN A 72 6.98 10.42 4.20
N LYS A 73 7.46 9.20 4.49
CA LYS A 73 8.09 8.41 3.44
C LYS A 73 7.61 6.97 3.57
N LEU A 74 7.73 6.20 2.51
CA LEU A 74 7.27 4.82 2.58
C LEU A 74 8.10 3.84 1.82
N VAL A 75 9.35 3.79 2.37
CA VAL A 75 10.40 2.96 1.91
C VAL A 75 10.51 1.59 2.57
N GLY A 76 10.96 0.75 1.66
CA GLY A 76 11.17 -0.67 1.96
C GLY A 76 11.08 -1.36 0.55
N LYS A 77 10.56 -2.60 0.62
CA LYS A 77 10.45 -3.32 -0.61
C LYS A 77 10.24 -4.80 -0.40
N PHE A 78 9.32 -5.17 -1.31
CA PHE A 78 8.88 -6.57 -1.37
C PHE A 78 9.16 -6.99 -2.80
N LYS A 79 8.59 -8.18 -3.05
CA LYS A 79 8.73 -8.79 -4.35
C LYS A 79 7.86 -9.99 -4.59
N ARG A 80 8.46 -10.92 -5.36
CA ARG A 80 7.74 -12.14 -5.67
C ARG A 80 8.63 -13.20 -6.30
N VAL A 81 9.18 -13.98 -5.38
CA VAL A 81 10.06 -15.08 -5.61
C VAL A 81 9.78 -15.82 -6.93
N ASP A 82 8.49 -15.84 -7.24
CA ASP A 82 7.96 -16.48 -8.44
C ASP A 82 8.66 -15.98 -9.68
N ASN A 83 8.79 -14.63 -9.89
CA ASN A 83 9.45 -14.24 -11.09
C ASN A 83 10.47 -13.11 -11.00
N GLY A 84 11.00 -12.77 -9.83
CA GLY A 84 11.98 -11.65 -9.84
C GLY A 84 11.11 -10.46 -10.32
N LYS A 85 10.06 -10.39 -9.45
CA LYS A 85 9.07 -9.38 -9.61
C LYS A 85 9.34 -7.99 -9.08
N GLU A 86 9.13 -7.79 -7.77
CA GLU A 86 9.38 -6.48 -7.23
C GLU A 86 8.10 -5.61 -7.37
N LEU A 87 7.43 -5.62 -6.23
CA LEU A 87 6.17 -4.90 -5.99
C LEU A 87 6.35 -4.00 -4.79
N ILE A 88 7.43 -3.25 -5.01
CA ILE A 88 7.87 -2.28 -4.02
C ILE A 88 6.93 -1.09 -4.22
N ALA A 89 7.18 -0.04 -3.42
CA ALA A 89 6.38 1.15 -3.47
C ALA A 89 7.15 2.28 -2.81
N VAL A 90 7.94 2.94 -3.64
CA VAL A 90 8.72 4.03 -3.12
C VAL A 90 7.81 5.27 -3.09
N ARG A 91 7.65 5.84 -1.87
CA ARG A 91 6.80 6.98 -1.93
C ARG A 91 6.78 7.76 -0.64
N GLU A 92 6.27 8.98 -0.89
CA GLU A 92 6.14 9.89 0.20
C GLU A 92 4.95 10.82 -0.13
N ILE A 93 4.10 10.96 0.88
CA ILE A 93 2.93 11.80 0.71
C ILE A 93 3.36 13.14 0.11
N SER A 94 2.68 13.54 -0.94
CA SER A 94 3.10 14.81 -1.51
C SER A 94 2.63 16.05 -0.80
N GLY A 95 1.31 16.31 -0.85
CA GLY A 95 0.82 17.51 -0.16
C GLY A 95 -0.16 17.01 0.92
N ASN A 96 -1.25 16.44 0.36
CA ASN A 96 -2.29 15.90 1.22
C ASN A 96 -2.88 14.66 0.50
N GLU A 97 -2.02 14.05 -0.32
CA GLU A 97 -2.45 12.88 -1.04
C GLU A 97 -1.20 12.08 -1.50
N LEU A 98 -1.27 10.87 -0.95
CA LEU A 98 -0.26 9.87 -1.19
C LEU A 98 -0.62 9.10 -2.50
N ILE A 99 0.39 9.19 -3.38
CA ILE A 99 0.28 8.57 -4.66
C ILE A 99 0.45 7.04 -4.47
N GLN A 100 1.72 6.67 -4.38
CA GLN A 100 2.18 5.28 -4.20
C GLN A 100 2.56 4.98 -5.69
N THR A 101 3.88 4.82 -5.78
CA THR A 101 4.46 4.55 -7.03
C THR A 101 4.50 3.13 -7.56
N TYR A 102 4.60 2.28 -6.54
CA TYR A 102 4.64 0.85 -6.90
C TYR A 102 5.91 0.74 -7.81
N THR A 103 7.07 0.88 -7.14
CA THR A 103 8.38 0.81 -7.81
C THR A 103 8.56 -0.63 -8.22
N TYR A 104 7.75 -0.88 -9.27
CA TYR A 104 7.75 -2.20 -9.85
C TYR A 104 8.77 -2.37 -10.93
N GLU A 105 9.70 -3.28 -10.62
CA GLU A 105 10.79 -3.63 -11.49
C GLU A 105 11.71 -2.45 -11.78
N GLY A 106 12.04 -1.73 -10.69
CA GLY A 106 12.90 -0.60 -10.84
C GLY A 106 12.32 0.62 -11.52
N VAL A 107 11.00 0.56 -11.83
CA VAL A 107 10.29 1.63 -12.48
C VAL A 107 9.14 2.20 -11.68
N GLU A 108 9.10 3.57 -11.74
CA GLU A 108 8.04 4.27 -11.03
C GLU A 108 6.78 4.04 -11.84
N ALA A 109 5.71 3.66 -11.09
CA ALA A 109 4.48 3.42 -11.78
C ALA A 109 3.25 3.97 -11.02
N LYS A 110 3.54 5.20 -10.57
CA LYS A 110 2.54 5.89 -9.84
C LYS A 110 1.47 6.39 -10.81
N ARG A 111 0.42 6.83 -10.15
CA ARG A 111 -0.71 7.36 -10.90
C ARG A 111 -1.20 8.48 -9.94
N ILE A 112 -2.12 8.03 -9.07
CA ILE A 112 -2.65 9.00 -8.13
C ILE A 112 -3.59 8.27 -7.12
N PHE A 113 -4.06 9.14 -6.26
CA PHE A 113 -4.94 8.82 -5.20
C PHE A 113 -4.93 10.08 -4.28
N LYS A 114 -5.74 9.95 -3.23
CA LYS A 114 -5.79 11.05 -2.29
C LYS A 114 -6.39 10.62 -0.94
N LYS A 115 -6.95 11.60 -0.26
CA LYS A 115 -7.57 11.47 1.05
C LYS A 115 -9.08 11.62 1.09
N GLU A 116 -9.52 12.35 2.13
CA GLU A 116 -10.91 12.63 2.36
C GLU A 116 -11.25 14.11 2.18
N ALA A 1 1.94 11.30 9.18
CA ALA A 1 0.49 11.47 9.14
C ALA A 1 -0.09 10.33 8.27
N PHE A 2 -0.79 9.45 9.01
CA PHE A 2 -1.39 8.31 8.31
C PHE A 2 -2.73 8.03 9.07
N ASP A 3 -2.58 7.97 10.41
CA ASP A 3 -3.73 7.71 11.20
C ASP A 3 -5.04 8.30 10.76
N GLY A 4 -5.84 7.46 10.07
CA GLY A 4 -7.12 8.03 9.62
C GLY A 4 -7.49 7.24 8.39
N THR A 5 -8.69 7.51 7.83
CA THR A 5 -8.98 6.69 6.64
C THR A 5 -8.44 7.55 5.48
N TRP A 6 -8.48 7.06 4.23
CA TRP A 6 -8.01 7.71 3.06
C TRP A 6 -8.85 7.34 1.82
N LYS A 7 -8.84 8.10 0.75
CA LYS A 7 -9.58 7.78 -0.43
C LYS A 7 -11.08 7.46 -0.26
N VAL A 8 -11.52 7.19 -1.49
CA VAL A 8 -12.84 6.71 -1.84
C VAL A 8 -14.00 7.08 -0.99
N ASP A 9 -13.81 8.37 -0.55
CA ASP A 9 -14.78 9.00 0.31
C ASP A 9 -15.98 9.27 -0.63
N ARG A 10 -15.66 9.94 -1.74
CA ARG A 10 -16.64 10.28 -2.75
C ARG A 10 -16.73 9.25 -3.88
N ASN A 11 -17.82 8.44 -3.80
CA ASN A 11 -18.05 7.40 -4.80
C ASN A 11 -19.09 7.77 -5.84
N GLU A 12 -18.68 7.94 -7.10
CA GLU A 12 -19.64 8.30 -8.15
C GLU A 12 -19.10 7.72 -9.49
N ASN A 13 -18.65 6.44 -9.37
CA ASN A 13 -18.12 5.73 -10.52
C ASN A 13 -19.34 5.13 -11.20
N TYR A 14 -18.99 4.16 -12.08
CA TYR A 14 -19.97 3.43 -12.86
C TYR A 14 -20.39 2.13 -12.14
N SER A 15 -20.14 2.12 -10.82
CA SER A 15 -20.49 0.95 -10.05
C SER A 15 -19.63 -0.23 -10.43
N GLY A 16 -18.65 -0.45 -9.53
CA GLY A 16 -17.76 -1.58 -9.81
C GLY A 16 -18.19 -2.74 -8.89
N ALA A 17 -17.88 -3.97 -9.30
CA ALA A 17 -18.25 -5.13 -8.49
C ALA A 17 -17.36 -5.09 -7.28
N HIS A 18 -16.02 -5.00 -7.50
CA HIS A 18 -15.10 -4.96 -6.36
C HIS A 18 -13.78 -4.27 -6.77
N ASP A 19 -13.99 -3.06 -7.34
CA ASP A 19 -12.90 -2.22 -7.80
C ASP A 19 -12.75 -1.03 -6.84
N ASN A 20 -13.29 -1.29 -5.63
CA ASN A 20 -13.23 -0.27 -4.58
C ASN A 20 -11.99 -0.48 -3.69
N LEU A 21 -11.21 0.57 -3.76
CA LEU A 21 -9.96 0.66 -3.02
C LEU A 21 -10.18 1.80 -1.98
N LYS A 22 -9.28 1.78 -1.01
CA LYS A 22 -9.32 2.75 0.05
C LYS A 22 -7.99 2.46 0.81
N LEU A 23 -7.60 3.60 1.34
CA LEU A 23 -6.36 3.58 2.11
C LEU A 23 -6.97 3.93 3.50
N THR A 24 -6.29 3.57 4.57
CA THR A 24 -6.81 3.88 5.91
C THR A 24 -5.83 3.13 6.82
N ILE A 25 -4.92 3.96 7.24
CA ILE A 25 -3.90 3.43 8.12
C ILE A 25 -4.02 4.07 9.50
N THR A 26 -4.40 3.22 10.45
CA THR A 26 -4.53 3.73 11.78
C THR A 26 -4.36 2.55 12.78
N GLN A 27 -3.02 2.35 12.88
CA GLN A 27 -2.73 1.26 13.80
C GLN A 27 -2.61 1.75 15.23
N GLU A 28 -1.34 1.95 15.65
CA GLU A 28 -1.14 2.42 17.02
C GLU A 28 -0.17 3.62 16.93
N GLY A 29 0.36 3.91 15.75
CA GLY A 29 1.29 5.07 15.74
C GLY A 29 2.60 4.35 15.36
N ASN A 30 2.61 3.06 15.73
CA ASN A 30 3.71 2.22 15.47
C ASN A 30 3.32 1.02 14.59
N LYS A 31 2.09 0.57 14.58
CA LYS A 31 1.85 -0.57 13.68
C LYS A 31 1.19 0.21 12.52
N PHE A 32 0.81 -0.44 11.44
CA PHE A 32 0.18 0.36 10.39
C PHE A 32 -0.15 -0.82 9.43
N THR A 33 -1.37 -0.57 8.95
CA THR A 33 -1.90 -1.54 8.00
C THR A 33 -2.29 -0.60 6.89
N VAL A 34 -1.70 -0.80 5.73
CA VAL A 34 -2.13 0.17 4.67
C VAL A 34 -3.37 -0.53 4.19
N LYS A 35 -4.41 0.35 4.18
CA LYS A 35 -5.68 -0.12 3.76
C LYS A 35 -5.92 -0.52 2.31
N GLU A 36 -4.84 -0.15 1.58
CA GLU A 36 -4.66 -0.34 0.18
C GLU A 36 -5.42 -1.58 -0.29
N SER A 37 -6.70 -1.28 -0.61
CA SER A 37 -7.49 -2.44 -1.06
C SER A 37 -7.20 -2.74 -2.51
N SER A 38 -7.43 -4.02 -2.91
CA SER A 38 -7.17 -4.34 -4.28
C SER A 38 -8.42 -4.87 -4.96
N ASN A 39 -8.23 -5.73 -5.99
CA ASN A 39 -9.39 -6.28 -6.69
C ASN A 39 -9.64 -7.71 -6.19
N PHE A 40 -8.48 -8.29 -5.83
CA PHE A 40 -8.65 -9.65 -5.37
C PHE A 40 -9.47 -9.52 -4.05
N ARG A 41 -8.87 -8.81 -3.10
CA ARG A 41 -9.54 -8.61 -1.82
C ARG A 41 -9.15 -7.32 -1.13
N ASN A 42 -9.39 -7.13 0.16
CA ASN A 42 -9.01 -5.87 0.71
C ASN A 42 -7.50 -5.87 1.05
N ILE A 43 -7.05 -7.12 1.07
CA ILE A 43 -5.67 -7.45 1.34
C ILE A 43 -4.95 -6.35 2.05
N ASP A 44 -4.96 -6.52 3.40
CA ASP A 44 -4.31 -5.56 4.27
C ASP A 44 -2.87 -6.06 4.36
N VAL A 45 -2.03 -5.06 4.59
CA VAL A 45 -0.63 -5.45 4.70
C VAL A 45 -0.19 -4.85 6.03
N VAL A 46 -0.32 -5.65 7.10
CA VAL A 46 0.12 -4.99 8.31
C VAL A 46 1.58 -5.19 8.67
N PHE A 47 2.04 -4.24 9.49
CA PHE A 47 3.41 -4.36 9.90
C PHE A 47 3.66 -3.66 11.22
N GLU A 48 4.92 -3.66 11.65
CA GLU A 48 5.10 -3.00 12.90
C GLU A 48 6.27 -1.97 12.86
N LEU A 49 6.39 -1.44 11.63
CA LEU A 49 7.42 -0.46 11.35
C LEU A 49 8.81 -0.96 11.63
N GLY A 50 9.39 -1.34 10.48
CA GLY A 50 10.75 -1.87 10.49
C GLY A 50 10.57 -3.38 10.79
N VAL A 51 9.70 -3.94 9.95
CA VAL A 51 9.36 -5.33 10.02
C VAL A 51 9.35 -6.02 8.67
N ASP A 52 10.46 -6.80 8.52
CA ASP A 52 10.55 -7.51 7.23
C ASP A 52 9.62 -8.76 7.28
N PHE A 53 9.06 -9.02 6.05
CA PHE A 53 8.21 -10.18 6.10
C PHE A 53 8.05 -10.93 4.79
N ALA A 54 8.35 -12.24 4.79
CA ALA A 54 8.20 -12.99 3.54
C ALA A 54 6.77 -13.57 3.67
N TYR A 55 5.77 -12.70 3.51
CA TYR A 55 4.42 -13.24 3.63
C TYR A 55 3.78 -13.52 2.28
N SER A 56 3.42 -14.80 2.16
CA SER A 56 2.82 -15.08 0.87
C SER A 56 1.39 -14.48 0.91
N LEU A 57 1.22 -13.48 0.05
CA LEU A 57 -0.07 -12.79 -0.03
C LEU A 57 -0.80 -13.10 -1.32
N ALA A 58 -2.11 -12.97 -1.31
CA ALA A 58 -2.91 -13.23 -2.48
C ALA A 58 -2.68 -14.61 -3.09
N ASP A 59 -2.17 -15.54 -2.24
CA ASP A 59 -1.89 -16.90 -2.69
C ASP A 59 -1.31 -16.94 -4.10
N GLY A 60 -0.43 -15.93 -4.33
CA GLY A 60 0.24 -15.79 -5.61
C GLY A 60 1.54 -15.02 -5.31
N THR A 61 1.32 -13.84 -4.74
CA THR A 61 2.34 -12.91 -4.35
C THR A 61 3.07 -13.28 -3.04
N GLU A 62 4.34 -12.87 -3.00
CA GLU A 62 5.09 -13.19 -1.80
C GLU A 62 5.98 -11.97 -1.58
N LEU A 63 5.19 -10.90 -1.28
CA LEU A 63 5.86 -9.64 -1.05
C LEU A 63 6.82 -9.86 0.13
N THR A 64 8.09 -9.68 -0.21
CA THR A 64 9.19 -9.84 0.73
C THR A 64 9.99 -8.53 0.75
N GLY A 65 9.85 -7.87 1.88
CA GLY A 65 10.63 -6.60 1.93
C GLY A 65 10.26 -6.01 3.28
N THR A 66 10.21 -4.67 3.29
CA THR A 66 9.90 -4.02 4.55
C THR A 66 9.74 -2.54 4.60
N TRP A 67 8.79 -1.98 5.38
CA TRP A 67 8.64 -0.55 5.47
C TRP A 67 9.20 -0.28 6.90
N THR A 68 9.83 0.90 6.88
CA THR A 68 10.48 1.50 8.01
C THR A 68 10.03 2.95 8.34
N MET A 69 8.81 3.13 7.89
CA MET A 69 8.00 4.32 7.98
C MET A 69 8.83 5.42 8.64
N GLU A 70 9.20 6.30 7.71
CA GLU A 70 10.01 7.42 8.16
C GLU A 70 9.25 8.72 8.02
N GLY A 71 10.03 9.78 8.24
CA GLY A 71 9.40 11.09 8.12
C GLY A 71 8.84 11.23 6.70
N ASN A 72 7.50 11.11 6.71
CA ASN A 72 6.73 11.22 5.48
C ASN A 72 7.46 10.51 4.34
N LYS A 73 7.79 9.22 4.50
CA LYS A 73 8.49 8.50 3.44
C LYS A 73 7.94 7.09 3.33
N LEU A 74 8.53 6.23 2.49
CA LEU A 74 7.98 4.89 2.42
C LEU A 74 8.89 3.84 1.82
N VAL A 75 10.17 4.19 2.12
CA VAL A 75 11.30 3.44 1.73
C VAL A 75 11.33 2.01 2.25
N GLY A 76 11.73 1.16 1.28
CA GLY A 76 11.80 -0.26 1.65
C GLY A 76 11.61 -1.01 0.30
N LYS A 77 10.82 -2.10 0.51
CA LYS A 77 10.62 -2.87 -0.70
C LYS A 77 9.67 -4.05 -0.42
N PHE A 78 9.43 -4.73 -1.57
CA PHE A 78 8.66 -5.94 -1.67
C PHE A 78 8.80 -6.32 -3.16
N LYS A 79 8.24 -7.52 -3.27
CA LYS A 79 8.23 -8.14 -4.59
C LYS A 79 7.18 -9.22 -4.65
N ARG A 80 7.55 -10.38 -5.19
CA ARG A 80 6.62 -11.49 -5.27
C ARG A 80 7.22 -12.69 -6.03
N VAL A 81 8.36 -13.05 -5.40
CA VAL A 81 9.22 -14.12 -5.78
C VAL A 81 8.36 -15.34 -6.20
N ASP A 82 8.06 -15.23 -7.48
CA ASP A 82 7.25 -16.24 -8.11
C ASP A 82 6.89 -15.73 -9.49
N ASN A 83 6.53 -14.42 -9.56
CA ASN A 83 6.20 -13.97 -10.86
C ASN A 83 5.71 -12.53 -10.95
N GLY A 84 5.61 -11.80 -9.85
CA GLY A 84 5.10 -10.45 -10.11
C GLY A 84 6.34 -9.53 -10.08
N LYS A 85 7.24 -9.96 -9.18
CA LYS A 85 8.46 -9.23 -9.03
C LYS A 85 8.30 -7.94 -8.28
N GLU A 86 9.37 -7.15 -8.19
CA GLU A 86 9.34 -5.94 -7.45
C GLU A 86 8.00 -5.16 -7.46
N LEU A 87 7.80 -4.63 -6.25
CA LEU A 87 6.66 -3.82 -5.87
C LEU A 87 7.07 -2.84 -4.78
N ILE A 88 8.30 -2.44 -5.04
CA ILE A 88 8.96 -1.47 -4.12
C ILE A 88 8.00 -0.26 -4.29
N ALA A 89 8.00 0.49 -3.21
CA ALA A 89 7.21 1.69 -3.01
C ALA A 89 8.08 2.84 -2.63
N VAL A 90 8.56 3.47 -3.69
CA VAL A 90 9.41 4.58 -3.40
C VAL A 90 8.47 5.76 -3.15
N ARG A 91 8.32 6.21 -1.89
CA ARG A 91 7.40 7.31 -1.82
C ARG A 91 7.35 8.05 -0.52
N GLU A 92 6.75 9.24 -0.64
CA GLU A 92 6.61 10.07 0.52
C GLU A 92 5.32 10.90 0.23
N ILE A 93 4.60 11.13 1.33
CA ILE A 93 3.37 11.89 1.26
C ILE A 93 3.63 13.28 0.68
N SER A 94 3.70 13.29 -0.65
CA SER A 94 3.96 14.51 -1.36
C SER A 94 3.12 15.71 -0.97
N GLY A 95 1.88 15.73 -1.43
CA GLY A 95 1.05 16.88 -1.08
C GLY A 95 0.45 16.53 0.32
N ASN A 96 -0.88 16.40 0.22
CA ASN A 96 -1.71 16.06 1.35
C ASN A 96 -2.32 14.66 1.13
N GLU A 97 -1.57 13.94 0.31
CA GLU A 97 -1.93 12.59 -0.05
C GLU A 97 -0.64 11.90 -0.56
N LEU A 98 -0.77 10.58 -0.63
CA LEU A 98 0.26 9.66 -1.07
C LEU A 98 -0.12 9.05 -2.42
N ILE A 99 0.85 9.33 -3.34
CA ILE A 99 0.74 8.90 -4.68
C ILE A 99 0.94 7.35 -4.69
N GLN A 100 2.10 6.97 -4.14
CA GLN A 100 2.56 5.60 -4.01
C GLN A 100 2.97 5.22 -5.44
N THR A 101 4.31 5.21 -5.47
CA THR A 101 5.07 4.89 -6.63
C THR A 101 5.78 3.57 -6.53
N TYR A 102 4.98 2.59 -7.02
CA TYR A 102 5.66 1.29 -6.92
C TYR A 102 6.80 1.34 -7.94
N THR A 103 8.02 1.06 -7.43
CA THR A 103 9.24 1.05 -8.26
C THR A 103 9.48 -0.40 -8.63
N TYR A 104 8.50 -0.83 -9.48
CA TYR A 104 8.53 -2.20 -9.97
C TYR A 104 9.72 -2.44 -10.84
N GLU A 105 10.07 -3.71 -10.91
CA GLU A 105 11.21 -4.14 -11.70
C GLU A 105 11.28 -3.59 -13.11
N GLY A 106 12.19 -2.60 -13.27
CA GLY A 106 12.32 -2.01 -14.58
C GLY A 106 11.42 -0.86 -14.90
N VAL A 107 10.58 -0.45 -13.94
CA VAL A 107 9.65 0.65 -14.11
C VAL A 107 9.60 1.59 -12.93
N GLU A 108 8.91 2.75 -13.16
CA GLU A 108 8.80 3.71 -12.06
C GLU A 108 7.38 4.27 -12.26
N ALA A 109 6.39 3.33 -12.24
CA ALA A 109 5.08 3.84 -12.42
C ALA A 109 4.35 4.03 -11.07
N LYS A 110 3.45 5.02 -11.18
CA LYS A 110 2.73 5.25 -9.95
C LYS A 110 1.30 4.78 -10.17
N ARG A 111 0.49 5.29 -9.24
CA ARG A 111 -0.92 4.94 -9.28
C ARG A 111 -1.68 6.25 -9.02
N ILE A 112 -1.32 6.78 -7.84
CA ILE A 112 -1.96 8.02 -7.46
C ILE A 112 -3.29 7.73 -6.72
N PHE A 113 -3.21 8.14 -5.46
CA PHE A 113 -4.31 8.00 -4.58
C PHE A 113 -4.35 9.25 -3.68
N LYS A 114 -5.35 9.23 -2.80
CA LYS A 114 -5.46 10.38 -1.91
C LYS A 114 -6.09 9.99 -0.56
N LYS A 115 -6.57 11.05 0.08
CA LYS A 115 -7.19 11.06 1.36
C LYS A 115 -8.58 11.66 1.31
N GLU A 116 -9.33 11.13 2.30
CA GLU A 116 -10.68 11.43 2.61
C GLU A 116 -11.44 12.13 1.45
N ALA A 1 -0.29 11.20 11.71
CA ALA A 1 0.70 11.30 10.64
C ALA A 1 0.27 10.42 9.44
N PHE A 2 -1.04 10.10 9.49
CA PHE A 2 -1.60 9.27 8.42
C PHE A 2 -3.01 8.86 8.97
N ASP A 3 -2.96 8.56 10.27
CA ASP A 3 -4.16 8.16 10.94
C ASP A 3 -5.46 8.75 10.42
N GLY A 4 -6.16 7.96 9.60
CA GLY A 4 -7.42 8.50 9.10
C GLY A 4 -7.74 7.73 7.84
N THR A 5 -9.02 7.54 7.54
CA THR A 5 -9.21 6.80 6.31
C THR A 5 -8.77 7.65 5.12
N TRP A 6 -8.66 6.97 3.96
CA TRP A 6 -8.27 7.53 2.72
C TRP A 6 -9.06 6.96 1.50
N LYS A 7 -8.92 7.62 0.37
CA LYS A 7 -9.53 7.35 -0.88
C LYS A 7 -10.98 6.84 -0.92
N VAL A 8 -11.32 6.88 -2.20
CA VAL A 8 -12.53 6.40 -2.80
C VAL A 8 -13.59 5.78 -1.95
N ASP A 9 -14.79 6.29 -2.29
CA ASP A 9 -16.03 5.89 -1.66
C ASP A 9 -16.82 5.28 -2.85
N ARG A 10 -18.15 5.19 -2.72
CA ARG A 10 -18.90 4.63 -3.82
C ARG A 10 -20.33 5.19 -3.88
N ASN A 11 -20.61 5.84 -5.02
CA ASN A 11 -21.93 6.42 -5.20
C ASN A 11 -22.31 6.46 -6.68
N GLU A 12 -22.61 5.25 -7.19
CA GLU A 12 -22.98 5.13 -8.60
C GLU A 12 -24.30 4.34 -8.65
N ASN A 13 -25.41 5.04 -8.31
CA ASN A 13 -26.73 4.42 -8.32
C ASN A 13 -26.79 3.46 -7.12
N TYR A 14 -26.78 4.21 -5.99
CA TYR A 14 -26.82 3.54 -4.68
C TYR A 14 -25.72 2.52 -4.58
N SER A 15 -24.51 3.03 -4.85
CA SER A 15 -23.36 2.12 -4.79
C SER A 15 -23.49 1.11 -5.91
N GLY A 16 -22.59 0.13 -5.89
CA GLY A 16 -22.67 -0.88 -6.94
C GLY A 16 -21.98 -2.18 -6.59
N ALA A 17 -20.70 -2.24 -6.98
CA ALA A 17 -19.88 -3.43 -6.71
C ALA A 17 -18.84 -3.00 -5.70
N HIS A 18 -18.65 -3.81 -4.66
CA HIS A 18 -17.63 -3.44 -3.67
C HIS A 18 -16.26 -3.99 -4.07
N ASP A 19 -15.55 -3.14 -4.83
CA ASP A 19 -14.20 -3.47 -5.33
C ASP A 19 -13.42 -2.16 -5.46
N ASN A 20 -13.72 -1.31 -4.48
CA ASN A 20 -13.13 0.02 -4.34
C ASN A 20 -11.79 -0.01 -3.57
N LEU A 21 -11.21 1.18 -3.60
CA LEU A 21 -9.94 1.44 -2.95
C LEU A 21 -10.29 2.24 -1.65
N LYS A 22 -9.22 2.82 -1.13
CA LYS A 22 -9.16 3.62 0.06
C LYS A 22 -7.74 3.22 0.60
N LEU A 23 -7.50 4.04 1.60
CA LEU A 23 -6.24 3.85 2.32
C LEU A 23 -6.79 4.18 3.75
N THR A 24 -5.97 4.14 4.75
CA THR A 24 -6.42 4.45 6.12
C THR A 24 -5.14 4.65 6.96
N ILE A 25 -4.76 3.50 7.47
CA ILE A 25 -3.59 3.44 8.31
C ILE A 25 -3.89 4.11 9.64
N THR A 26 -3.56 3.41 10.71
CA THR A 26 -3.87 4.09 11.95
C THR A 26 -3.13 3.24 13.02
N GLN A 27 -1.83 3.50 12.90
CA GLN A 27 -0.92 2.82 13.79
C GLN A 27 -1.43 2.62 15.23
N GLU A 28 -1.10 1.39 15.68
CA GLU A 28 -1.51 1.04 17.03
C GLU A 28 -0.25 1.11 17.90
N GLY A 29 0.43 -0.02 18.06
CA GLY A 29 1.63 0.03 18.89
C GLY A 29 2.81 -0.08 17.89
N ASN A 30 2.86 1.01 17.11
CA ASN A 30 3.83 1.20 16.09
C ASN A 30 3.65 0.22 14.94
N LYS A 31 2.52 -0.45 14.84
CA LYS A 31 2.43 -1.39 13.71
C LYS A 31 1.71 -0.49 12.66
N PHE A 32 2.19 -0.44 11.43
CA PHE A 32 1.43 0.45 10.52
C PHE A 32 0.83 -0.67 9.64
N THR A 33 -0.40 -0.31 9.35
CA THR A 33 -1.11 -1.28 8.49
C THR A 33 -1.66 -0.38 7.43
N VAL A 34 -1.11 -0.45 6.25
CA VAL A 34 -1.72 0.48 5.28
C VAL A 34 -2.97 -0.24 4.83
N LYS A 35 -3.92 0.67 4.48
CA LYS A 35 -5.19 0.22 4.01
C LYS A 35 -5.40 0.20 2.53
N GLU A 36 -4.22 -0.16 1.94
CA GLU A 36 -4.07 -0.26 0.53
C GLU A 36 -5.13 -1.28 0.02
N SER A 37 -6.25 -0.75 -0.46
CA SER A 37 -7.26 -1.69 -0.94
C SER A 37 -7.13 -1.74 -2.45
N SER A 38 -7.14 -2.97 -3.02
CA SER A 38 -7.01 -3.04 -4.46
C SER A 38 -8.01 -4.00 -5.08
N ASN A 39 -7.67 -4.37 -6.34
CA ASN A 39 -8.49 -5.29 -7.12
C ASN A 39 -8.60 -6.56 -6.29
N PHE A 40 -7.39 -6.81 -5.76
CA PHE A 40 -7.33 -7.99 -4.94
C PHE A 40 -7.74 -7.56 -3.50
N ARG A 41 -9.07 -7.52 -3.37
CA ARG A 41 -9.77 -7.16 -2.17
C ARG A 41 -9.11 -6.07 -1.34
N ASN A 42 -9.18 -6.18 -0.02
CA ASN A 42 -8.51 -5.10 0.69
C ASN A 42 -7.02 -5.42 0.63
N ILE A 43 -6.72 -6.47 1.40
CA ILE A 43 -5.33 -6.94 1.48
C ILE A 43 -4.59 -5.82 2.14
N ASP A 44 -4.31 -6.16 3.45
CA ASP A 44 -3.61 -5.28 4.34
C ASP A 44 -2.17 -5.74 4.36
N VAL A 45 -1.36 -4.75 4.68
CA VAL A 45 0.08 -5.06 4.74
C VAL A 45 0.47 -4.56 6.12
N VAL A 46 0.72 -5.50 7.03
CA VAL A 46 1.08 -4.99 8.35
C VAL A 46 2.52 -5.28 8.73
N PHE A 47 2.99 -4.38 9.60
CA PHE A 47 4.36 -4.55 10.03
C PHE A 47 4.72 -3.77 11.28
N GLU A 48 6.04 -3.61 11.54
CA GLU A 48 6.37 -2.87 12.72
C GLU A 48 7.52 -1.83 12.52
N LEU A 49 7.26 -1.02 11.52
CA LEU A 49 8.12 0.06 11.08
C LEU A 49 9.55 -0.32 10.80
N GLY A 50 9.75 -1.62 10.59
CA GLY A 50 11.09 -2.08 10.32
C GLY A 50 11.21 -3.45 11.02
N VAL A 51 10.50 -4.40 10.40
CA VAL A 51 10.43 -5.75 10.84
C VAL A 51 10.90 -6.72 9.77
N ASP A 52 10.29 -6.44 8.60
CA ASP A 52 10.68 -7.33 7.48
C ASP A 52 9.89 -8.65 7.71
N PHE A 53 9.30 -9.00 6.55
CA PHE A 53 8.52 -10.21 6.60
C PHE A 53 8.15 -10.84 5.29
N ALA A 54 8.01 -12.16 5.21
CA ALA A 54 7.63 -12.81 3.94
C ALA A 54 6.14 -13.15 4.24
N TYR A 55 5.22 -12.56 3.49
CA TYR A 55 3.83 -12.87 3.76
C TYR A 55 3.06 -13.02 2.47
N SER A 56 2.37 -14.14 2.39
CA SER A 56 1.62 -14.33 1.16
C SER A 56 0.34 -13.46 1.31
N LEU A 57 0.29 -12.42 0.47
CA LEU A 57 -0.85 -11.49 0.48
C LEU A 57 -2.13 -12.18 0.02
N ALA A 58 -2.33 -12.19 -1.29
CA ALA A 58 -3.51 -12.81 -1.83
C ALA A 58 -3.42 -14.32 -1.80
N ASP A 59 -3.95 -14.99 -2.83
CA ASP A 59 -3.88 -16.44 -2.83
C ASP A 59 -2.73 -16.95 -3.69
N GLY A 60 -2.22 -16.00 -4.50
CA GLY A 60 -1.13 -16.34 -5.36
C GLY A 60 -0.22 -15.08 -5.37
N THR A 61 0.47 -14.92 -4.24
CA THR A 61 1.39 -13.86 -3.96
C THR A 61 2.52 -14.27 -3.01
N GLU A 62 3.71 -13.65 -3.20
CA GLU A 62 4.78 -14.04 -2.29
C GLU A 62 5.69 -12.82 -2.06
N LEU A 63 4.97 -11.71 -1.75
CA LEU A 63 5.77 -10.55 -1.52
C LEU A 63 6.59 -10.79 -0.25
N THR A 64 7.58 -9.90 -0.14
CA THR A 64 8.46 -9.97 0.99
C THR A 64 9.13 -8.59 1.05
N GLY A 65 8.88 -7.92 2.18
CA GLY A 65 9.55 -6.62 2.16
C GLY A 65 9.79 -6.17 3.61
N THR A 66 9.37 -4.94 3.81
CA THR A 66 9.51 -4.24 5.09
C THR A 66 9.15 -2.79 4.93
N TRP A 67 8.43 -2.13 5.84
CA TRP A 67 8.08 -0.73 5.55
C TRP A 67 8.25 0.05 6.84
N THR A 68 9.35 0.81 6.71
CA THR A 68 9.89 1.69 7.69
C THR A 68 9.62 3.18 7.42
N MET A 69 8.35 3.45 7.69
CA MET A 69 7.80 4.80 7.53
C MET A 69 8.84 5.73 8.16
N GLU A 70 9.08 6.80 7.38
CA GLU A 70 10.06 7.76 7.86
C GLU A 70 9.58 9.18 7.62
N GLY A 71 8.50 9.50 8.34
CA GLY A 71 7.95 10.81 8.19
C GLY A 71 7.53 11.07 6.74
N ASN A 72 6.30 10.61 6.46
CA ASN A 72 5.76 10.78 5.12
C ASN A 72 6.55 10.07 4.03
N LYS A 73 7.20 8.96 4.43
CA LYS A 73 7.98 8.24 3.40
C LYS A 73 7.58 6.77 3.47
N LEU A 74 7.75 6.00 2.40
CA LEU A 74 7.36 4.61 2.48
C LEU A 74 8.27 3.61 1.79
N VAL A 75 9.54 3.88 2.15
CA VAL A 75 10.64 3.11 1.67
C VAL A 75 10.65 1.70 2.23
N GLY A 76 11.16 0.86 1.34
CA GLY A 76 11.28 -0.57 1.63
C GLY A 76 11.04 -1.26 0.28
N LYS A 77 10.64 -2.55 0.41
CA LYS A 77 10.44 -3.18 -0.87
C LYS A 77 9.88 -4.58 -0.88
N PHE A 78 8.80 -4.69 -1.70
CA PHE A 78 8.19 -6.00 -1.82
C PHE A 78 8.75 -6.46 -3.18
N LYS A 79 8.26 -7.70 -3.36
CA LYS A 79 8.65 -8.37 -4.59
C LYS A 79 7.70 -9.51 -4.88
N ARG A 80 8.32 -10.68 -5.16
CA ARG A 80 7.61 -11.88 -5.47
C ARG A 80 8.61 -12.94 -6.01
N VAL A 81 8.91 -13.88 -5.13
CA VAL A 81 9.82 -14.97 -5.37
C VAL A 81 9.46 -15.86 -6.56
N ASP A 82 8.33 -15.55 -7.18
CA ASP A 82 7.87 -16.32 -8.34
C ASP A 82 8.12 -15.60 -9.64
N ASN A 83 8.18 -14.24 -9.66
CA ASN A 83 8.41 -13.63 -10.93
C ASN A 83 9.59 -12.70 -11.08
N GLY A 84 10.42 -12.47 -10.06
CA GLY A 84 11.53 -11.54 -10.37
C GLY A 84 10.74 -10.22 -10.60
N LYS A 85 9.77 -10.20 -9.68
CA LYS A 85 8.85 -9.12 -9.64
C LYS A 85 9.26 -7.78 -9.10
N GLU A 86 9.27 -7.61 -7.78
CA GLU A 86 9.63 -6.31 -7.27
C GLU A 86 8.41 -5.35 -7.42
N LEU A 87 7.84 -5.20 -6.24
CA LEU A 87 6.65 -4.35 -6.01
C LEU A 87 6.95 -3.39 -4.87
N ILE A 88 8.13 -2.83 -5.13
CA ILE A 88 8.66 -1.88 -4.18
C ILE A 88 7.68 -0.67 -4.28
N ALA A 89 7.54 -0.11 -3.09
CA ALA A 89 6.68 1.04 -2.89
C ALA A 89 7.63 2.21 -2.66
N VAL A 90 7.72 3.04 -3.69
CA VAL A 90 8.58 4.18 -3.58
C VAL A 90 7.64 5.36 -3.29
N ARG A 91 7.54 5.77 -2.01
CA ARG A 91 6.63 6.86 -1.89
C ARG A 91 6.86 7.71 -0.69
N GLU A 92 6.37 8.94 -0.96
CA GLU A 92 6.46 9.94 0.08
C GLU A 92 5.25 10.87 -0.25
N ILE A 93 4.27 10.75 0.63
CA ILE A 93 3.06 11.55 0.46
C ILE A 93 3.37 12.98 0.05
N SER A 94 3.03 13.22 -1.21
CA SER A 94 3.28 14.57 -1.68
C SER A 94 2.07 15.43 -1.82
N GLY A 95 1.79 16.22 -0.79
CA GLY A 95 0.63 17.09 -0.86
C GLY A 95 -0.22 16.64 0.35
N ASN A 96 -1.40 16.17 -0.10
CA ASN A 96 -2.38 15.68 0.83
C ASN A 96 -3.05 14.46 0.15
N GLU A 97 -2.08 13.68 -0.34
CA GLU A 97 -2.48 12.46 -1.02
C GLU A 97 -1.17 11.69 -1.43
N LEU A 98 -1.06 10.58 -0.70
CA LEU A 98 0.03 9.64 -0.86
C LEU A 98 -0.23 8.75 -2.09
N ILE A 99 0.57 9.15 -3.10
CA ILE A 99 0.57 8.54 -4.39
C ILE A 99 0.71 7.03 -4.21
N GLN A 100 1.98 6.60 -4.14
CA GLN A 100 2.33 5.20 -3.97
C GLN A 100 2.70 4.73 -5.41
N THR A 101 4.01 4.93 -5.60
CA THR A 101 4.63 4.59 -6.82
C THR A 101 5.43 3.29 -6.77
N TYR A 102 4.68 2.30 -7.25
CA TYR A 102 5.38 1.01 -7.23
C TYR A 102 6.52 1.15 -8.29
N THR A 103 7.70 0.71 -7.79
CA THR A 103 8.93 0.73 -8.58
C THR A 103 9.14 -0.75 -8.87
N TYR A 104 8.61 -1.06 -10.07
CA TYR A 104 8.68 -2.41 -10.56
C TYR A 104 9.60 -2.68 -11.71
N GLU A 105 10.59 -3.51 -11.42
CA GLU A 105 11.62 -3.98 -12.30
C GLU A 105 12.01 -3.06 -13.45
N GLY A 106 11.90 -1.73 -13.23
CA GLY A 106 12.28 -0.88 -14.33
C GLY A 106 11.24 0.19 -14.67
N VAL A 107 10.07 0.09 -14.00
CA VAL A 107 8.98 1.02 -14.20
C VAL A 107 8.63 1.73 -12.92
N GLU A 108 8.25 3.02 -13.14
CA GLU A 108 7.89 3.83 -11.98
C GLU A 108 6.38 4.07 -12.16
N ALA A 109 5.65 2.94 -11.95
CA ALA A 109 4.26 3.10 -12.10
C ALA A 109 3.47 3.49 -10.81
N LYS A 110 2.87 4.66 -10.96
CA LYS A 110 2.13 5.08 -9.83
C LYS A 110 0.65 5.05 -10.23
N ARG A 111 -0.07 5.09 -9.12
CA ARG A 111 -1.55 5.07 -9.26
C ARG A 111 -1.91 6.21 -8.26
N ILE A 112 -2.15 7.38 -8.95
CA ILE A 112 -2.49 8.49 -8.09
C ILE A 112 -3.72 8.17 -7.23
N PHE A 113 -3.39 8.33 -5.95
CA PHE A 113 -4.34 8.09 -4.89
C PHE A 113 -4.56 9.40 -4.14
N LYS A 114 -5.49 9.30 -3.17
CA LYS A 114 -5.80 10.50 -2.45
C LYS A 114 -7.01 10.35 -1.52
N LYS A 115 -6.75 10.89 -0.33
CA LYS A 115 -7.67 11.00 0.77
C LYS A 115 -8.97 11.64 0.39
N GLU A 116 -9.70 12.04 1.48
CA GLU A 116 -10.99 12.68 1.37
C GLU A 116 -10.89 14.16 1.74
N ALA A 1 1.59 10.47 10.66
CA ALA A 1 0.20 10.23 11.01
C ALA A 1 -0.65 10.33 9.72
N PHE A 2 -1.10 9.12 9.30
CA PHE A 2 -1.92 9.05 8.10
C PHE A 2 -3.32 8.62 8.63
N ASP A 3 -3.39 8.71 9.97
CA ASP A 3 -4.64 8.35 10.59
C ASP A 3 -5.90 8.97 10.04
N GLY A 4 -6.55 8.27 9.10
CA GLY A 4 -7.78 8.93 8.63
C GLY A 4 -8.15 8.34 7.28
N THR A 5 -9.39 7.85 7.16
CA THR A 5 -9.76 7.28 5.87
C THR A 5 -9.41 8.26 4.75
N TRP A 6 -8.68 7.73 3.77
CA TRP A 6 -8.22 8.40 2.60
C TRP A 6 -9.08 8.10 1.37
N LYS A 7 -9.01 8.92 0.33
CA LYS A 7 -9.78 8.66 -0.84
C LYS A 7 -11.29 8.39 -0.67
N VAL A 8 -11.75 8.16 -1.89
CA VAL A 8 -13.09 7.76 -2.25
C VAL A 8 -14.08 7.94 -1.17
N ASP A 9 -14.87 9.03 -1.41
CA ASP A 9 -15.89 9.38 -0.48
C ASP A 9 -17.18 9.55 -1.30
N ARG A 10 -17.30 8.77 -2.38
CA ARG A 10 -18.51 8.91 -3.17
C ARG A 10 -19.77 8.52 -2.39
N ASN A 11 -20.68 9.53 -2.38
CA ASN A 11 -21.95 9.36 -1.70
C ASN A 11 -22.59 8.03 -2.16
N GLU A 12 -23.13 7.29 -1.21
CA GLU A 12 -23.79 6.01 -1.42
C GLU A 12 -24.41 5.89 -2.81
N ASN A 13 -23.50 5.47 -3.73
CA ASN A 13 -23.91 5.30 -5.14
C ASN A 13 -24.36 3.86 -5.27
N TYR A 14 -25.59 3.78 -5.81
CA TYR A 14 -26.20 2.47 -6.03
C TYR A 14 -26.38 2.32 -7.53
N SER A 15 -25.26 1.92 -8.16
CA SER A 15 -25.28 1.74 -9.59
C SER A 15 -24.88 0.28 -9.84
N GLY A 16 -23.57 0.06 -9.83
CA GLY A 16 -23.07 -1.30 -10.06
C GLY A 16 -22.04 -1.67 -8.99
N ALA A 17 -20.79 -1.30 -9.33
CA ALA A 17 -19.67 -1.57 -8.44
C ALA A 17 -19.47 -0.31 -7.59
N HIS A 18 -19.39 -0.50 -6.25
CA HIS A 18 -19.20 0.68 -5.41
C HIS A 18 -17.93 0.52 -4.56
N ASP A 19 -17.79 -0.68 -3.98
CA ASP A 19 -16.60 -0.89 -3.15
C ASP A 19 -15.39 -1.21 -4.03
N ASN A 20 -14.54 -0.18 -4.09
CA ASN A 20 -13.29 -0.19 -4.86
C ASN A 20 -12.05 -0.21 -3.92
N LEU A 21 -11.69 1.03 -3.59
CA LEU A 21 -10.54 1.25 -2.72
C LEU A 21 -10.90 2.49 -1.86
N LYS A 22 -9.98 2.71 -0.93
CA LYS A 22 -9.99 3.77 0.04
C LYS A 22 -8.74 3.43 0.93
N LEU A 23 -8.00 4.48 1.17
CA LEU A 23 -6.81 4.25 1.98
C LEU A 23 -7.38 4.60 3.39
N THR A 24 -6.67 4.28 4.44
CA THR A 24 -6.99 4.48 5.84
C THR A 24 -5.83 3.83 6.64
N ILE A 25 -4.78 4.63 6.68
CA ILE A 25 -3.66 4.10 7.41
C ILE A 25 -3.76 4.53 8.87
N THR A 26 -3.36 3.65 9.81
CA THR A 26 -3.51 4.17 11.15
C THR A 26 -2.66 3.34 12.10
N GLN A 27 -1.39 3.81 12.04
CA GLN A 27 -0.47 3.10 12.91
C GLN A 27 -0.92 2.99 14.37
N GLU A 28 -0.51 1.88 15.00
CA GLU A 28 -0.85 1.59 16.40
C GLU A 28 0.51 1.18 17.03
N GLY A 29 1.06 2.17 17.75
CA GLY A 29 2.34 1.75 18.34
C GLY A 29 3.27 1.94 17.12
N ASN A 30 3.56 0.75 16.57
CA ASN A 30 4.40 0.63 15.42
C ASN A 30 3.73 -0.27 14.39
N LYS A 31 2.45 -0.54 14.58
CA LYS A 31 1.85 -1.42 13.57
C LYS A 31 1.54 -0.38 12.47
N PHE A 32 1.44 -0.73 11.22
CA PHE A 32 1.15 0.42 10.34
C PHE A 32 0.49 -0.41 9.22
N THR A 33 -0.82 -0.23 9.20
CA THR A 33 -1.53 -1.00 8.16
C THR A 33 -1.94 0.08 7.18
N VAL A 34 -1.84 -0.35 5.94
CA VAL A 34 -2.22 0.63 4.91
C VAL A 34 -3.48 0.01 4.38
N LYS A 35 -4.43 0.92 4.13
CA LYS A 35 -5.69 0.47 3.62
C LYS A 35 -5.74 0.30 2.14
N GLU A 36 -4.89 -0.68 1.76
CA GLU A 36 -4.76 -1.05 0.38
C GLU A 36 -5.95 -1.99 0.10
N SER A 37 -7.18 -1.48 0.26
CA SER A 37 -8.26 -2.43 0.01
C SER A 37 -8.48 -2.55 -1.49
N SER A 38 -8.53 -3.82 -1.99
CA SER A 38 -8.74 -3.99 -3.41
C SER A 38 -9.54 -5.24 -3.74
N ASN A 39 -9.40 -5.69 -5.02
CA ASN A 39 -10.11 -6.87 -5.47
C ASN A 39 -9.41 -8.12 -4.90
N PHE A 40 -8.20 -7.85 -4.40
CA PHE A 40 -7.52 -8.98 -3.86
C PHE A 40 -7.70 -8.93 -2.32
N ARG A 41 -8.99 -8.83 -1.96
CA ARG A 41 -9.37 -8.77 -0.58
C ARG A 41 -9.01 -7.41 0.03
N ASN A 42 -9.01 -7.32 1.36
CA ASN A 42 -8.66 -6.01 1.86
C ASN A 42 -7.11 -5.92 1.85
N ILE A 43 -6.62 -7.13 2.04
CA ILE A 43 -5.18 -7.37 2.07
C ILE A 43 -4.47 -6.24 2.75
N ASP A 44 -4.72 -6.23 4.08
CA ASP A 44 -4.12 -5.23 4.89
C ASP A 44 -2.60 -5.46 4.87
N VAL A 45 -1.97 -4.44 4.27
CA VAL A 45 -0.50 -4.60 4.22
C VAL A 45 -0.15 -4.30 5.70
N VAL A 46 -0.01 -5.37 6.47
CA VAL A 46 0.30 -5.07 7.84
C VAL A 46 1.65 -5.53 8.33
N PHE A 47 2.07 -4.71 9.31
CA PHE A 47 3.36 -5.09 9.81
C PHE A 47 3.76 -4.24 11.01
N GLU A 48 5.01 -4.38 11.47
CA GLU A 48 5.37 -3.57 12.60
C GLU A 48 6.62 -2.70 12.36
N LEU A 49 6.36 -1.65 11.61
CA LEU A 49 7.27 -0.63 11.19
C LEU A 49 8.73 -1.02 11.13
N GLY A 50 9.04 -1.72 10.05
CA GLY A 50 10.39 -2.20 9.79
C GLY A 50 10.55 -3.47 10.64
N VAL A 51 9.73 -4.46 10.29
CA VAL A 51 9.75 -5.73 10.97
C VAL A 51 10.38 -6.81 10.09
N ASP A 52 10.01 -6.62 8.82
CA ASP A 52 10.53 -7.58 7.86
C ASP A 52 9.84 -8.95 8.03
N PHE A 53 9.70 -9.52 6.80
CA PHE A 53 9.07 -10.80 6.79
C PHE A 53 8.85 -11.43 5.44
N ALA A 54 8.24 -12.60 5.34
CA ALA A 54 8.03 -13.22 4.03
C ALA A 54 6.57 -13.71 4.14
N TYR A 55 5.66 -13.21 3.32
CA TYR A 55 4.29 -13.74 3.49
C TYR A 55 3.61 -13.89 2.16
N SER A 56 3.04 -15.07 2.03
CA SER A 56 2.35 -15.28 0.74
C SER A 56 0.98 -14.60 0.97
N LEU A 57 0.69 -13.64 0.10
CA LEU A 57 -0.56 -12.87 0.14
C LEU A 57 -1.74 -13.53 -0.55
N ALA A 58 -1.64 -13.76 -1.86
CA ALA A 58 -2.75 -14.39 -2.53
C ALA A 58 -2.48 -15.88 -2.78
N ASP A 59 -1.78 -16.49 -1.79
CA ASP A 59 -1.42 -17.90 -1.85
C ASP A 59 -0.41 -18.15 -2.93
N GLY A 60 0.37 -17.08 -3.24
CA GLY A 60 1.37 -17.21 -4.26
C GLY A 60 2.21 -15.89 -4.21
N THR A 61 1.45 -14.84 -4.45
CA THR A 61 1.89 -13.47 -4.48
C THR A 61 3.37 -13.35 -4.05
N GLU A 62 3.58 -13.43 -2.75
CA GLU A 62 4.94 -13.34 -2.23
C GLU A 62 5.27 -11.85 -2.34
N LEU A 63 5.61 -11.37 -1.11
CA LEU A 63 5.96 -9.96 -1.00
C LEU A 63 6.88 -9.83 0.22
N THR A 64 8.06 -10.39 -0.01
CA THR A 64 9.10 -10.41 0.97
C THR A 64 9.56 -8.92 1.13
N GLY A 65 8.96 -8.33 2.18
CA GLY A 65 9.40 -6.94 2.31
C GLY A 65 8.98 -6.46 3.71
N THR A 66 9.53 -5.27 3.91
CA THR A 66 9.32 -4.53 5.14
C THR A 66 8.98 -3.08 4.92
N TRP A 67 8.08 -2.52 5.76
CA TRP A 67 7.71 -1.11 5.60
C TRP A 67 8.28 -0.50 6.89
N THR A 68 9.13 0.45 6.55
CA THR A 68 9.90 1.28 7.44
C THR A 68 9.60 2.79 7.38
N MET A 69 8.29 2.98 7.43
CA MET A 69 7.65 4.29 7.39
C MET A 69 8.59 5.30 8.02
N GLU A 70 8.73 6.41 7.29
CA GLU A 70 9.64 7.45 7.83
C GLU A 70 9.01 8.79 7.61
N GLY A 71 8.00 9.08 8.47
CA GLY A 71 7.34 10.34 8.34
C GLY A 71 6.64 10.32 6.97
N ASN A 72 7.19 11.21 6.13
CA ASN A 72 6.63 11.30 4.81
C ASN A 72 7.29 10.37 3.77
N LYS A 73 7.83 9.24 4.25
CA LYS A 73 8.45 8.39 3.23
C LYS A 73 7.99 6.93 3.33
N LEU A 74 8.08 6.25 2.18
CA LEU A 74 7.65 4.87 2.19
C LEU A 74 8.67 3.98 1.54
N VAL A 75 9.77 3.89 2.36
CA VAL A 75 10.94 3.11 2.05
C VAL A 75 10.82 1.71 2.63
N GLY A 76 10.95 0.83 1.63
CA GLY A 76 10.87 -0.58 1.92
C GLY A 76 10.87 -1.24 0.52
N LYS A 77 10.51 -2.55 0.62
CA LYS A 77 10.51 -3.21 -0.66
C LYS A 77 10.05 -4.65 -0.56
N PHE A 78 9.16 -4.87 -1.54
CA PHE A 78 8.58 -6.23 -1.62
C PHE A 78 8.79 -6.59 -3.06
N LYS A 79 8.61 -7.91 -3.16
CA LYS A 79 8.78 -8.57 -4.42
C LYS A 79 8.06 -9.90 -4.51
N ARG A 80 7.52 -10.14 -5.72
CA ARG A 80 6.84 -11.38 -5.91
C ARG A 80 7.75 -12.36 -6.69
N VAL A 81 8.42 -13.14 -5.84
CA VAL A 81 9.36 -14.15 -6.28
C VAL A 81 8.93 -14.80 -7.62
N ASP A 82 7.60 -14.94 -7.67
CA ASP A 82 6.89 -15.50 -8.79
C ASP A 82 7.52 -15.07 -10.11
N ASN A 83 7.71 -13.75 -10.31
CA ASN A 83 8.30 -13.37 -11.55
C ASN A 83 9.60 -12.59 -11.52
N GLY A 84 10.21 -12.35 -10.35
CA GLY A 84 11.46 -11.58 -10.51
C GLY A 84 10.89 -10.16 -10.77
N LYS A 85 9.77 -10.00 -10.02
CA LYS A 85 9.03 -8.78 -10.06
C LYS A 85 9.53 -7.57 -9.34
N GLU A 86 9.40 -7.57 -8.01
CA GLU A 86 9.83 -6.42 -7.25
C GLU A 86 8.67 -5.37 -7.25
N LEU A 87 7.82 -5.52 -6.26
CA LEU A 87 6.69 -4.62 -6.11
C LEU A 87 6.90 -3.67 -4.96
N ILE A 88 8.05 -3.01 -5.14
CA ILE A 88 8.43 -2.05 -4.12
C ILE A 88 7.36 -0.94 -4.29
N ALA A 89 7.26 -0.21 -3.18
CA ALA A 89 6.32 0.88 -3.10
C ALA A 89 7.04 2.12 -2.59
N VAL A 90 7.83 2.67 -3.53
CA VAL A 90 8.57 3.84 -3.20
C VAL A 90 7.59 5.02 -3.15
N ARG A 91 7.71 5.83 -2.07
CA ARG A 91 6.77 6.92 -2.06
C ARG A 91 6.91 7.86 -0.90
N GLU A 92 6.56 9.12 -1.26
CA GLU A 92 6.63 10.14 -0.24
C GLU A 92 5.44 11.12 -0.46
N ILE A 93 4.55 11.09 0.54
CA ILE A 93 3.35 11.90 0.61
C ILE A 93 3.43 13.07 -0.36
N SER A 94 3.13 12.69 -1.59
CA SER A 94 3.16 13.68 -2.65
C SER A 94 2.17 14.80 -2.50
N GLY A 95 2.48 15.66 -1.53
CA GLY A 95 1.59 16.82 -1.28
C GLY A 95 0.96 16.47 0.09
N ASN A 96 -0.38 16.63 -0.02
CA ASN A 96 -1.20 16.36 1.13
C ASN A 96 -2.07 15.12 0.87
N GLU A 97 -1.47 14.27 0.03
CA GLU A 97 -2.03 13.01 -0.39
C GLU A 97 -0.85 12.08 -0.83
N LEU A 98 -1.12 10.79 -0.68
CA LEU A 98 -0.15 9.80 -1.03
C LEU A 98 -0.50 9.08 -2.33
N ILE A 99 0.53 9.13 -3.21
CA ILE A 99 0.48 8.55 -4.50
C ILE A 99 0.68 7.02 -4.35
N GLN A 100 1.94 6.58 -4.24
CA GLN A 100 2.31 5.18 -4.09
C GLN A 100 2.81 4.85 -5.53
N THR A 101 4.12 4.64 -5.52
CA THR A 101 4.88 4.31 -6.69
C THR A 101 5.44 2.91 -6.67
N TYR A 102 4.71 2.12 -7.46
CA TYR A 102 5.19 0.73 -7.51
C TYR A 102 6.45 0.76 -8.39
N THR A 103 7.58 0.74 -7.68
CA THR A 103 8.88 0.78 -8.36
C THR A 103 9.15 -0.67 -8.71
N TYR A 104 8.80 -0.88 -10.00
CA TYR A 104 8.97 -2.20 -10.57
C TYR A 104 9.87 -2.32 -11.76
N GLU A 105 10.92 -3.12 -11.58
CA GLU A 105 11.92 -3.38 -12.60
C GLU A 105 12.52 -2.20 -13.29
N GLY A 106 12.48 -1.02 -12.64
CA GLY A 106 13.05 0.13 -13.30
C GLY A 106 12.07 1.21 -13.68
N VAL A 107 10.77 0.86 -13.48
CA VAL A 107 9.72 1.79 -13.80
C VAL A 107 9.31 2.59 -12.59
N GLU A 108 8.61 3.72 -12.84
CA GLU A 108 8.19 4.50 -11.70
C GLU A 108 6.68 4.71 -11.82
N ALA A 109 5.98 3.54 -11.86
CA ALA A 109 4.56 3.72 -11.98
C ALA A 109 3.89 4.02 -10.61
N LYS A 110 3.12 5.11 -10.69
CA LYS A 110 2.43 5.51 -9.52
C LYS A 110 0.97 5.69 -9.91
N ARG A 111 0.19 5.91 -8.84
CA ARG A 111 -1.26 6.10 -9.10
C ARG A 111 -1.52 7.34 -8.19
N ILE A 112 -2.25 8.28 -8.87
CA ILE A 112 -2.53 9.47 -8.11
C ILE A 112 -3.79 9.36 -7.25
N PHE A 113 -3.50 8.79 -6.07
CA PHE A 113 -4.52 8.58 -5.08
C PHE A 113 -4.50 9.85 -4.21
N LYS A 114 -5.42 9.84 -3.23
CA LYS A 114 -5.47 10.99 -2.36
C LYS A 114 -6.07 10.62 -0.99
N LYS A 115 -6.47 11.67 -0.28
CA LYS A 115 -7.06 11.58 1.05
C LYS A 115 -8.45 12.10 1.18
N GLU A 116 -8.59 13.12 2.05
CA GLU A 116 -9.87 13.75 2.31
C GLU A 116 -9.78 15.29 2.09
N ALA A 1 1.25 9.79 11.77
CA ALA A 1 -0.15 10.07 12.05
C ALA A 1 -0.98 9.94 10.77
N PHE A 2 -0.93 8.66 10.29
CA PHE A 2 -1.66 8.33 9.07
C PHE A 2 -3.09 7.95 9.49
N ASP A 3 -3.28 7.91 10.84
CA ASP A 3 -4.59 7.55 11.30
C ASP A 3 -5.75 8.38 10.77
N GLY A 4 -6.51 7.79 9.83
CA GLY A 4 -7.64 8.63 9.36
C GLY A 4 -8.07 7.98 8.06
N THR A 5 -9.31 8.20 7.57
CA THR A 5 -9.50 7.47 6.33
C THR A 5 -8.84 8.24 5.18
N TRP A 6 -8.63 7.55 4.05
CA TRP A 6 -8.02 8.07 2.85
C TRP A 6 -8.85 7.69 1.61
N LYS A 7 -8.70 8.32 0.47
CA LYS A 7 -9.43 7.98 -0.71
C LYS A 7 -10.96 7.82 -0.60
N VAL A 8 -11.36 7.54 -1.83
CA VAL A 8 -12.70 7.18 -2.26
C VAL A 8 -13.68 6.97 -1.16
N ASP A 9 -14.47 8.07 -1.00
CA ASP A 9 -15.50 8.08 0.02
C ASP A 9 -16.49 9.21 -0.33
N ARG A 10 -17.59 8.79 -0.98
CA ARG A 10 -18.58 9.77 -1.35
C ARG A 10 -19.78 9.13 -2.06
N ASN A 11 -20.95 9.76 -1.82
CA ASN A 11 -22.19 9.28 -2.43
C ASN A 11 -22.62 7.95 -1.78
N GLU A 12 -23.93 7.69 -1.89
CA GLU A 12 -24.51 6.47 -1.34
C GLU A 12 -24.81 5.52 -2.52
N ASN A 13 -23.82 4.65 -2.81
CA ASN A 13 -23.91 3.68 -3.89
C ASN A 13 -24.47 2.37 -3.35
N TYR A 14 -25.43 1.86 -4.13
CA TYR A 14 -26.05 0.60 -3.74
C TYR A 14 -25.18 -0.51 -4.35
N SER A 15 -24.25 -0.09 -5.25
CA SER A 15 -23.41 -1.11 -5.85
C SER A 15 -22.20 -0.38 -6.44
N GLY A 16 -21.04 -1.02 -6.32
CA GLY A 16 -19.85 -0.39 -6.86
C GLY A 16 -19.12 -1.33 -7.81
N ALA A 17 -19.93 -2.33 -8.26
CA ALA A 17 -19.35 -3.31 -9.20
C ALA A 17 -18.26 -4.03 -8.44
N HIS A 18 -18.32 -3.92 -7.11
CA HIS A 18 -17.33 -4.58 -6.28
C HIS A 18 -15.90 -4.12 -6.61
N ASP A 19 -15.72 -2.78 -6.47
CA ASP A 19 -14.43 -2.19 -6.74
C ASP A 19 -13.76 -1.73 -5.41
N ASN A 20 -14.56 -0.92 -4.71
CA ASN A 20 -14.25 -0.33 -3.43
C ASN A 20 -12.80 -0.49 -2.97
N LEU A 21 -12.18 0.70 -2.97
CA LEU A 21 -10.76 0.79 -2.55
C LEU A 21 -10.76 2.11 -1.73
N LYS A 22 -10.00 2.04 -0.65
CA LYS A 22 -9.82 3.11 0.28
C LYS A 22 -8.53 2.73 1.06
N LEU A 23 -8.00 3.87 1.48
CA LEU A 23 -6.76 3.77 2.25
C LEU A 23 -7.34 4.30 3.62
N THR A 24 -6.53 4.28 4.64
CA THR A 24 -6.95 4.75 5.95
C THR A 24 -5.65 4.78 6.79
N ILE A 25 -5.37 3.57 7.20
CA ILE A 25 -4.20 3.34 8.01
C ILE A 25 -4.43 3.82 9.43
N THR A 26 -3.78 3.22 10.41
CA THR A 26 -3.97 3.65 11.76
C THR A 26 -2.84 3.01 12.61
N GLN A 27 -1.68 3.62 12.31
CA GLN A 27 -0.55 3.12 13.04
C GLN A 27 -0.77 2.99 14.56
N GLU A 28 -0.50 1.73 14.99
CA GLU A 28 -0.66 1.43 16.43
C GLU A 28 0.72 1.79 17.01
N GLY A 29 1.44 0.77 17.49
CA GLY A 29 2.74 1.16 18.03
C GLY A 29 3.70 0.46 17.02
N ASN A 30 4.19 1.32 16.12
CA ASN A 30 5.08 0.88 15.10
C ASN A 30 4.43 -0.27 14.31
N LYS A 31 3.15 -0.08 14.00
CA LYS A 31 2.63 -1.22 13.24
C LYS A 31 1.47 -0.50 12.51
N PHE A 32 1.54 -0.45 11.20
CA PHE A 32 0.40 0.25 10.55
C PHE A 32 0.02 -0.85 9.55
N THR A 33 -1.14 -0.53 8.99
CA THR A 33 -1.64 -1.48 8.01
C THR A 33 -2.17 -0.54 6.98
N VAL A 34 -1.84 -0.78 5.73
CA VAL A 34 -2.39 0.20 4.76
C VAL A 34 -3.68 -0.50 4.40
N LYS A 35 -4.69 0.42 4.41
CA LYS A 35 -6.02 0.05 4.12
C LYS A 35 -6.38 -0.35 2.70
N GLU A 36 -5.35 -0.07 1.86
CA GLU A 36 -5.32 -0.30 0.45
C GLU A 36 -6.10 -1.57 0.10
N SER A 37 -7.43 -1.38 -0.04
CA SER A 37 -8.22 -2.56 -0.35
C SER A 37 -8.12 -2.80 -1.82
N SER A 38 -7.85 -4.08 -2.20
CA SER A 38 -7.76 -4.27 -3.64
C SER A 38 -9.12 -4.49 -4.27
N ASN A 39 -9.05 -5.23 -5.38
CA ASN A 39 -10.29 -5.51 -6.08
C ASN A 39 -10.65 -6.97 -5.89
N PHE A 40 -9.72 -7.56 -5.12
CA PHE A 40 -9.86 -8.94 -4.81
C PHE A 40 -10.85 -9.01 -3.62
N ARG A 41 -10.41 -8.27 -2.61
CA ARG A 41 -11.08 -8.11 -1.34
C ARG A 41 -10.37 -7.11 -0.44
N ASN A 42 -10.82 -6.93 0.80
CA ASN A 42 -10.06 -5.95 1.60
C ASN A 42 -8.99 -6.84 2.25
N ILE A 43 -7.78 -6.37 1.99
CA ILE A 43 -6.67 -7.18 2.55
C ILE A 43 -5.58 -6.28 3.04
N ASP A 44 -5.63 -6.28 4.41
CA ASP A 44 -4.67 -5.48 5.11
C ASP A 44 -3.28 -6.04 4.89
N VAL A 45 -2.47 -5.10 4.41
CA VAL A 45 -1.08 -5.54 4.15
C VAL A 45 -0.43 -5.20 5.51
N VAL A 46 -0.87 -5.87 6.58
CA VAL A 46 -0.19 -5.45 7.78
C VAL A 46 1.26 -5.89 7.92
N PHE A 47 1.91 -5.14 8.80
CA PHE A 47 3.31 -5.43 9.05
C PHE A 47 3.82 -4.56 10.18
N GLU A 48 5.14 -4.28 10.28
CA GLU A 48 5.53 -3.43 11.38
C GLU A 48 6.44 -2.29 10.82
N LEU A 49 6.83 -1.44 11.75
CA LEU A 49 7.69 -0.31 11.40
C LEU A 49 9.12 -0.63 11.76
N GLY A 50 9.79 -1.11 10.73
CA GLY A 50 11.20 -1.50 10.81
C GLY A 50 11.16 -3.01 11.13
N VAL A 51 10.43 -3.75 10.32
CA VAL A 51 10.29 -5.18 10.46
C VAL A 51 10.26 -5.88 9.11
N ASP A 52 11.23 -6.83 9.03
CA ASP A 52 11.29 -7.56 7.76
C ASP A 52 10.26 -8.70 7.83
N PHE A 53 9.96 -9.11 6.58
CA PHE A 53 9.00 -10.17 6.46
C PHE A 53 8.72 -10.67 5.07
N ALA A 54 7.87 -11.69 4.95
CA ALA A 54 7.53 -12.24 3.63
C ALA A 54 5.99 -12.30 3.69
N TYR A 55 5.34 -11.86 2.63
CA TYR A 55 3.89 -11.89 2.66
C TYR A 55 3.26 -12.65 1.52
N SER A 56 2.02 -12.24 1.23
CA SER A 56 1.38 -12.96 0.12
C SER A 56 0.07 -12.19 -0.10
N LEU A 57 0.19 -11.19 -0.96
CA LEU A 57 -0.95 -10.35 -1.30
C LEU A 57 -1.80 -11.01 -2.38
N ALA A 58 -2.97 -10.48 -2.66
CA ALA A 58 -3.79 -11.09 -3.70
C ALA A 58 -3.97 -12.58 -3.52
N ASP A 59 -3.97 -13.37 -4.63
CA ASP A 59 -4.12 -14.83 -4.48
C ASP A 59 -3.04 -15.38 -3.58
N GLY A 60 -1.89 -14.67 -3.53
CA GLY A 60 -0.78 -15.07 -2.71
C GLY A 60 0.55 -14.78 -3.46
N THR A 61 0.80 -13.49 -3.51
CA THR A 61 2.00 -12.97 -4.14
C THR A 61 3.19 -13.27 -3.20
N GLU A 62 4.08 -12.31 -2.95
CA GLU A 62 5.15 -12.76 -2.04
C GLU A 62 5.49 -11.49 -1.23
N LEU A 63 5.95 -10.54 -2.07
CA LEU A 63 6.34 -9.25 -1.54
C LEU A 63 7.13 -9.40 -0.25
N THR A 64 8.35 -9.90 -0.39
CA THR A 64 9.29 -10.14 0.67
C THR A 64 10.11 -8.86 0.91
N GLY A 65 9.93 -8.35 2.15
CA GLY A 65 10.73 -7.14 2.31
C GLY A 65 10.43 -6.57 3.70
N THR A 66 10.32 -5.23 3.70
CA THR A 66 10.03 -4.56 4.95
C THR A 66 9.76 -3.07 4.88
N TRP A 67 9.23 -2.45 5.96
CA TRP A 67 9.00 -1.00 5.92
C TRP A 67 9.83 -0.46 7.12
N THR A 68 10.30 0.73 6.78
CA THR A 68 11.13 1.58 7.61
C THR A 68 10.67 3.04 7.55
N MET A 69 9.37 3.06 7.39
CA MET A 69 8.54 4.25 7.29
C MET A 69 9.15 5.35 8.14
N GLU A 70 9.19 6.52 7.46
CA GLU A 70 9.76 7.70 8.11
C GLU A 70 8.93 8.92 7.71
N GLY A 71 8.76 9.73 8.75
CA GLY A 71 8.03 10.95 8.64
C GLY A 71 6.93 10.85 7.58
N ASN A 72 7.38 11.42 6.44
CA ASN A 72 6.53 11.46 5.25
C ASN A 72 7.16 10.71 4.06
N LYS A 73 7.46 9.42 4.31
CA LYS A 73 8.05 8.60 3.26
C LYS A 73 7.61 7.15 3.41
N LEU A 74 8.09 6.33 2.50
CA LEU A 74 7.70 4.93 2.59
C LEU A 74 8.78 3.99 2.12
N VAL A 75 9.97 4.36 2.67
CA VAL A 75 11.14 3.60 2.36
C VAL A 75 11.21 2.25 3.08
N GLY A 76 11.49 1.34 2.16
CA GLY A 76 11.62 -0.08 2.43
C GLY A 76 11.33 -0.76 1.05
N LYS A 77 10.64 -1.90 1.14
CA LYS A 77 10.36 -2.59 -0.10
C LYS A 77 9.78 -3.99 0.17
N PHE A 78 9.31 -4.49 -0.98
CA PHE A 78 8.74 -5.82 -1.13
C PHE A 78 9.09 -6.14 -2.59
N LYS A 79 9.09 -7.48 -2.73
CA LYS A 79 9.37 -8.16 -3.95
C LYS A 79 8.74 -9.55 -3.99
N ARG A 80 8.15 -9.83 -5.15
CA ARG A 80 7.52 -11.13 -5.33
C ARG A 80 8.44 -11.96 -6.27
N VAL A 81 9.71 -11.85 -5.85
CA VAL A 81 10.85 -12.46 -6.44
C VAL A 81 10.58 -13.43 -7.59
N ASP A 82 9.70 -14.38 -7.31
CA ASP A 82 9.32 -15.38 -8.27
C ASP A 82 9.17 -14.82 -9.67
N ASN A 83 8.79 -13.54 -9.77
CA ASN A 83 8.62 -12.99 -11.08
C ASN A 83 8.06 -11.56 -11.09
N GLY A 84 7.38 -11.15 -10.03
CA GLY A 84 6.87 -9.77 -10.10
C GLY A 84 8.17 -8.95 -10.01
N LYS A 85 8.84 -9.37 -8.93
CA LYS A 85 10.10 -8.76 -8.65
C LYS A 85 10.16 -7.30 -8.28
N GLU A 86 10.32 -7.02 -6.98
CA GLU A 86 10.43 -5.67 -6.55
C GLU A 86 9.17 -4.81 -6.54
N LEU A 87 8.23 -5.23 -5.73
CA LEU A 87 6.98 -4.46 -5.62
C LEU A 87 7.06 -3.58 -4.39
N ILE A 88 8.07 -2.74 -4.57
CA ILE A 88 8.41 -1.76 -3.55
C ILE A 88 7.24 -0.74 -3.59
N ALA A 89 7.41 0.32 -2.82
CA ALA A 89 6.41 1.38 -2.73
C ALA A 89 7.16 2.62 -2.36
N VAL A 90 8.15 2.83 -3.24
CA VAL A 90 8.97 3.98 -3.03
C VAL A 90 7.96 5.14 -3.06
N ARG A 91 7.86 5.76 -1.87
CA ARG A 91 6.94 6.84 -1.86
C ARG A 91 7.12 7.77 -0.70
N GLU A 92 6.49 8.92 -1.00
CA GLU A 92 6.53 9.97 -0.01
C GLU A 92 5.40 10.93 -0.41
N ILE A 93 4.33 10.75 0.33
CA ILE A 93 3.08 11.50 0.22
C ILE A 93 3.11 12.46 -0.98
N SER A 94 3.02 11.81 -2.13
CA SER A 94 3.04 12.49 -3.39
C SER A 94 2.84 13.99 -3.36
N GLY A 95 1.77 14.43 -2.71
CA GLY A 95 1.53 15.88 -2.65
C GLY A 95 0.97 16.11 -1.23
N ASN A 96 -0.38 15.95 -1.33
CA ASN A 96 -1.20 16.11 -0.15
C ASN A 96 -2.01 14.77 -0.08
N GLU A 97 -1.41 13.83 -0.83
CA GLU A 97 -1.93 12.48 -0.96
C GLU A 97 -0.73 11.58 -1.28
N LEU A 98 -1.09 10.28 -1.19
CA LEU A 98 -0.18 9.20 -1.43
C LEU A 98 -0.53 8.50 -2.76
N ILE A 99 0.58 8.17 -3.44
CA ILE A 99 0.47 7.51 -4.71
C ILE A 99 0.80 6.02 -4.43
N GLN A 100 2.09 5.71 -4.32
CA GLN A 100 2.58 4.38 -4.07
C GLN A 100 3.15 3.89 -5.42
N THR A 101 4.38 4.40 -5.54
CA THR A 101 5.21 4.15 -6.67
C THR A 101 5.99 2.84 -6.54
N TYR A 102 5.34 1.85 -7.17
CA TYR A 102 6.09 0.58 -7.04
C TYR A 102 7.37 0.79 -7.86
N THR A 103 8.42 0.08 -7.35
CA THR A 103 9.69 0.19 -8.04
C THR A 103 10.08 -1.18 -8.53
N TYR A 104 9.28 -1.52 -9.57
CA TYR A 104 9.47 -2.80 -10.21
C TYR A 104 10.48 -2.69 -11.32
N GLU A 105 11.63 -3.28 -11.03
CA GLU A 105 12.79 -3.36 -11.88
C GLU A 105 12.60 -3.07 -13.35
N GLY A 106 12.91 -1.80 -13.70
CA GLY A 106 12.75 -1.42 -15.06
C GLY A 106 11.45 -0.69 -15.34
N VAL A 107 10.60 -0.46 -14.30
CA VAL A 107 9.37 0.22 -14.56
C VAL A 107 8.84 0.87 -13.28
N GLU A 108 9.01 2.23 -13.24
CA GLU A 108 8.55 2.97 -12.08
C GLU A 108 7.09 3.36 -12.31
N ALA A 109 6.17 2.39 -12.07
CA ALA A 109 4.79 2.74 -12.28
C ALA A 109 4.17 3.20 -10.93
N LYS A 110 3.23 4.12 -11.12
CA LYS A 110 2.55 4.66 -10.00
C LYS A 110 1.06 4.38 -10.08
N ARG A 111 0.49 4.57 -8.88
CA ARG A 111 -0.95 4.35 -8.77
C ARG A 111 -1.41 5.65 -8.07
N ILE A 112 -2.50 6.20 -8.65
CA ILE A 112 -2.98 7.42 -8.07
C ILE A 112 -4.10 7.17 -7.04
N PHE A 113 -3.65 7.53 -5.85
CA PHE A 113 -4.46 7.40 -4.69
C PHE A 113 -4.37 8.80 -4.02
N LYS A 114 -5.21 8.86 -2.97
CA LYS A 114 -5.26 10.09 -2.22
C LYS A 114 -5.93 9.88 -0.84
N LYS A 115 -6.27 11.04 -0.27
CA LYS A 115 -6.93 11.22 0.99
C LYS A 115 -8.28 11.89 0.81
N GLU A 116 -9.21 11.42 1.65
CA GLU A 116 -10.55 11.90 1.64
C GLU A 116 -11.35 11.42 2.88
N ALA A 1 1.27 10.64 10.95
CA ALA A 1 -0.15 10.53 11.23
C ALA A 1 -0.90 10.06 9.96
N PHE A 2 -0.95 8.73 9.82
CA PHE A 2 -1.64 8.19 8.64
C PHE A 2 -3.11 7.96 9.09
N ASP A 3 -3.24 7.82 10.43
CA ASP A 3 -4.56 7.60 10.95
C ASP A 3 -5.67 8.42 10.32
N GLY A 4 -6.37 7.78 9.37
CA GLY A 4 -7.44 8.59 8.76
C GLY A 4 -7.80 7.90 7.48
N THR A 5 -9.08 7.84 7.05
CA THR A 5 -9.28 7.16 5.79
C THR A 5 -8.64 7.99 4.69
N TRP A 6 -8.44 7.37 3.53
CA TRP A 6 -7.85 7.94 2.37
C TRP A 6 -8.52 7.49 1.06
N LYS A 7 -8.78 8.40 0.14
CA LYS A 7 -9.32 8.15 -1.15
C LYS A 7 -10.70 7.46 -1.25
N VAL A 8 -10.97 7.39 -2.54
CA VAL A 8 -12.08 6.75 -3.18
C VAL A 8 -13.29 6.38 -2.41
N ASP A 9 -14.29 7.31 -2.56
CA ASP A 9 -15.56 7.17 -1.91
C ASP A 9 -16.67 7.14 -3.01
N ARG A 10 -16.58 8.09 -3.94
CA ARG A 10 -17.51 8.24 -5.03
C ARG A 10 -18.12 6.96 -5.55
N ASN A 11 -19.23 6.60 -4.82
CA ASN A 11 -19.92 5.40 -5.21
C ASN A 11 -20.56 5.60 -6.58
N GLU A 12 -20.30 4.63 -7.48
CA GLU A 12 -20.86 4.71 -8.82
C GLU A 12 -22.21 4.01 -8.91
N ASN A 13 -22.88 3.84 -7.76
CA ASN A 13 -24.19 3.18 -7.73
C ASN A 13 -23.92 1.72 -8.13
N TYR A 14 -22.71 1.37 -7.67
CA TYR A 14 -22.15 0.04 -7.89
C TYR A 14 -21.76 -0.10 -9.37
N SER A 15 -20.54 -0.67 -9.55
CA SER A 15 -20.07 -0.86 -10.90
C SER A 15 -19.67 -2.32 -11.08
N GLY A 16 -20.02 -3.13 -10.09
CA GLY A 16 -19.66 -4.52 -10.25
C GLY A 16 -18.49 -4.94 -9.33
N ALA A 17 -17.26 -4.74 -9.84
CA ALA A 17 -16.11 -5.12 -8.99
C ALA A 17 -14.89 -4.37 -9.45
N HIS A 18 -15.08 -3.14 -9.95
CA HIS A 18 -13.94 -2.36 -10.42
C HIS A 18 -13.89 -1.03 -9.63
N ASP A 19 -12.67 -0.47 -9.60
CA ASP A 19 -12.39 0.78 -8.90
C ASP A 19 -12.97 0.84 -7.49
N ASN A 20 -12.21 0.24 -6.57
CA ASN A 20 -12.58 0.18 -5.16
C ASN A 20 -11.32 -0.20 -4.35
N LEU A 21 -10.94 0.79 -3.53
CA LEU A 21 -9.75 0.56 -2.72
C LEU A 21 -9.93 1.42 -1.43
N LYS A 22 -9.29 2.57 -1.53
CA LYS A 22 -9.20 3.60 -0.54
C LYS A 22 -8.04 3.08 0.37
N LEU A 23 -7.45 4.07 1.01
CA LEU A 23 -6.35 3.71 1.90
C LEU A 23 -6.94 4.21 3.23
N THR A 24 -6.31 3.97 4.35
CA THR A 24 -6.80 4.40 5.67
C THR A 24 -5.59 4.50 6.61
N ILE A 25 -5.26 3.28 7.01
CA ILE A 25 -4.14 3.14 7.92
C ILE A 25 -4.29 3.82 9.25
N THR A 26 -4.66 3.01 10.25
CA THR A 26 -4.83 3.62 11.54
C THR A 26 -4.40 2.59 12.59
N GLN A 27 -3.04 2.53 12.68
CA GLN A 27 -2.54 1.56 13.65
C GLN A 27 -2.36 2.24 15.00
N GLU A 28 -1.11 2.38 15.43
CA GLU A 28 -0.94 3.04 16.74
C GLU A 28 -0.04 4.23 16.38
N GLY A 29 0.27 4.42 15.09
CA GLY A 29 1.13 5.56 14.79
C GLY A 29 2.54 4.92 14.55
N ASN A 30 2.61 3.68 15.02
CA ASN A 30 3.83 2.92 14.91
C ASN A 30 3.60 1.70 13.99
N LYS A 31 2.45 1.04 14.04
CA LYS A 31 2.34 -0.08 13.11
C LYS A 31 1.45 0.61 12.04
N PHE A 32 0.93 -0.10 11.08
CA PHE A 32 0.10 0.62 10.12
C PHE A 32 -0.26 -0.59 9.22
N THR A 33 -1.58 -0.63 9.14
CA THR A 33 -2.12 -1.73 8.31
C THR A 33 -2.50 -0.88 7.10
N VAL A 34 -1.81 -1.09 6.02
CA VAL A 34 -2.27 -0.24 4.92
C VAL A 34 -3.56 -0.84 4.45
N LYS A 35 -4.37 0.17 4.04
CA LYS A 35 -5.68 -0.19 3.54
C LYS A 35 -5.69 -0.49 2.06
N GLU A 36 -4.80 -1.46 1.75
CA GLU A 36 -4.65 -1.90 0.38
C GLU A 36 -5.87 -2.73 0.02
N SER A 37 -7.03 -2.08 -0.07
CA SER A 37 -8.20 -2.88 -0.41
C SER A 37 -8.18 -3.12 -1.89
N SER A 38 -8.40 -4.40 -2.25
CA SER A 38 -8.39 -4.65 -3.69
C SER A 38 -9.53 -5.57 -4.09
N ASN A 39 -9.38 -6.14 -5.31
CA ASN A 39 -10.40 -7.07 -5.82
C ASN A 39 -9.88 -8.48 -5.59
N PHE A 40 -9.65 -8.62 -4.25
CA PHE A 40 -9.14 -9.90 -3.82
C PHE A 40 -9.97 -10.31 -2.58
N ARG A 41 -9.69 -9.60 -1.50
CA ARG A 41 -10.29 -9.74 -0.21
C ARG A 41 -10.25 -8.50 0.70
N ASN A 42 -9.85 -7.37 0.14
CA ASN A 42 -9.77 -6.16 0.93
C ASN A 42 -8.52 -6.23 1.83
N ILE A 43 -7.82 -7.28 1.48
CA ILE A 43 -6.54 -7.63 2.10
C ILE A 43 -5.85 -6.40 2.62
N ASP A 44 -5.31 -6.71 3.84
CA ASP A 44 -4.58 -5.71 4.59
C ASP A 44 -3.12 -6.11 4.67
N VAL A 45 -2.33 -5.08 4.46
CA VAL A 45 -0.88 -5.31 4.50
C VAL A 45 -0.43 -4.65 5.83
N VAL A 46 -0.10 -5.54 6.77
CA VAL A 46 0.32 -4.89 8.00
C VAL A 46 1.77 -5.01 8.35
N PHE A 47 2.09 -4.16 9.36
CA PHE A 47 3.47 -4.22 9.74
C PHE A 47 3.76 -3.37 10.96
N GLU A 48 5.04 -3.31 11.40
CA GLU A 48 5.28 -2.51 12.55
C GLU A 48 6.56 -1.62 12.48
N LEU A 49 6.68 -1.12 11.25
CA LEU A 49 7.78 -0.25 10.90
C LEU A 49 9.16 -0.87 10.98
N GLY A 50 9.75 -0.97 9.80
CA GLY A 50 11.09 -1.54 9.66
C GLY A 50 10.92 -3.02 10.09
N VAL A 51 9.84 -3.61 9.57
CA VAL A 51 9.51 -4.98 9.84
C VAL A 51 9.56 -5.90 8.65
N ASP A 52 10.78 -6.47 8.57
CA ASP A 52 10.94 -7.38 7.45
C ASP A 52 10.29 -8.76 7.73
N PHE A 53 9.92 -9.31 6.54
CA PHE A 53 9.31 -10.58 6.62
C PHE A 53 9.00 -11.26 5.28
N ALA A 54 8.33 -12.41 5.27
CA ALA A 54 8.01 -13.09 4.02
C ALA A 54 6.47 -13.33 4.15
N TYR A 55 5.73 -12.43 3.55
CA TYR A 55 4.28 -12.59 3.66
C TYR A 55 3.64 -13.08 2.36
N SER A 56 2.83 -14.11 2.58
CA SER A 56 2.20 -14.61 1.36
C SER A 56 0.86 -13.86 1.25
N LEU A 57 0.98 -12.56 0.94
CA LEU A 57 -0.17 -11.68 0.78
C LEU A 57 -1.37 -12.36 0.15
N ALA A 58 -1.41 -12.41 -1.19
CA ALA A 58 -2.53 -13.05 -1.86
C ALA A 58 -2.21 -14.55 -2.03
N ASP A 59 -2.50 -15.12 -3.21
CA ASP A 59 -2.22 -16.55 -3.44
C ASP A 59 -1.02 -16.70 -4.35
N GLY A 60 0.09 -16.10 -3.87
CA GLY A 60 1.33 -16.14 -4.61
C GLY A 60 2.23 -15.06 -3.93
N THR A 61 1.97 -13.82 -4.32
CA THR A 61 2.65 -12.63 -3.85
C THR A 61 4.04 -13.00 -3.31
N GLU A 62 4.13 -13.22 -2.01
CA GLU A 62 5.42 -13.59 -1.42
C GLU A 62 6.30 -12.34 -1.36
N LEU A 63 5.53 -11.24 -1.24
CA LEU A 63 6.14 -9.95 -1.15
C LEU A 63 6.98 -9.91 0.14
N THR A 64 8.25 -10.28 -0.10
CA THR A 64 9.29 -10.35 0.88
C THR A 64 9.99 -9.00 0.98
N GLY A 65 9.59 -8.26 2.00
CA GLY A 65 10.27 -6.97 2.09
C GLY A 65 10.07 -6.48 3.53
N THR A 66 10.09 -5.16 3.63
CA THR A 66 9.93 -4.42 4.87
C THR A 66 9.61 -2.97 4.70
N TRP A 67 8.44 -2.46 5.17
CA TRP A 67 8.12 -1.04 4.99
C TRP A 67 8.54 -0.33 6.28
N THR A 68 9.37 0.65 5.95
CA THR A 68 9.99 1.59 6.89
C THR A 68 9.44 3.00 6.62
N MET A 69 8.41 3.25 7.44
CA MET A 69 7.69 4.51 7.41
C MET A 69 8.68 5.50 7.99
N GLU A 70 9.49 6.06 7.07
CA GLU A 70 10.47 7.02 7.55
C GLU A 70 9.95 8.42 7.41
N GLY A 71 9.16 8.75 8.43
CA GLY A 71 8.57 10.07 8.47
C GLY A 71 7.66 10.26 7.24
N ASN A 72 8.33 10.83 6.24
CA ASN A 72 7.67 11.11 4.97
C ASN A 72 8.17 10.19 3.87
N LYS A 73 8.47 8.92 4.29
CA LYS A 73 8.96 8.01 3.24
C LYS A 73 8.41 6.62 3.53
N LEU A 74 8.27 5.81 2.49
CA LEU A 74 7.74 4.49 2.71
C LEU A 74 8.48 3.37 2.03
N VAL A 75 9.80 3.67 2.08
CA VAL A 75 10.86 2.85 1.54
C VAL A 75 11.00 1.47 2.16
N GLY A 76 11.47 0.60 1.24
CA GLY A 76 11.69 -0.81 1.63
C GLY A 76 11.59 -1.55 0.27
N LYS A 77 11.13 -2.84 0.35
CA LYS A 77 11.04 -3.52 -0.91
C LYS A 77 10.57 -4.93 -0.83
N PHE A 78 9.38 -5.06 -1.46
CA PHE A 78 8.73 -6.37 -1.50
C PHE A 78 8.63 -6.64 -3.00
N LYS A 79 8.80 -7.96 -3.15
CA LYS A 79 8.75 -8.53 -4.46
C LYS A 79 7.99 -9.83 -4.58
N ARG A 80 7.38 -9.99 -5.76
CA ARG A 80 6.64 -11.23 -5.93
C ARG A 80 7.47 -12.30 -6.71
N VAL A 81 8.77 -12.08 -6.59
CA VAL A 81 9.83 -12.87 -7.18
C VAL A 81 9.34 -14.03 -8.05
N ASP A 82 8.56 -14.90 -7.44
CA ASP A 82 8.02 -16.05 -8.11
C ASP A 82 7.48 -15.66 -9.47
N ASN A 83 7.05 -14.37 -9.62
CA ASN A 83 6.55 -14.07 -10.93
C ASN A 83 6.08 -12.67 -11.20
N GLY A 84 5.99 -11.82 -10.19
CA GLY A 84 5.52 -10.47 -10.44
C GLY A 84 6.80 -9.60 -10.56
N LYS A 85 7.60 -9.94 -9.52
CA LYS A 85 8.88 -9.36 -9.29
C LYS A 85 8.85 -8.14 -8.42
N GLU A 86 9.74 -7.17 -8.54
CA GLU A 86 9.56 -6.09 -7.61
C GLU A 86 8.24 -5.30 -7.76
N LEU A 87 7.68 -5.14 -6.57
CA LEU A 87 6.44 -4.41 -6.29
C LEU A 87 6.64 -3.57 -5.06
N ILE A 88 7.79 -2.90 -5.22
CA ILE A 88 8.26 -1.99 -4.19
C ILE A 88 7.16 -0.92 -4.07
N ALA A 89 7.44 -0.10 -3.06
CA ALA A 89 6.54 0.98 -2.74
C ALA A 89 7.38 2.19 -2.42
N VAL A 90 8.22 2.48 -3.41
CA VAL A 90 9.05 3.64 -3.20
C VAL A 90 7.97 4.73 -2.94
N ARG A 91 7.95 5.23 -1.68
CA ARG A 91 6.87 6.17 -1.56
C ARG A 91 7.12 7.23 -0.53
N GLU A 92 6.31 8.30 -0.76
CA GLU A 92 6.45 9.41 0.15
C GLU A 92 5.20 10.29 0.07
N ILE A 93 4.79 10.66 1.28
CA ILE A 93 3.61 11.49 1.41
C ILE A 93 3.88 12.88 0.83
N SER A 94 3.02 13.25 -0.11
CA SER A 94 3.25 14.56 -0.66
C SER A 94 2.80 15.68 0.24
N GLY A 95 1.48 15.74 0.44
CA GLY A 95 1.04 16.82 1.30
C GLY A 95 -0.49 16.63 1.52
N ASN A 96 -0.62 15.66 2.43
CA ASN A 96 -1.92 15.20 2.90
C ASN A 96 -2.51 14.25 1.83
N GLU A 97 -1.54 13.63 1.14
CA GLU A 97 -1.79 12.67 0.10
C GLU A 97 -0.43 11.98 -0.26
N LEU A 98 -0.71 10.69 -0.51
CA LEU A 98 0.26 9.70 -0.88
C LEU A 98 0.19 9.32 -2.36
N ILE A 99 1.44 9.31 -2.90
CA ILE A 99 1.72 8.98 -4.25
C ILE A 99 1.57 7.45 -4.36
N GLN A 100 2.51 6.78 -3.66
CA GLN A 100 2.53 5.33 -3.66
C GLN A 100 3.07 5.02 -5.08
N THR A 101 4.39 4.88 -5.00
CA THR A 101 5.18 4.59 -6.14
C THR A 101 5.78 3.20 -6.13
N TYR A 102 5.43 2.51 -7.22
CA TYR A 102 5.96 1.16 -7.29
C TYR A 102 7.31 1.31 -8.08
N THR A 103 8.25 0.40 -7.78
CA THR A 103 9.55 0.44 -8.45
C THR A 103 9.85 -1.00 -8.86
N TYR A 104 8.99 -1.32 -9.86
CA TYR A 104 9.06 -2.66 -10.45
C TYR A 104 10.02 -2.70 -11.58
N GLU A 105 11.04 -3.57 -11.49
CA GLU A 105 12.07 -3.72 -12.51
C GLU A 105 12.72 -2.37 -12.80
N GLY A 106 12.11 -1.55 -13.70
CA GLY A 106 12.74 -0.28 -13.97
C GLY A 106 11.78 0.83 -14.38
N VAL A 107 10.60 0.78 -13.72
CA VAL A 107 9.57 1.75 -13.97
C VAL A 107 8.87 2.29 -12.72
N GLU A 108 8.43 3.56 -12.85
CA GLU A 108 7.73 4.20 -11.72
C GLU A 108 6.38 4.65 -12.28
N ALA A 109 5.33 3.88 -11.91
CA ALA A 109 4.09 4.31 -12.44
C ALA A 109 3.23 5.13 -11.42
N LYS A 110 3.45 4.68 -10.21
CA LYS A 110 2.81 5.23 -9.07
C LYS A 110 1.32 5.40 -9.32
N ARG A 111 0.99 6.46 -10.02
CA ARG A 111 -0.43 6.73 -10.30
C ARG A 111 -0.87 7.29 -8.92
N ILE A 112 -0.66 8.63 -8.91
CA ILE A 112 -1.03 9.28 -7.68
C ILE A 112 -2.53 9.24 -7.38
N PHE A 113 -2.71 9.45 -6.07
CA PHE A 113 -4.03 9.47 -5.49
C PHE A 113 -3.95 10.53 -4.37
N LYS A 114 -4.74 10.28 -3.35
CA LYS A 114 -4.74 11.23 -2.25
C LYS A 114 -5.46 10.69 -1.01
N LYS A 115 -6.19 11.61 -0.38
CA LYS A 115 -6.99 11.37 0.81
C LYS A 115 -8.37 11.96 0.66
N GLU A 116 -9.26 11.31 1.44
CA GLU A 116 -10.64 11.75 1.43
C GLU A 116 -10.80 12.84 2.51
#